data_6M58
#
_entry.id   6M58
#
_cell.length_a   68.607
_cell.length_b   103.931
_cell.length_c   161.082
_cell.angle_alpha   90.000
_cell.angle_beta   93.083
_cell.angle_gamma   90.000
#
_symmetry.space_group_name_H-M   'P 1 21 1'
#
loop_
_entity.id
_entity.type
_entity.pdbx_description
1 polymer 'Serum albumin'
2 polymer 'Heavy chain of the SL335 antibody fab'
3 polymer 'Light chain of the SL335 antibody Fab'
4 water water
#
loop_
_entity_poly.entity_id
_entity_poly.type
_entity_poly.pdbx_seq_one_letter_code
_entity_poly.pdbx_strand_id
1 'polypeptide(L)'
;DAHKSEVAHRFKDLGEENFKALVLIAFAQYLQQCPFEDHVKLVNEVTEFAKTCVADESAENCDKSLHTLFGDKLCTVATL
RETYGEMADCCAKQEPERNECFLQHKDDNPNLPRLVRPEVDVMCTAFHDNEETFLKKYLYEIARRHPYFYAPELLFFAKR
YKAAFTECCQAADKAACLLPKLDELRDEGKASSAKQRLKCASLQKFGERAFKAWAVARLSQRFPKAEFAEVSKLVTDLTK
VHTECCHGDLLECADDRADLAKYICENQDSISSKLKECCEKPLLEKSHCIAEVENDEMPADLPSLAADFVESKDVCKNYA
EAKDVFLGMFLYEYARRHPDYSVVLLLRLAKTYETTLEKCCAAADPHECYAKVFDEFKPLVEEPQNLIKQNCELFEQLGE
YKFQNALLVRYTKKVPQVSTPTLVEVSRNLGKVGSKCCKHPEAKRMPCAEDYLSVVLNQLCVLHEKTPVSDRVTKCCTES
LVNRRPCFSALEVDETYVPKEFNAETFTFHADICTLSEKERQIKKQTALVELVKHKPKATKEQLKAVMDDFAAFVEKCCK
ADDKETCFAEEGKKLVAASQAALGL
;
A,B
2 'polypeptide(L)'
;QVQLVQSGGGPVKPGGSLRLSCAASGFMFRAYSMNWVRQAPGKGLEWVSSISSSGRYIHYADSVKGRFTISRDNAKNSLY
LQMNSLRAEDTAVYYCARETVMAGKALDYWGQGTLVTVSSASTKGPSASTKGPSVFPLAPSSKSTSGGTAALGCLVKDYF
PEPVTVSWNSGALTSGVHTFPAVLQSSGLYSLSSVVTVPSSSLGTQTYICNVNHKPSNTKVDKRVEPKSS
;
H,C
3 'polypeptide(L)'
;DIVLTQSPGTLSLSPGETATLSCRASQSVGSNLAWYQQKPGQAPRLLIYGASTGATGVPARFSGSRSGTDFTLTITSLQP
EDFATYYCQQYYSFLAKTFGQGTQLEIKRTVAAPSVFIFPPSDEQLKSGTASVVCLLNNFYPREAKVQWKVDNALQSGNS
QESVTEQDSKDSTYSLSNTLTLSKADYEKHKVYACEVTHQGLSSPVTKSFNRGES
;
L,D
#
# COMPACT_ATOMS: atom_id res chain seq x y z
N SER A 5 -2.21 18.44 9.54
CA SER A 5 -1.86 19.47 8.56
C SER A 5 -2.00 18.99 7.13
N GLU A 6 -3.11 19.39 6.49
CA GLU A 6 -3.37 18.97 5.13
C GLU A 6 -2.32 19.50 4.16
N VAL A 7 -1.77 20.68 4.44
CA VAL A 7 -0.82 21.27 3.51
C VAL A 7 0.53 20.57 3.61
N ALA A 8 0.92 20.11 4.79
CA ALA A 8 2.15 19.34 4.89
C ALA A 8 1.97 17.93 4.35
N HIS A 9 0.77 17.37 4.50
CA HIS A 9 0.51 16.04 3.95
C HIS A 9 0.56 16.06 2.43
N ARG A 10 -0.12 17.04 1.81
CA ARG A 10 -0.10 17.13 0.35
C ARG A 10 1.31 17.38 -0.18
N PHE A 11 2.13 18.13 0.56
CA PHE A 11 3.46 18.45 0.07
C PHE A 11 4.38 17.23 0.12
N LYS A 12 4.25 16.41 1.17
CA LYS A 12 5.05 15.19 1.25
C LYS A 12 4.55 14.10 0.30
N ASP A 13 3.30 14.21 -0.16
CA ASP A 13 2.75 13.23 -1.08
C ASP A 13 3.27 13.45 -2.49
N LEU A 14 3.43 14.71 -2.89
CA LEU A 14 3.72 15.06 -4.28
C LEU A 14 5.17 15.35 -4.54
N GLY A 15 5.92 15.81 -3.54
CA GLY A 15 7.22 16.37 -3.80
C GLY A 15 7.12 17.84 -4.18
N GLU A 16 8.26 18.54 -4.08
CA GLU A 16 8.25 19.98 -4.30
C GLU A 16 7.80 20.34 -5.71
N GLU A 17 8.38 19.68 -6.72
CA GLU A 17 8.12 20.07 -8.11
C GLU A 17 6.65 19.95 -8.47
N ASN A 18 6.07 18.78 -8.23
CA ASN A 18 4.68 18.55 -8.62
C ASN A 18 3.73 19.37 -7.75
N PHE A 19 4.09 19.60 -6.50
CA PHE A 19 3.30 20.51 -5.66
C PHE A 19 3.35 21.92 -6.23
N LYS A 20 4.51 22.36 -6.68
CA LYS A 20 4.65 23.73 -7.19
C LYS A 20 3.91 23.90 -8.51
N ALA A 21 3.91 22.87 -9.35
CA ALA A 21 3.28 23.01 -10.67
C ALA A 21 1.76 23.17 -10.56
N LEU A 22 1.14 22.52 -9.59
CA LEU A 22 -0.31 22.61 -9.46
C LEU A 22 -0.73 23.90 -8.77
N VAL A 23 0.10 24.38 -7.84
CA VAL A 23 -0.14 25.69 -7.25
C VAL A 23 0.09 26.78 -8.28
N LEU A 24 1.08 26.59 -9.16
CA LEU A 24 1.30 27.54 -10.26
C LEU A 24 0.08 27.62 -11.17
N ILE A 25 -0.49 26.46 -11.53
CA ILE A 25 -1.68 26.45 -12.37
C ILE A 25 -2.83 27.15 -11.67
N ALA A 26 -3.04 26.82 -10.38
CA ALA A 26 -4.17 27.40 -9.65
C ALA A 26 -4.10 28.92 -9.63
N PHE A 27 -2.91 29.47 -9.44
CA PHE A 27 -2.75 30.92 -9.46
C PHE A 27 -2.97 31.46 -10.87
N ALA A 28 -2.40 30.80 -11.88
CA ALA A 28 -2.52 31.32 -13.24
C ALA A 28 -3.96 31.27 -13.73
N GLN A 29 -4.76 30.32 -13.25
CA GLN A 29 -6.15 30.25 -13.67
C GLN A 29 -7.01 31.33 -13.00
N TYR A 30 -6.62 31.77 -11.80
CA TYR A 30 -7.37 32.80 -11.09
C TYR A 30 -6.84 34.20 -11.43
N LEU A 31 -5.55 34.44 -11.16
CA LEU A 31 -4.90 35.70 -11.49
C LEU A 31 -4.32 35.63 -12.90
N GLN A 32 -5.18 35.85 -13.90
CA GLN A 32 -4.75 35.65 -15.28
C GLN A 32 -3.97 36.82 -15.86
N GLN A 33 -3.80 37.92 -15.12
CA GLN A 33 -3.10 39.09 -15.63
C GLN A 33 -1.75 39.34 -15.00
N CYS A 34 -1.48 38.80 -13.81
CA CYS A 34 -0.20 39.01 -13.15
C CYS A 34 0.93 38.33 -13.91
N PRO A 35 2.13 38.90 -13.90
CA PRO A 35 3.24 38.36 -14.68
C PRO A 35 3.75 37.04 -14.09
N PHE A 36 4.48 36.30 -14.93
CA PHE A 36 5.04 35.01 -14.53
C PHE A 36 5.87 35.13 -13.25
N GLU A 37 6.78 36.11 -13.21
CA GLU A 37 7.68 36.23 -12.06
C GLU A 37 6.93 36.51 -10.77
N ASP A 38 5.75 37.14 -10.85
CA ASP A 38 4.96 37.36 -9.66
C ASP A 38 4.23 36.10 -9.23
N HIS A 39 3.83 35.26 -10.18
CA HIS A 39 3.26 33.96 -9.85
C HIS A 39 4.30 33.06 -9.20
N VAL A 40 5.51 33.01 -9.78
CA VAL A 40 6.58 32.18 -9.22
C VAL A 40 6.82 32.52 -7.75
N LYS A 41 6.94 33.82 -7.46
CA LYS A 41 7.15 34.24 -6.07
C LYS A 41 5.95 33.89 -5.20
N LEU A 42 4.73 33.95 -5.74
CA LEU A 42 3.56 33.56 -4.98
C LEU A 42 3.57 32.06 -4.69
N VAL A 43 4.05 31.25 -5.65
CA VAL A 43 4.14 29.82 -5.43
C VAL A 43 5.23 29.50 -4.43
N ASN A 44 6.35 30.23 -4.47
CA ASN A 44 7.43 29.95 -3.54
C ASN A 44 7.03 30.26 -2.11
N GLU A 45 6.19 31.27 -1.90
CA GLU A 45 5.75 31.59 -0.55
C GLU A 45 4.85 30.48 0.00
N VAL A 46 4.01 29.89 -0.85
CA VAL A 46 3.16 28.80 -0.39
C VAL A 46 3.98 27.54 -0.21
N THR A 47 5.05 27.36 -1.01
CA THR A 47 5.92 26.21 -0.82
C THR A 47 6.77 26.37 0.42
N GLU A 48 7.32 27.58 0.63
CA GLU A 48 8.10 27.81 1.84
C GLU A 48 7.26 27.73 3.10
N PHE A 49 5.97 28.08 2.99
CA PHE A 49 5.09 27.91 4.15
C PHE A 49 4.77 26.44 4.38
N ALA A 50 4.72 25.63 3.32
CA ALA A 50 4.44 24.21 3.51
C ALA A 50 5.63 23.50 4.14
N LYS A 51 6.84 24.02 3.94
CA LYS A 51 8.01 23.41 4.55
C LYS A 51 8.11 23.73 6.04
N THR A 52 7.50 24.83 6.50
CA THR A 52 7.48 25.09 7.92
C THR A 52 6.43 24.24 8.64
N CYS A 53 5.37 23.84 7.93
CA CYS A 53 4.40 22.93 8.52
C CYS A 53 4.92 21.50 8.60
N VAL A 54 5.79 21.12 7.67
CA VAL A 54 6.46 19.82 7.80
C VAL A 54 7.33 19.80 9.05
N ALA A 55 8.05 20.90 9.31
CA ALA A 55 8.91 20.97 10.49
C ALA A 55 8.10 20.95 11.77
N ASP A 56 7.01 21.72 11.83
CA ASP A 56 6.18 21.82 13.05
C ASP A 56 4.72 21.92 12.62
N GLU A 57 4.04 20.76 12.57
CA GLU A 57 2.63 20.74 12.16
C GLU A 57 1.72 21.55 13.08
N SER A 58 2.25 22.10 14.18
CA SER A 58 1.46 22.90 15.11
C SER A 58 1.79 24.39 14.99
N ALA A 59 2.12 24.84 13.79
CA ALA A 59 2.55 26.22 13.56
C ALA A 59 1.34 27.12 13.33
N GLU A 60 1.56 28.29 12.71
CA GLU A 60 0.56 29.35 12.71
C GLU A 60 -0.74 28.93 12.05
N ASN A 61 -0.68 28.44 10.82
CA ASN A 61 -1.90 28.12 10.08
C ASN A 61 -1.90 26.72 9.51
N CYS A 62 -1.01 25.85 9.99
CA CYS A 62 -0.90 24.51 9.43
C CYS A 62 -2.15 23.67 9.65
N ASP A 63 -3.10 24.14 10.46
CA ASP A 63 -4.36 23.42 10.63
C ASP A 63 -5.45 23.87 9.66
N LYS A 64 -5.23 24.97 8.93
CA LYS A 64 -6.19 25.42 7.94
C LYS A 64 -6.05 24.60 6.67
N SER A 65 -7.16 24.50 5.93
CA SER A 65 -7.15 23.75 4.67
C SER A 65 -6.38 24.53 3.61
N LEU A 66 -5.78 23.77 2.68
CA LEU A 66 -4.99 24.42 1.64
C LEU A 66 -5.88 25.27 0.74
N HIS A 67 -7.13 24.85 0.52
CA HIS A 67 -8.05 25.69 -0.23
C HIS A 67 -8.24 27.05 0.44
N THR A 68 -8.33 27.07 1.76
CA THR A 68 -8.48 28.33 2.49
C THR A 68 -7.22 29.17 2.42
N LEU A 69 -6.05 28.54 2.58
CA LEU A 69 -4.79 29.29 2.51
C LEU A 69 -4.55 29.87 1.13
N PHE A 70 -5.11 29.25 0.09
CA PHE A 70 -4.95 29.78 -1.26
C PHE A 70 -5.67 31.11 -1.42
N GLY A 71 -6.93 31.18 -0.97
CA GLY A 71 -7.63 32.45 -0.98
C GLY A 71 -6.99 33.46 -0.03
N ASP A 72 -6.46 32.98 1.10
CA ASP A 72 -5.69 33.85 1.98
C ASP A 72 -4.52 34.48 1.26
N LYS A 73 -3.80 33.69 0.46
CA LYS A 73 -2.73 34.23 -0.36
C LYS A 73 -3.27 34.98 -1.57
N LEU A 74 -4.50 34.67 -1.99
CA LEU A 74 -5.09 35.35 -3.14
C LEU A 74 -5.38 36.82 -2.82
N CYS A 75 -5.94 37.07 -1.63
CA CYS A 75 -6.37 38.41 -1.28
C CYS A 75 -5.21 39.40 -1.25
N THR A 76 -4.03 38.95 -0.83
CA THR A 76 -2.85 39.82 -0.85
C THR A 76 -2.32 40.02 -2.27
N GLN A 94 -16.20 35.99 3.05
CA GLN A 94 -15.89 34.76 3.79
C GLN A 94 -16.25 33.52 2.98
N GLU A 95 -15.92 32.35 3.54
CA GLU A 95 -16.07 31.02 2.93
C GLU A 95 -17.38 30.38 3.39
N PRO A 96 -18.11 29.69 2.49
CA PRO A 96 -17.66 29.29 1.16
C PRO A 96 -17.99 30.31 0.06
N GLU A 97 -18.49 31.48 0.46
CA GLU A 97 -18.79 32.53 -0.52
C GLU A 97 -17.53 33.12 -1.12
N ARG A 98 -16.41 33.05 -0.39
CA ARG A 98 -15.14 33.57 -0.89
C ARG A 98 -14.76 32.95 -2.24
N ASN A 99 -14.66 31.62 -2.30
CA ASN A 99 -14.34 30.96 -3.56
C ASN A 99 -15.43 31.22 -4.61
N GLU A 100 -16.70 31.15 -4.21
CA GLU A 100 -17.78 31.40 -5.16
C GLU A 100 -17.66 32.78 -5.78
N CYS A 101 -17.25 33.78 -4.99
CA CYS A 101 -17.00 35.11 -5.53
C CYS A 101 -15.75 35.10 -6.40
N PHE A 102 -14.73 34.33 -6.02
CA PHE A 102 -13.52 34.24 -6.82
C PHE A 102 -13.82 33.69 -8.20
N LEU A 103 -14.75 32.74 -8.28
CA LEU A 103 -15.02 32.03 -9.52
C LEU A 103 -15.70 32.90 -10.56
N GLN A 104 -16.39 33.97 -10.13
CA GLN A 104 -17.06 34.85 -11.07
C GLN A 104 -16.07 35.67 -11.89
N HIS A 105 -14.82 35.79 -11.44
CA HIS A 105 -13.80 36.58 -12.12
C HIS A 105 -12.74 35.71 -12.78
N LYS A 106 -13.17 34.61 -13.41
CA LYS A 106 -12.32 33.80 -14.28
C LYS A 106 -12.68 34.13 -15.71
N ASP A 107 -11.73 34.69 -16.45
CA ASP A 107 -12.00 35.27 -17.75
C ASP A 107 -11.83 34.23 -18.85
N ASP A 108 -12.92 33.95 -19.57
CA ASP A 108 -12.89 33.02 -20.68
C ASP A 108 -12.32 33.64 -21.94
N ASN A 109 -12.37 34.98 -22.05
CA ASN A 109 -11.81 35.71 -23.19
C ASN A 109 -10.84 36.76 -22.64
N PRO A 110 -9.70 36.33 -22.09
CA PRO A 110 -8.78 37.28 -21.48
C PRO A 110 -8.13 38.19 -22.51
N ASN A 111 -7.92 39.44 -22.13
CA ASN A 111 -7.27 40.42 -23.00
C ASN A 111 -5.74 40.28 -22.87
N LEU A 112 -5.24 39.21 -23.46
CA LEU A 112 -3.82 38.89 -23.44
C LEU A 112 -3.28 38.81 -24.86
N PRO A 113 -1.96 39.00 -25.04
CA PRO A 113 -1.39 38.95 -26.38
C PRO A 113 -1.55 37.56 -26.98
N ARG A 114 -1.54 37.50 -28.30
CA ARG A 114 -1.53 36.21 -28.97
C ARG A 114 -0.20 35.51 -28.69
N LEU A 115 -0.26 34.23 -28.33
CA LEU A 115 0.97 33.51 -28.04
C LEU A 115 1.77 33.25 -29.32
N VAL A 116 2.70 34.14 -29.61
CA VAL A 116 3.57 34.00 -30.77
C VAL A 116 4.84 33.29 -30.30
N ARG A 117 5.03 32.07 -30.76
CA ARG A 117 6.21 31.36 -30.31
C ARG A 117 7.43 31.80 -31.13
N PRO A 118 8.57 31.96 -30.50
CA PRO A 118 9.73 32.54 -31.19
C PRO A 118 10.40 31.59 -32.17
N GLU A 119 11.61 31.95 -32.57
CA GLU A 119 12.41 31.11 -33.44
C GLU A 119 12.77 29.81 -32.72
N VAL A 120 12.99 28.77 -33.51
CA VAL A 120 13.32 27.46 -32.94
C VAL A 120 14.62 27.53 -32.15
N ASP A 121 15.61 28.26 -32.66
CA ASP A 121 16.88 28.36 -31.95
C ASP A 121 16.75 29.21 -30.69
N VAL A 122 15.79 30.13 -30.64
CA VAL A 122 15.57 30.91 -29.43
C VAL A 122 14.84 30.08 -28.37
N MET A 123 13.90 29.23 -28.80
CA MET A 123 13.23 28.35 -27.84
C MET A 123 14.18 27.27 -27.32
N CYS A 124 15.00 26.70 -28.20
CA CYS A 124 15.95 25.67 -27.76
C CYS A 124 17.02 26.27 -26.85
N THR A 125 17.33 27.55 -27.01
CA THR A 125 18.30 28.19 -26.11
C THR A 125 17.71 28.35 -24.72
N ALA A 126 16.42 28.70 -24.63
CA ALA A 126 15.81 28.85 -23.32
C ALA A 126 15.53 27.50 -22.69
N PHE A 127 15.27 26.49 -23.52
CA PHE A 127 14.99 25.16 -23.00
C PHE A 127 16.23 24.53 -22.38
N HIS A 128 17.40 24.77 -22.96
CA HIS A 128 18.64 24.22 -22.43
C HIS A 128 19.24 25.07 -21.31
N ASP A 129 18.80 26.32 -21.17
CA ASP A 129 19.38 27.20 -20.16
C ASP A 129 18.78 26.96 -18.78
N ASN A 130 17.48 26.65 -18.74
CA ASN A 130 16.79 26.38 -17.47
C ASN A 130 15.48 25.67 -17.86
N GLU A 131 15.57 24.34 -17.95
CA GLU A 131 14.41 23.55 -18.38
C GLU A 131 13.28 23.63 -17.37
N GLU A 132 13.58 23.65 -16.07
CA GLU A 132 12.54 23.71 -15.06
C GLU A 132 11.74 25.01 -15.16
N THR A 133 12.39 26.12 -15.48
CA THR A 133 11.67 27.37 -15.69
C THR A 133 10.97 27.40 -17.05
N PHE A 134 11.59 26.79 -18.06
CA PHE A 134 11.00 26.77 -19.40
C PHE A 134 9.60 26.17 -19.38
N LEU A 135 9.42 25.09 -18.62
CA LEU A 135 8.12 24.43 -18.55
C LEU A 135 7.16 25.16 -17.62
N LYS A 136 7.68 25.89 -16.62
CA LYS A 136 6.80 26.67 -15.77
C LYS A 136 6.13 27.79 -16.55
N LYS A 137 6.87 28.45 -17.45
CA LYS A 137 6.24 29.45 -18.29
C LYS A 137 5.22 28.81 -19.22
N TYR A 138 5.48 27.58 -19.68
CA TYR A 138 4.49 26.85 -20.47
C TYR A 138 3.21 26.65 -19.68
N LEU A 139 3.33 26.07 -18.47
CA LEU A 139 2.16 25.89 -17.60
C LEU A 139 1.47 27.23 -17.34
N TYR A 140 2.25 28.28 -17.13
CA TYR A 140 1.69 29.59 -16.84
C TYR A 140 0.92 30.13 -18.04
N GLU A 141 1.53 30.12 -19.23
CA GLU A 141 0.92 30.72 -20.41
C GLU A 141 -0.36 30.00 -20.82
N ILE A 142 -0.43 28.68 -20.63
CA ILE A 142 -1.63 27.94 -21.03
C ILE A 142 -2.74 28.14 -20.00
N ALA A 143 -2.41 27.97 -18.72
CA ALA A 143 -3.42 28.06 -17.66
C ALA A 143 -4.03 29.46 -17.58
N ARG A 144 -3.22 30.49 -17.82
CA ARG A 144 -3.75 31.85 -17.75
C ARG A 144 -4.69 32.15 -18.91
N ARG A 145 -4.60 31.40 -20.01
CA ARG A 145 -5.49 31.57 -21.14
C ARG A 145 -6.68 30.62 -21.13
N HIS A 146 -6.59 29.50 -20.41
CA HIS A 146 -7.67 28.55 -20.27
C HIS A 146 -7.89 28.33 -18.78
N PRO A 147 -8.65 29.21 -18.13
CA PRO A 147 -8.78 29.15 -16.66
C PRO A 147 -9.58 27.96 -16.15
N TYR A 148 -10.06 27.10 -17.04
CA TYR A 148 -10.78 25.89 -16.65
C TYR A 148 -10.11 24.65 -17.22
N PHE A 149 -8.83 24.73 -17.55
CA PHE A 149 -8.12 23.60 -18.11
C PHE A 149 -8.02 22.50 -17.05
N TYR A 150 -8.22 21.26 -17.47
CA TYR A 150 -8.10 20.12 -16.57
C TYR A 150 -6.66 20.04 -16.07
N ALA A 151 -6.43 20.43 -14.81
CA ALA A 151 -5.07 20.56 -14.29
C ALA A 151 -4.23 19.29 -14.41
N PRO A 152 -4.73 18.10 -14.10
CA PRO A 152 -3.89 16.91 -14.30
C PRO A 152 -3.48 16.74 -15.75
N GLU A 153 -4.39 17.01 -16.69
CA GLU A 153 -4.03 16.87 -18.10
C GLU A 153 -3.05 17.95 -18.54
N LEU A 154 -3.09 19.12 -17.89
CA LEU A 154 -2.11 20.14 -18.21
C LEU A 154 -0.71 19.67 -17.87
N LEU A 155 -0.56 18.97 -16.73
CA LEU A 155 0.72 18.40 -16.36
C LEU A 155 1.21 17.41 -17.41
N PHE A 156 0.28 16.60 -17.93
CA PHE A 156 0.62 15.66 -19.00
C PHE A 156 1.05 16.40 -20.25
N PHE A 157 0.37 17.50 -20.58
CA PHE A 157 0.77 18.29 -21.74
C PHE A 157 2.18 18.83 -21.58
N ALA A 158 2.54 19.25 -20.36
CA ALA A 158 3.90 19.74 -20.14
C ALA A 158 4.93 18.63 -20.32
N LYS A 159 4.56 17.38 -20.04
CA LYS A 159 5.50 16.29 -20.23
C LYS A 159 5.75 16.05 -21.71
N ARG A 160 4.71 16.16 -22.54
CA ARG A 160 4.86 15.97 -23.97
C ARG A 160 5.51 17.17 -24.64
N TYR A 161 5.23 18.37 -24.13
CA TYR A 161 5.91 19.57 -24.62
C TYR A 161 7.40 19.47 -24.37
N LYS A 162 7.78 19.04 -23.16
CA LYS A 162 9.19 18.83 -22.86
C LYS A 162 9.79 17.73 -23.73
N ALA A 163 9.02 16.67 -24.00
CA ALA A 163 9.53 15.55 -24.79
C ALA A 163 9.89 15.98 -26.21
N ALA A 164 9.10 16.89 -26.78
CA ALA A 164 9.37 17.35 -28.13
C ALA A 164 10.63 18.21 -28.17
N PHE A 165 10.85 19.03 -27.15
CA PHE A 165 12.05 19.87 -27.13
C PHE A 165 13.29 19.03 -26.89
N THR A 166 13.20 18.01 -26.04
CA THR A 166 14.34 17.15 -25.78
C THR A 166 14.78 16.45 -27.06
N GLU A 167 13.83 16.00 -27.88
CA GLU A 167 14.17 15.30 -29.11
C GLU A 167 14.63 16.26 -30.19
N CYS A 168 13.89 17.34 -30.40
CA CYS A 168 14.08 18.13 -31.60
C CYS A 168 15.24 19.12 -31.49
N CYS A 169 15.55 19.59 -30.28
CA CYS A 169 16.69 20.49 -30.13
C CYS A 169 18.00 19.80 -30.47
N GLN A 170 18.01 18.47 -30.51
CA GLN A 170 19.19 17.71 -30.90
C GLN A 170 19.02 17.01 -32.25
N ALA A 171 17.99 17.36 -33.01
CA ALA A 171 17.80 16.77 -34.32
C ALA A 171 18.59 17.55 -35.37
N ALA A 172 18.80 16.91 -36.52
CA ALA A 172 19.51 17.58 -37.61
C ALA A 172 18.71 18.78 -38.11
N ASP A 173 17.40 18.60 -38.32
CA ASP A 173 16.49 19.68 -38.67
C ASP A 173 15.57 19.90 -37.47
N LYS A 174 15.92 20.89 -36.64
CA LYS A 174 15.14 21.12 -35.43
C LYS A 174 13.72 21.58 -35.75
N ALA A 175 13.57 22.51 -36.71
CA ALA A 175 12.25 23.06 -36.97
C ALA A 175 11.35 22.05 -37.68
N ALA A 176 11.93 21.19 -38.53
CA ALA A 176 11.13 20.16 -39.16
C ALA A 176 10.64 19.14 -38.15
N CYS A 177 11.41 18.94 -37.07
CA CYS A 177 11.03 18.04 -35.99
C CYS A 177 10.06 18.72 -35.03
N LEU A 178 10.43 19.91 -34.53
CA LEU A 178 9.73 20.52 -33.40
C LEU A 178 8.37 21.06 -33.79
N LEU A 179 8.33 21.90 -34.83
CA LEU A 179 7.10 22.64 -35.14
C LEU A 179 5.89 21.75 -35.37
N PRO A 180 5.95 20.67 -36.17
CA PRO A 180 4.76 19.81 -36.30
C PRO A 180 4.27 19.27 -34.97
N LYS A 181 5.19 18.85 -34.09
CA LYS A 181 4.81 18.36 -32.78
C LYS A 181 4.17 19.46 -31.94
N LEU A 182 4.70 20.68 -32.04
CA LEU A 182 4.16 21.78 -31.26
C LEU A 182 2.79 22.20 -31.77
N ASP A 183 2.58 22.09 -33.09
CA ASP A 183 1.26 22.39 -33.64
C ASP A 183 0.24 21.35 -33.21
N GLU A 184 0.66 20.09 -33.08
CA GLU A 184 -0.30 19.07 -32.66
C GLU A 184 -0.70 19.28 -31.20
N LEU A 185 0.26 19.70 -30.36
CA LEU A 185 -0.09 19.95 -28.97
C LEU A 185 -1.00 21.17 -28.85
N ARG A 186 -0.80 22.17 -29.70
CA ARG A 186 -1.67 23.34 -29.67
C ARG A 186 -3.11 22.94 -30.00
N ASP A 187 -3.29 22.15 -31.06
CA ASP A 187 -4.62 21.68 -31.43
C ASP A 187 -5.22 20.81 -30.34
N GLU A 188 -4.43 19.87 -29.82
CA GLU A 188 -4.93 18.97 -28.79
C GLU A 188 -5.27 19.74 -27.52
N GLY A 189 -4.48 20.77 -27.20
CA GLY A 189 -4.77 21.54 -26.01
C GLY A 189 -6.04 22.36 -26.14
N LYS A 190 -6.32 22.87 -27.34
CA LYS A 190 -7.58 23.59 -27.55
C LYS A 190 -8.77 22.64 -27.39
N ALA A 191 -8.66 21.42 -27.92
CA ALA A 191 -9.75 20.45 -27.77
C ALA A 191 -9.95 20.07 -26.32
N SER A 192 -8.86 19.85 -25.60
CA SER A 192 -8.97 19.49 -24.18
C SER A 192 -9.61 20.62 -23.39
N SER A 193 -9.24 21.87 -23.71
CA SER A 193 -9.79 23.00 -22.99
C SER A 193 -11.28 23.14 -23.23
N ALA A 194 -11.72 22.87 -24.46
CA ALA A 194 -13.13 22.99 -24.79
C ALA A 194 -13.95 21.84 -24.24
N LYS A 195 -13.38 20.63 -24.18
CA LYS A 195 -14.08 19.52 -23.57
C LYS A 195 -14.28 19.76 -22.08
N GLN A 196 -13.23 20.24 -21.41
CA GLN A 196 -13.32 20.43 -19.97
C GLN A 196 -14.20 21.61 -19.62
N ARG A 197 -14.25 22.60 -20.51
CA ARG A 197 -15.09 23.77 -20.27
C ARG A 197 -16.57 23.41 -20.37
N LEU A 198 -16.91 22.45 -21.22
CA LEU A 198 -18.28 21.93 -21.24
C LEU A 198 -18.60 21.22 -19.94
N LYS A 199 -17.65 20.47 -19.40
CA LYS A 199 -17.84 19.79 -18.13
C LYS A 199 -18.09 20.80 -17.02
N CYS A 200 -17.24 21.84 -16.93
CA CYS A 200 -17.40 22.82 -15.86
C CYS A 200 -18.69 23.61 -16.03
N ALA A 201 -19.01 24.00 -17.27
CA ALA A 201 -20.26 24.71 -17.50
C ALA A 201 -21.46 23.84 -17.21
N SER A 202 -21.35 22.53 -17.50
CA SER A 202 -22.42 21.60 -17.14
C SER A 202 -22.69 21.63 -15.65
N LEU A 203 -21.64 21.69 -14.84
CA LEU A 203 -21.79 21.71 -13.39
C LEU A 203 -22.27 23.06 -12.88
N GLN A 204 -21.61 24.15 -13.31
CA GLN A 204 -21.92 25.46 -12.76
C GLN A 204 -23.30 25.93 -13.18
N LYS A 205 -23.65 25.77 -14.45
CA LYS A 205 -24.87 26.37 -14.96
C LYS A 205 -26.08 25.49 -14.69
N PHE A 206 -25.98 24.20 -14.99
CA PHE A 206 -27.12 23.30 -14.91
C PHE A 206 -27.08 22.35 -13.71
N GLY A 207 -26.04 22.42 -12.90
CA GLY A 207 -26.02 21.69 -11.65
C GLY A 207 -25.31 20.35 -11.79
N GLU A 208 -24.93 19.79 -10.64
CA GLU A 208 -24.28 18.50 -10.66
C GLU A 208 -25.25 17.40 -11.09
N ARG A 209 -26.55 17.66 -11.00
CA ARG A 209 -27.53 16.67 -11.44
C ARG A 209 -27.48 16.47 -12.94
N ALA A 210 -27.14 17.52 -13.70
CA ALA A 210 -27.05 17.38 -15.14
C ALA A 210 -25.71 16.78 -15.55
N PHE A 211 -24.66 17.03 -14.77
CA PHE A 211 -23.36 16.44 -15.07
C PHE A 211 -23.38 14.93 -14.80
N LYS A 212 -24.05 14.52 -13.72
CA LYS A 212 -24.15 13.10 -13.42
C LYS A 212 -24.94 12.37 -14.50
N ALA A 213 -25.98 13.02 -15.05
CA ALA A 213 -26.75 12.40 -16.12
C ALA A 213 -25.90 12.20 -17.36
N TRP A 214 -25.08 13.20 -17.72
CA TRP A 214 -24.19 13.06 -18.86
C TRP A 214 -23.17 11.95 -18.63
N ALA A 215 -22.65 11.85 -17.41
CA ALA A 215 -21.59 10.88 -17.14
C ALA A 215 -22.14 9.46 -17.07
N VAL A 216 -23.39 9.29 -16.65
CA VAL A 216 -23.97 7.95 -16.58
C VAL A 216 -24.21 7.42 -17.98
N ALA A 217 -24.51 8.30 -18.94
CA ALA A 217 -24.71 7.86 -20.32
C ALA A 217 -23.40 7.66 -21.05
N ARG A 218 -22.38 8.48 -20.73
CA ARG A 218 -21.09 8.32 -21.37
C ARG A 218 -20.37 7.09 -20.84
N LEU A 219 -20.51 6.81 -19.55
CA LEU A 219 -19.84 5.66 -18.95
C LEU A 219 -20.60 4.36 -19.22
N SER A 220 -21.92 4.41 -19.37
CA SER A 220 -22.66 3.22 -19.77
C SER A 220 -22.30 2.80 -21.18
N GLN A 221 -22.05 3.76 -22.07
CA GLN A 221 -21.54 3.44 -23.39
C GLN A 221 -20.15 2.83 -23.29
N ARG A 222 -19.32 3.38 -22.39
CA ARG A 222 -17.94 2.95 -22.30
C ARG A 222 -17.82 1.59 -21.64
N PHE A 223 -18.56 1.38 -20.54
CA PHE A 223 -18.46 0.19 -19.72
C PHE A 223 -19.80 -0.55 -19.71
N PRO A 224 -20.18 -1.17 -20.82
CA PRO A 224 -21.49 -1.86 -20.86
C PRO A 224 -21.54 -3.09 -19.98
N LYS A 225 -20.39 -3.61 -19.55
CA LYS A 225 -20.37 -4.74 -18.64
C LYS A 225 -20.73 -4.33 -17.23
N ALA A 226 -20.46 -3.07 -16.89
CA ALA A 226 -20.61 -2.58 -15.53
C ALA A 226 -22.08 -2.52 -15.12
N GLU A 227 -22.32 -2.68 -13.82
CA GLU A 227 -23.67 -2.59 -13.29
C GLU A 227 -24.04 -1.13 -13.03
N PHE A 228 -25.34 -0.86 -13.03
CA PHE A 228 -25.83 0.51 -12.83
C PHE A 228 -25.25 1.11 -11.56
N ALA A 229 -25.16 0.31 -10.49
CA ALA A 229 -24.57 0.81 -9.25
C ALA A 229 -23.09 1.08 -9.41
N GLU A 230 -22.41 0.33 -10.27
CA GLU A 230 -20.97 0.57 -10.46
C GLU A 230 -20.74 1.81 -11.32
N VAL A 231 -21.51 1.97 -12.39
CA VAL A 231 -21.40 3.20 -13.19
C VAL A 231 -21.79 4.40 -12.33
N SER A 232 -22.84 4.27 -11.52
CA SER A 232 -23.22 5.37 -10.64
C SER A 232 -22.15 5.65 -9.59
N LYS A 233 -21.37 4.65 -9.20
CA LYS A 233 -20.30 4.88 -8.25
C LYS A 233 -19.17 5.67 -8.89
N LEU A 234 -18.80 5.32 -10.11
CA LEU A 234 -17.73 6.03 -10.81
C LEU A 234 -18.16 7.45 -11.14
N VAL A 235 -19.46 7.67 -11.34
CA VAL A 235 -19.96 9.00 -11.65
C VAL A 235 -19.92 9.89 -10.41
N THR A 236 -20.15 9.32 -9.24
CA THR A 236 -20.02 10.12 -8.01
C THR A 236 -18.57 10.54 -7.80
N ASP A 237 -17.63 9.63 -8.03
CA ASP A 237 -16.22 9.97 -7.94
C ASP A 237 -15.83 10.95 -9.04
N LEU A 238 -16.41 10.78 -10.22
CA LEU A 238 -16.08 11.64 -11.35
C LEU A 238 -16.62 13.05 -11.14
N THR A 239 -17.79 13.16 -10.50
CA THR A 239 -18.37 14.47 -10.20
C THR A 239 -17.56 15.22 -9.16
N LYS A 240 -16.91 14.49 -8.25
CA LYS A 240 -16.08 15.16 -7.26
C LYS A 240 -14.76 15.60 -7.87
N VAL A 241 -14.20 14.80 -8.79
CA VAL A 241 -12.93 15.14 -9.42
C VAL A 241 -13.07 16.45 -10.21
N HIS A 242 -14.18 16.59 -10.93
CA HIS A 242 -14.38 17.78 -11.73
C HIS A 242 -14.99 18.92 -10.95
N THR A 243 -15.68 18.64 -9.85
CA THR A 243 -16.06 19.72 -8.95
C THR A 243 -14.83 20.40 -8.40
N GLU A 244 -13.82 19.63 -7.98
CA GLU A 244 -12.63 20.24 -7.41
C GLU A 244 -11.80 20.95 -8.47
N CYS A 245 -11.73 20.39 -9.67
CA CYS A 245 -10.93 21.01 -10.71
C CYS A 245 -11.60 22.25 -11.30
N CYS A 246 -12.93 22.36 -11.19
CA CYS A 246 -13.63 23.56 -11.65
C CYS A 246 -13.90 24.57 -10.53
N HIS A 247 -13.93 24.14 -9.26
CA HIS A 247 -14.10 25.03 -8.13
C HIS A 247 -12.78 25.40 -7.46
N GLY A 248 -11.64 24.98 -8.03
CA GLY A 248 -10.34 25.56 -7.72
C GLY A 248 -9.37 24.71 -6.93
N ASP A 249 -9.82 23.66 -6.24
CA ASP A 249 -8.88 22.87 -5.42
C ASP A 249 -8.16 21.85 -6.32
N LEU A 250 -7.12 22.34 -7.00
CA LEU A 250 -6.43 21.53 -7.99
C LEU A 250 -5.65 20.39 -7.37
N LEU A 251 -5.25 20.51 -6.11
CA LEU A 251 -4.46 19.45 -5.48
C LEU A 251 -5.34 18.30 -5.03
N GLU A 252 -6.57 18.60 -4.64
CA GLU A 252 -7.51 17.54 -4.32
C GLU A 252 -8.09 16.90 -5.58
N CYS A 253 -8.29 17.70 -6.63
CA CYS A 253 -8.67 17.15 -7.91
C CYS A 253 -7.63 16.16 -8.43
N ALA A 254 -6.35 16.53 -8.31
CA ALA A 254 -5.28 15.67 -8.82
C ALA A 254 -5.26 14.35 -8.07
N ASP A 255 -5.45 14.39 -6.75
CA ASP A 255 -5.39 13.17 -5.96
C ASP A 255 -6.67 12.35 -6.09
N ASP A 256 -7.80 13.00 -6.37
CA ASP A 256 -9.06 12.28 -6.48
C ASP A 256 -9.14 11.51 -7.78
N ARG A 257 -8.62 12.07 -8.86
CA ARG A 257 -8.58 11.31 -10.11
C ARG A 257 -7.51 10.24 -10.07
N ALA A 258 -6.47 10.44 -9.25
CA ALA A 258 -5.51 9.37 -9.02
C ALA A 258 -6.16 8.20 -8.30
N ASP A 259 -6.94 8.48 -7.24
CA ASP A 259 -7.63 7.42 -6.53
C ASP A 259 -8.64 6.71 -7.41
N LEU A 260 -9.24 7.45 -8.34
CA LEU A 260 -10.25 6.84 -9.21
C LEU A 260 -9.63 5.95 -10.27
N ALA A 261 -8.42 6.28 -10.72
CA ALA A 261 -7.74 5.39 -11.67
C ALA A 261 -7.33 4.10 -10.99
N LYS A 262 -6.88 4.20 -9.73
CA LYS A 262 -6.50 3.02 -8.97
C LYS A 262 -7.71 2.16 -8.64
N TYR A 263 -8.86 2.80 -8.34
CA TYR A 263 -10.08 2.04 -8.09
C TYR A 263 -10.60 1.40 -9.36
N ILE A 264 -10.51 2.11 -10.49
CA ILE A 264 -11.02 1.52 -11.73
C ILE A 264 -10.15 0.34 -12.14
N CYS A 265 -8.85 0.41 -11.88
CA CYS A 265 -7.97 -0.68 -12.24
C CYS A 265 -8.10 -1.86 -11.29
N GLU A 266 -8.40 -1.60 -10.02
CA GLU A 266 -8.61 -2.71 -9.09
C GLU A 266 -9.87 -3.50 -9.46
N ASN A 267 -10.93 -2.80 -9.83
CA ASN A 267 -12.22 -3.42 -10.13
C ASN A 267 -12.45 -3.57 -11.62
N GLN A 268 -11.39 -3.57 -12.44
CA GLN A 268 -11.56 -3.55 -13.88
C GLN A 268 -12.35 -4.76 -14.39
N ASP A 269 -12.22 -5.91 -13.73
CA ASP A 269 -12.96 -7.07 -14.20
C ASP A 269 -14.47 -6.87 -14.14
N SER A 270 -14.95 -5.97 -13.28
CA SER A 270 -16.36 -5.66 -13.17
C SER A 270 -16.75 -4.42 -13.98
N ILE A 271 -15.81 -3.83 -14.70
CA ILE A 271 -16.04 -2.56 -15.38
C ILE A 271 -15.80 -2.72 -16.88
N SER A 272 -14.56 -3.00 -17.27
CA SER A 272 -14.25 -3.06 -18.69
C SER A 272 -13.06 -3.97 -18.94
N SER A 273 -13.06 -4.60 -20.10
CA SER A 273 -11.96 -5.47 -20.49
C SER A 273 -10.88 -4.73 -21.28
N LYS A 274 -11.08 -3.45 -21.56
CA LYS A 274 -10.14 -2.67 -22.33
C LYS A 274 -9.15 -1.91 -21.45
N LEU A 275 -9.23 -2.08 -20.14
CA LEU A 275 -8.41 -1.29 -19.22
C LEU A 275 -7.07 -1.95 -18.90
N LYS A 276 -6.92 -3.25 -19.19
CA LYS A 276 -5.71 -3.97 -18.81
C LYS A 276 -4.45 -3.26 -19.32
N GLU A 277 -4.49 -2.78 -20.56
CA GLU A 277 -3.34 -2.07 -21.10
C GLU A 277 -3.10 -0.77 -20.36
N CYS A 278 -4.17 -0.07 -19.96
CA CYS A 278 -4.04 1.21 -19.30
C CYS A 278 -3.42 1.07 -17.91
N CYS A 279 -3.72 -0.02 -17.21
CA CYS A 279 -3.40 -0.13 -15.80
C CYS A 279 -1.94 -0.43 -15.53
N GLU A 280 -1.16 -0.81 -16.53
CA GLU A 280 0.26 -1.06 -16.34
C GLU A 280 1.11 0.21 -16.49
N LYS A 281 0.49 1.33 -16.85
CA LYS A 281 1.20 2.57 -17.16
C LYS A 281 1.40 3.40 -15.91
N PRO A 282 2.34 4.35 -15.94
CA PRO A 282 2.50 5.26 -14.79
C PRO A 282 1.28 6.15 -14.60
N LEU A 283 1.30 6.86 -13.47
CA LEU A 283 0.12 7.58 -12.99
C LEU A 283 -0.45 8.50 -14.07
N LEU A 284 0.36 9.41 -14.59
CA LEU A 284 -0.14 10.36 -15.60
C LEU A 284 -0.69 9.63 -16.81
N GLU A 285 0.07 8.68 -17.34
CA GLU A 285 -0.37 7.98 -18.55
C GLU A 285 -1.54 7.04 -18.25
N LYS A 286 -1.60 6.46 -17.05
CA LYS A 286 -2.72 5.58 -16.74
C LYS A 286 -4.03 6.35 -16.69
N SER A 287 -4.06 7.47 -15.95
CA SER A 287 -5.27 8.28 -15.89
C SER A 287 -5.66 8.76 -17.28
N HIS A 288 -4.68 9.14 -18.09
CA HIS A 288 -4.97 9.58 -19.45
C HIS A 288 -5.51 8.43 -20.30
N CYS A 289 -4.86 7.26 -20.20
CA CYS A 289 -5.30 6.09 -20.96
C CYS A 289 -6.73 5.70 -20.62
N ILE A 290 -7.08 5.75 -19.34
CA ILE A 290 -8.43 5.37 -18.93
C ILE A 290 -9.46 6.36 -19.47
N ALA A 291 -9.10 7.64 -19.55
CA ALA A 291 -10.06 8.63 -20.06
C ALA A 291 -10.28 8.45 -21.57
N GLU A 292 -9.29 7.92 -22.28
CA GLU A 292 -9.33 7.77 -23.72
C GLU A 292 -9.62 6.35 -24.18
N VAL A 293 -10.04 5.46 -23.25
CA VAL A 293 -10.17 4.05 -23.58
C VAL A 293 -11.37 3.83 -24.50
N GLU A 294 -11.22 2.89 -25.44
CA GLU A 294 -12.32 2.63 -26.37
C GLU A 294 -13.44 1.88 -25.65
N ASN A 295 -14.63 1.93 -26.24
CA ASN A 295 -15.78 1.29 -25.63
C ASN A 295 -15.57 -0.21 -25.53
N ASP A 296 -16.14 -0.79 -24.48
CA ASP A 296 -16.06 -2.22 -24.28
C ASP A 296 -17.16 -2.91 -25.07
N GLU A 297 -16.98 -4.20 -25.30
CA GLU A 297 -18.01 -4.97 -25.99
C GLU A 297 -19.24 -5.12 -25.11
N MET A 298 -20.38 -5.21 -25.75
CA MET A 298 -21.64 -5.38 -25.06
C MET A 298 -21.78 -6.83 -24.58
N PRO A 299 -22.35 -7.04 -23.41
CA PRO A 299 -22.71 -8.40 -22.99
C PRO A 299 -23.74 -8.99 -23.94
N ALA A 300 -23.56 -10.27 -24.27
CA ALA A 300 -24.42 -10.90 -25.26
C ALA A 300 -25.84 -11.09 -24.73
N ASP A 301 -25.96 -11.48 -23.46
CA ASP A 301 -27.27 -11.76 -22.86
C ASP A 301 -27.84 -10.47 -22.28
N LEU A 302 -28.29 -9.61 -23.19
CA LEU A 302 -28.85 -8.32 -22.83
C LEU A 302 -30.31 -8.27 -23.28
N PRO A 303 -31.26 -8.09 -22.38
CA PRO A 303 -32.67 -8.11 -22.77
C PRO A 303 -33.04 -6.87 -23.56
N SER A 304 -34.22 -6.92 -24.17
CA SER A 304 -34.80 -5.71 -24.75
C SER A 304 -35.38 -4.86 -23.63
N LEU A 305 -35.38 -3.55 -23.85
CA LEU A 305 -35.83 -2.64 -22.80
C LEU A 305 -37.34 -2.67 -22.61
N ALA A 306 -38.07 -3.28 -23.54
CA ALA A 306 -39.52 -3.38 -23.40
C ALA A 306 -39.90 -4.10 -22.12
N ALA A 307 -39.21 -5.20 -21.80
CA ALA A 307 -39.55 -6.04 -20.65
C ALA A 307 -39.71 -5.22 -19.37
N ASP A 308 -38.66 -4.52 -18.95
CA ASP A 308 -38.66 -3.89 -17.63
C ASP A 308 -39.21 -2.47 -17.61
N PHE A 309 -39.26 -1.80 -18.76
CA PHE A 309 -39.61 -0.38 -18.78
C PHE A 309 -40.92 -0.08 -19.48
N VAL A 310 -41.43 -0.98 -20.34
CA VAL A 310 -42.69 -0.77 -21.04
C VAL A 310 -43.71 -1.83 -20.67
N GLU A 311 -43.33 -3.10 -20.76
CA GLU A 311 -44.24 -4.21 -20.57
C GLU A 311 -44.41 -4.62 -19.11
N SER A 312 -43.54 -4.14 -18.22
CA SER A 312 -43.57 -4.55 -16.82
C SER A 312 -44.80 -4.00 -16.11
N LYS A 313 -45.03 -4.52 -14.90
CA LYS A 313 -46.19 -4.16 -14.11
C LYS A 313 -45.86 -3.21 -12.97
N ASP A 314 -44.58 -2.90 -12.77
CA ASP A 314 -44.15 -1.97 -11.72
C ASP A 314 -43.59 -0.67 -12.32
N VAL A 315 -44.04 -0.31 -13.52
CA VAL A 315 -43.48 0.85 -14.20
C VAL A 315 -43.88 2.14 -13.50
N CYS A 316 -45.18 2.32 -13.24
CA CYS A 316 -45.60 3.54 -12.57
C CYS A 316 -45.28 3.51 -11.08
N LYS A 317 -45.22 2.30 -10.49
CA LYS A 317 -44.82 2.19 -9.10
C LYS A 317 -43.35 2.54 -8.91
N ASN A 318 -42.50 2.12 -9.84
CA ASN A 318 -41.09 2.49 -9.76
C ASN A 318 -40.92 3.98 -9.99
N TYR A 319 -41.58 4.52 -11.02
CA TYR A 319 -41.52 5.95 -11.30
C TYR A 319 -42.00 6.76 -10.11
N ALA A 320 -43.04 6.30 -9.42
CA ALA A 320 -43.53 6.99 -8.24
C ALA A 320 -42.61 6.79 -7.04
N GLU A 321 -42.19 5.55 -6.79
CA GLU A 321 -41.50 5.25 -5.54
C GLU A 321 -40.03 5.64 -5.60
N ALA A 322 -39.33 5.31 -6.68
CA ALA A 322 -37.90 5.58 -6.81
C ALA A 322 -37.64 6.26 -8.16
N LYS A 323 -38.07 7.52 -8.27
CA LYS A 323 -38.03 8.23 -9.54
C LYS A 323 -36.62 8.35 -10.10
N ASP A 324 -35.65 8.71 -9.26
CA ASP A 324 -34.31 8.94 -9.76
C ASP A 324 -33.58 7.66 -10.09
N VAL A 325 -33.79 6.60 -9.31
CA VAL A 325 -33.10 5.35 -9.61
C VAL A 325 -33.73 4.70 -10.83
N PHE A 326 -35.06 4.76 -10.93
CA PHE A 326 -35.74 4.14 -12.08
C PHE A 326 -35.43 4.87 -13.37
N LEU A 327 -35.40 6.20 -13.35
CA LEU A 327 -35.13 6.94 -14.58
C LEU A 327 -33.66 6.87 -14.94
N GLY A 328 -32.77 7.00 -13.96
CA GLY A 328 -31.36 6.82 -14.21
C GLY A 328 -31.02 5.41 -14.63
N MET A 329 -31.85 4.45 -14.25
CA MET A 329 -31.65 3.08 -14.72
C MET A 329 -32.03 2.95 -16.19
N PHE A 330 -33.08 3.66 -16.61
CA PHE A 330 -33.45 3.66 -18.02
C PHE A 330 -32.35 4.26 -18.88
N LEU A 331 -31.74 5.34 -18.43
CA LEU A 331 -30.65 5.96 -19.20
C LEU A 331 -29.47 5.01 -19.32
N TYR A 332 -29.03 4.46 -18.19
CA TYR A 332 -27.93 3.49 -18.20
C TYR A 332 -28.21 2.32 -19.14
N GLU A 333 -29.40 1.72 -19.03
CA GLU A 333 -29.72 0.56 -19.86
C GLU A 333 -29.83 0.92 -21.34
N TYR A 334 -30.30 2.12 -21.65
CA TYR A 334 -30.35 2.52 -23.06
C TYR A 334 -28.97 2.88 -23.58
N ALA A 335 -28.13 3.49 -22.74
CA ALA A 335 -26.84 3.97 -23.21
C ALA A 335 -25.90 2.83 -23.56
N ARG A 336 -25.87 1.77 -22.74
CA ARG A 336 -24.92 0.70 -23.02
C ARG A 336 -25.34 -0.14 -24.22
N ARG A 337 -26.63 -0.15 -24.55
CA ARG A 337 -27.12 -0.83 -25.74
C ARG A 337 -26.88 -0.03 -27.02
N HIS A 338 -26.57 1.26 -26.91
CA HIS A 338 -26.40 2.13 -28.08
C HIS A 338 -25.20 3.04 -27.93
N PRO A 339 -24.00 2.52 -28.17
CA PRO A 339 -22.81 3.39 -28.25
C PRO A 339 -22.70 4.12 -29.59
N ASP A 340 -23.60 3.82 -30.53
CA ASP A 340 -23.68 4.54 -31.79
C ASP A 340 -24.58 5.75 -31.71
N TYR A 341 -25.24 5.98 -30.57
CA TYR A 341 -25.92 7.23 -30.32
C TYR A 341 -24.97 8.20 -29.64
N SER A 342 -25.34 9.47 -29.63
CA SER A 342 -24.57 10.46 -28.91
C SER A 342 -25.11 10.59 -27.48
N VAL A 343 -24.33 11.27 -26.63
CA VAL A 343 -24.77 11.40 -25.24
C VAL A 343 -25.96 12.35 -25.15
N VAL A 344 -26.02 13.38 -25.99
CA VAL A 344 -27.16 14.27 -25.96
C VAL A 344 -28.41 13.61 -26.53
N LEU A 345 -28.23 12.70 -27.49
CA LEU A 345 -29.40 11.97 -27.99
C LEU A 345 -29.96 11.06 -26.92
N LEU A 346 -29.09 10.37 -26.18
CA LEU A 346 -29.55 9.49 -25.12
C LEU A 346 -30.26 10.26 -24.02
N LEU A 347 -29.70 11.41 -23.61
CA LEU A 347 -30.35 12.19 -22.57
C LEU A 347 -31.71 12.69 -23.04
N ARG A 348 -31.88 12.92 -24.34
CA ARG A 348 -33.18 13.29 -24.86
C ARG A 348 -34.15 12.13 -24.81
N LEU A 349 -33.67 10.92 -25.10
CA LEU A 349 -34.53 9.75 -25.01
C LEU A 349 -34.99 9.54 -23.58
N ALA A 350 -34.10 9.77 -22.61
CA ALA A 350 -34.45 9.58 -21.20
C ALA A 350 -35.45 10.62 -20.73
N LYS A 351 -35.33 11.85 -21.23
CA LYS A 351 -36.30 12.88 -20.86
C LYS A 351 -37.65 12.62 -21.51
N THR A 352 -37.65 12.14 -22.76
CA THR A 352 -38.90 11.75 -23.41
C THR A 352 -39.61 10.67 -22.60
N TYR A 353 -38.89 9.60 -22.28
CA TYR A 353 -39.44 8.54 -21.45
C TYR A 353 -39.94 9.10 -20.11
N GLU A 354 -39.19 10.04 -19.53
CA GLU A 354 -39.61 10.66 -18.29
C GLU A 354 -40.95 11.38 -18.45
N THR A 355 -41.03 12.31 -19.41
CA THR A 355 -42.24 13.09 -19.55
C THR A 355 -43.41 12.24 -20.00
N THR A 356 -43.16 11.16 -20.75
CA THR A 356 -44.25 10.28 -21.11
C THR A 356 -44.83 9.59 -19.89
N LEU A 357 -43.98 9.22 -18.92
CA LEU A 357 -44.47 8.56 -17.73
C LEU A 357 -45.15 9.53 -16.78
N GLU A 358 -44.77 10.80 -16.79
CA GLU A 358 -45.48 11.76 -15.94
C GLU A 358 -46.88 11.99 -16.46
N LYS A 359 -47.01 12.08 -17.78
CA LYS A 359 -48.33 12.14 -18.41
C LYS A 359 -49.08 10.83 -18.19
N CYS A 360 -48.46 9.71 -18.54
CA CYS A 360 -49.17 8.45 -18.63
C CYS A 360 -49.48 7.82 -17.27
N CYS A 361 -48.68 8.09 -16.23
CA CYS A 361 -48.92 7.42 -14.95
C CYS A 361 -50.12 7.99 -14.21
N ALA A 362 -50.57 9.19 -14.56
CA ALA A 362 -51.79 9.74 -13.98
C ALA A 362 -53.02 9.38 -14.80
N ALA A 363 -52.88 8.59 -15.86
CA ALA A 363 -53.99 8.28 -16.75
C ALA A 363 -54.86 7.18 -16.17
N ALA A 364 -55.95 6.87 -16.88
CA ALA A 364 -56.85 5.79 -16.46
C ALA A 364 -56.12 4.46 -16.51
N ASP A 365 -55.80 3.99 -17.73
CA ASP A 365 -54.96 2.80 -17.90
C ASP A 365 -53.59 3.25 -18.36
N PRO A 366 -52.61 3.34 -17.46
CA PRO A 366 -51.27 3.81 -17.89
C PRO A 366 -50.65 2.93 -18.97
N HIS A 367 -50.74 1.61 -18.85
CA HIS A 367 -50.16 0.75 -19.87
C HIS A 367 -50.79 0.97 -21.24
N GLU A 368 -52.07 1.38 -21.27
CA GLU A 368 -52.77 1.55 -22.54
C GLU A 368 -52.28 2.76 -23.34
N CYS A 369 -51.53 3.66 -22.70
CA CYS A 369 -50.99 4.84 -23.40
C CYS A 369 -49.48 4.78 -23.58
N TYR A 370 -48.71 4.35 -22.58
CA TYR A 370 -47.27 4.30 -22.72
C TYR A 370 -46.78 3.01 -23.35
N ALA A 371 -47.66 2.22 -23.97
CA ALA A 371 -47.20 0.97 -24.57
C ALA A 371 -46.36 1.24 -25.80
N LYS A 372 -46.47 2.43 -26.39
CA LYS A 372 -45.77 2.78 -27.61
C LYS A 372 -44.70 3.85 -27.39
N VAL A 373 -44.06 3.85 -26.21
CA VAL A 373 -43.12 4.92 -25.88
C VAL A 373 -41.89 4.84 -26.78
N PHE A 374 -41.47 3.63 -27.13
CA PHE A 374 -40.26 3.49 -27.93
C PHE A 374 -40.48 3.93 -29.36
N ASP A 375 -41.72 4.23 -29.75
CA ASP A 375 -42.02 4.72 -31.09
C ASP A 375 -41.71 6.19 -31.24
N GLU A 376 -41.68 6.94 -30.14
CA GLU A 376 -41.28 8.34 -30.20
C GLU A 376 -39.78 8.53 -30.27
N PHE A 377 -38.99 7.45 -30.15
CA PHE A 377 -37.54 7.56 -30.22
C PHE A 377 -37.02 7.51 -31.64
N LYS A 378 -37.76 6.89 -32.57
CA LYS A 378 -37.34 6.91 -33.97
C LYS A 378 -37.22 8.33 -34.51
N PRO A 379 -38.19 9.24 -34.30
CA PRO A 379 -37.98 10.63 -34.77
C PRO A 379 -36.74 11.26 -34.18
N LEU A 380 -36.54 11.10 -32.88
CA LEU A 380 -35.43 11.75 -32.19
C LEU A 380 -34.09 11.19 -32.63
N VAL A 381 -34.04 9.95 -33.12
CA VAL A 381 -32.78 9.35 -33.53
C VAL A 381 -32.44 9.68 -34.98
N GLU A 382 -33.44 9.80 -35.84
CA GLU A 382 -33.14 10.09 -37.24
C GLU A 382 -32.82 11.56 -37.46
N GLU A 383 -33.40 12.45 -36.65
CA GLU A 383 -33.15 13.89 -36.80
C GLU A 383 -31.67 14.26 -36.76
N PRO A 384 -30.87 13.77 -35.81
CA PRO A 384 -29.42 14.01 -35.93
C PRO A 384 -28.79 13.24 -37.06
N GLN A 385 -29.28 12.02 -37.33
CA GLN A 385 -28.73 11.22 -38.42
C GLN A 385 -28.85 11.96 -39.75
N ASN A 386 -30.02 12.55 -40.01
CA ASN A 386 -30.23 13.26 -41.26
C ASN A 386 -29.37 14.52 -41.31
N LEU A 387 -29.27 15.25 -40.20
CA LEU A 387 -28.45 16.45 -40.19
C LEU A 387 -26.99 16.13 -40.48
N ILE A 388 -26.47 15.04 -39.91
CA ILE A 388 -25.07 14.70 -40.10
C ILE A 388 -24.82 14.21 -41.53
N LYS A 389 -25.74 13.41 -42.08
CA LYS A 389 -25.59 12.96 -43.46
C LYS A 389 -25.64 14.14 -44.42
N GLN A 390 -26.51 15.11 -44.12
CA GLN A 390 -26.61 16.31 -44.94
C GLN A 390 -25.32 17.10 -44.90
N ASN A 391 -24.72 17.24 -43.72
CA ASN A 391 -23.51 18.04 -43.58
C ASN A 391 -22.28 17.28 -44.04
N CYS A 392 -22.25 15.96 -43.88
CA CYS A 392 -21.14 15.18 -44.40
C CYS A 392 -21.18 15.17 -45.93
N GLU A 393 -22.39 15.04 -46.50
CA GLU A 393 -22.52 15.11 -47.96
C GLU A 393 -22.05 16.45 -48.49
N LEU A 394 -22.37 17.54 -47.79
CA LEU A 394 -21.90 18.86 -48.19
C LEU A 394 -20.40 18.98 -48.06
N PHE A 395 -19.82 18.41 -47.00
CA PHE A 395 -18.39 18.50 -46.78
C PHE A 395 -17.60 17.74 -47.84
N GLU A 396 -18.14 16.65 -48.38
CA GLU A 396 -17.43 15.93 -49.43
C GLU A 396 -17.28 16.80 -50.68
N GLN A 397 -18.30 17.59 -50.99
CA GLN A 397 -18.26 18.44 -52.17
C GLN A 397 -17.34 19.64 -51.94
N LEU A 398 -17.57 20.38 -50.85
CA LEU A 398 -16.92 21.66 -50.63
C LEU A 398 -15.49 21.53 -50.14
N GLY A 399 -15.26 20.69 -49.14
CA GLY A 399 -13.98 20.66 -48.48
C GLY A 399 -13.98 21.55 -47.25
N GLU A 400 -12.97 21.35 -46.39
CA GLU A 400 -12.98 21.98 -45.07
C GLU A 400 -13.14 23.50 -45.16
N TYR A 401 -12.32 24.16 -45.98
CA TYR A 401 -12.38 25.61 -46.05
C TYR A 401 -13.75 26.09 -46.53
N LYS A 402 -14.24 25.53 -47.64
CA LYS A 402 -15.52 26.00 -48.17
C LYS A 402 -16.69 25.53 -47.33
N PHE A 403 -16.55 24.37 -46.66
CA PHE A 403 -17.58 23.95 -45.72
C PHE A 403 -17.70 24.91 -44.56
N GLN A 404 -16.57 25.41 -44.07
CA GLN A 404 -16.60 26.45 -43.05
C GLN A 404 -17.28 27.71 -43.58
N ASN A 405 -16.94 28.10 -44.81
CA ASN A 405 -17.60 29.26 -45.42
C ASN A 405 -19.10 29.08 -45.46
N ALA A 406 -19.55 27.87 -45.81
CA ALA A 406 -20.98 27.60 -45.84
C ALA A 406 -21.60 27.75 -44.46
N LEU A 407 -20.94 27.23 -43.42
CA LEU A 407 -21.48 27.38 -42.08
C LEU A 407 -21.33 28.81 -41.57
N LEU A 408 -20.27 29.51 -41.97
CA LEU A 408 -20.12 30.92 -41.63
C LEU A 408 -21.31 31.73 -42.12
N VAL A 409 -21.68 31.54 -43.38
CA VAL A 409 -22.89 32.19 -43.91
C VAL A 409 -24.11 31.76 -43.10
N ARG A 410 -24.23 30.45 -42.85
CA ARG A 410 -25.42 29.92 -42.20
C ARG A 410 -25.59 30.48 -40.79
N TYR A 411 -24.52 30.47 -39.99
CA TYR A 411 -24.66 30.88 -38.59
C TYR A 411 -24.60 32.40 -38.44
N THR A 412 -23.96 33.12 -39.35
CA THR A 412 -24.05 34.57 -39.31
C THR A 412 -25.48 35.01 -39.61
N LYS A 413 -26.20 34.27 -40.46
CA LYS A 413 -27.59 34.58 -40.72
C LYS A 413 -28.47 34.23 -39.52
N LYS A 414 -28.05 33.26 -38.70
CA LYS A 414 -28.85 32.88 -37.54
C LYS A 414 -28.72 33.91 -36.43
N VAL A 415 -27.51 34.32 -36.11
CA VAL A 415 -27.26 35.15 -34.94
C VAL A 415 -26.32 36.29 -35.33
N PRO A 416 -26.76 37.24 -36.16
CA PRO A 416 -25.83 38.25 -36.69
C PRO A 416 -25.30 39.23 -35.65
N GLN A 417 -25.85 39.24 -34.43
CA GLN A 417 -25.36 40.14 -33.40
C GLN A 417 -24.04 39.66 -32.81
N VAL A 418 -23.71 38.38 -32.98
CA VAL A 418 -22.46 37.85 -32.43
C VAL A 418 -21.29 38.56 -33.09
N SER A 419 -20.24 38.83 -32.32
CA SER A 419 -19.09 39.54 -32.85
C SER A 419 -18.46 38.77 -34.00
N THR A 420 -17.89 39.51 -34.95
CA THR A 420 -17.24 38.87 -36.09
C THR A 420 -16.11 37.94 -35.69
N PRO A 421 -15.21 38.29 -34.75
CA PRO A 421 -14.21 37.29 -34.33
C PRO A 421 -14.83 36.00 -33.79
N THR A 422 -15.89 36.09 -32.99
CA THR A 422 -16.52 34.90 -32.44
C THR A 422 -17.22 34.09 -33.52
N LEU A 423 -17.87 34.76 -34.48
CA LEU A 423 -18.54 34.05 -35.56
C LEU A 423 -17.53 33.28 -36.41
N VAL A 424 -16.37 33.89 -36.66
CA VAL A 424 -15.34 33.21 -37.46
C VAL A 424 -14.78 32.01 -36.71
N GLU A 425 -14.39 32.22 -35.45
CA GLU A 425 -13.83 31.13 -34.65
C GLU A 425 -14.80 29.97 -34.50
N VAL A 426 -16.04 30.26 -34.09
CA VAL A 426 -17.02 29.22 -33.86
C VAL A 426 -17.33 28.48 -35.16
N SER A 427 -17.51 29.22 -36.27
CA SER A 427 -17.90 28.56 -37.52
C SER A 427 -16.76 27.72 -38.09
N ARG A 428 -15.52 28.18 -37.95
CA ARG A 428 -14.39 27.38 -38.40
C ARG A 428 -14.36 26.06 -37.63
N ASN A 429 -14.48 26.13 -36.30
CA ASN A 429 -14.55 24.92 -35.49
C ASN A 429 -15.72 24.04 -35.90
N LEU A 430 -16.89 24.64 -36.11
CA LEU A 430 -18.05 23.87 -36.58
C LEU A 430 -17.74 23.14 -37.87
N GLY A 431 -16.96 23.75 -38.76
CA GLY A 431 -16.62 23.11 -40.00
C GLY A 431 -15.56 22.04 -39.89
N LYS A 432 -14.89 21.97 -38.74
CA LYS A 432 -13.93 20.91 -38.51
C LYS A 432 -14.60 19.59 -38.17
N VAL A 433 -15.91 19.60 -37.88
CA VAL A 433 -16.60 18.33 -37.62
C VAL A 433 -16.64 17.50 -38.89
N GLY A 434 -16.71 18.15 -40.05
CA GLY A 434 -16.68 17.41 -41.31
C GLY A 434 -15.39 16.63 -41.48
N SER A 435 -14.25 17.30 -41.28
CA SER A 435 -12.97 16.62 -41.35
C SER A 435 -12.85 15.56 -40.26
N LYS A 436 -13.34 15.87 -39.05
CA LYS A 436 -13.15 14.96 -37.93
C LYS A 436 -14.05 13.73 -38.03
N CYS A 437 -15.33 13.92 -38.36
CA CYS A 437 -16.30 12.85 -38.20
C CYS A 437 -16.85 12.26 -39.48
N CYS A 438 -16.57 12.84 -40.65
CA CYS A 438 -17.14 12.28 -41.88
C CYS A 438 -16.24 11.23 -42.52
N LYS A 439 -15.07 10.98 -41.95
CA LYS A 439 -14.20 9.90 -42.39
C LYS A 439 -14.53 8.59 -41.68
N HIS A 440 -15.47 8.59 -40.75
CA HIS A 440 -15.89 7.42 -39.99
C HIS A 440 -16.98 6.66 -40.73
N PRO A 441 -17.17 5.39 -40.41
CA PRO A 441 -18.29 4.65 -41.01
C PRO A 441 -19.61 5.29 -40.64
N GLU A 442 -20.58 5.15 -41.56
CA GLU A 442 -21.87 5.84 -41.45
C GLU A 442 -22.57 5.64 -40.11
N ALA A 443 -22.24 4.57 -39.37
CA ALA A 443 -22.90 4.30 -38.10
C ALA A 443 -22.17 4.87 -36.90
N LYS A 444 -20.89 5.21 -37.04
CA LYS A 444 -20.09 5.79 -35.97
C LYS A 444 -20.04 7.32 -36.07
N ARG A 445 -20.89 7.91 -36.91
CA ARG A 445 -20.79 9.34 -37.18
C ARG A 445 -21.48 10.17 -36.11
N MET A 446 -22.65 9.74 -35.65
CA MET A 446 -23.44 10.60 -34.76
C MET A 446 -22.75 10.91 -33.43
N PRO A 447 -22.24 9.93 -32.67
CA PRO A 447 -21.52 10.31 -31.44
C PRO A 447 -20.38 11.28 -31.68
N CYS A 448 -19.55 11.02 -32.69
CA CYS A 448 -18.49 11.94 -33.05
C CYS A 448 -19.05 13.32 -33.36
N ALA A 449 -19.91 13.41 -34.39
CA ALA A 449 -20.42 14.71 -34.84
C ALA A 449 -21.13 15.46 -33.73
N GLU A 450 -22.21 14.89 -33.20
CA GLU A 450 -23.07 15.65 -32.29
C GLU A 450 -22.40 15.98 -30.96
N ASP A 451 -21.47 15.14 -30.49
CA ASP A 451 -20.84 15.48 -29.23
C ASP A 451 -19.80 16.57 -29.43
N TYR A 452 -19.18 16.62 -30.61
CA TYR A 452 -18.29 17.72 -30.93
C TYR A 452 -19.08 19.01 -31.13
N LEU A 453 -20.25 18.92 -31.77
CA LEU A 453 -21.08 20.12 -31.94
C LEU A 453 -21.50 20.69 -30.59
N SER A 454 -21.76 19.81 -29.61
CA SER A 454 -22.10 20.29 -28.28
C SER A 454 -20.93 21.01 -27.65
N VAL A 455 -19.71 20.60 -27.97
CA VAL A 455 -18.52 21.22 -27.41
C VAL A 455 -18.26 22.58 -28.03
N VAL A 456 -18.49 22.72 -29.34
CA VAL A 456 -18.24 23.99 -30.01
C VAL A 456 -19.32 25.00 -29.67
N LEU A 457 -20.55 24.54 -29.49
CA LEU A 457 -21.63 25.46 -29.14
C LEU A 457 -21.46 25.97 -27.72
N ASN A 458 -20.80 25.21 -26.86
CA ASN A 458 -20.52 25.72 -25.52
C ASN A 458 -19.42 26.76 -25.54
N GLN A 459 -18.54 26.70 -26.54
CA GLN A 459 -17.58 27.78 -26.75
C GLN A 459 -18.30 29.08 -27.06
N LEU A 460 -19.29 29.01 -27.95
CA LEU A 460 -20.10 30.19 -28.28
C LEU A 460 -20.92 30.63 -27.09
N CYS A 461 -21.41 29.68 -26.28
CA CYS A 461 -22.24 30.01 -25.14
C CYS A 461 -21.47 30.73 -24.05
N VAL A 462 -20.19 30.39 -23.84
CA VAL A 462 -19.41 31.03 -22.78
C VAL A 462 -18.76 32.33 -23.24
N LEU A 463 -18.45 32.46 -24.53
CA LEU A 463 -17.93 33.72 -25.03
C LEU A 463 -19.03 34.77 -25.12
N HIS A 464 -20.25 34.33 -25.40
CA HIS A 464 -21.38 35.24 -25.51
C HIS A 464 -21.98 35.58 -24.14
N GLU A 465 -21.70 34.77 -23.12
CA GLU A 465 -22.22 35.06 -21.79
C GLU A 465 -21.45 36.15 -21.07
N LYS A 466 -20.21 36.43 -21.51
CA LYS A 466 -19.46 37.56 -20.96
C LYS A 466 -20.05 38.88 -21.46
N THR A 467 -20.32 38.97 -22.75
CA THR A 467 -20.96 40.15 -23.35
C THR A 467 -22.13 39.68 -24.20
N PRO A 468 -23.31 39.55 -23.61
CA PRO A 468 -24.49 39.09 -24.36
C PRO A 468 -24.99 40.14 -25.34
N VAL A 469 -25.18 39.72 -26.59
CA VAL A 469 -25.64 40.63 -27.64
C VAL A 469 -26.77 40.00 -28.44
N SER A 470 -27.03 38.71 -28.22
CA SER A 470 -28.06 37.97 -28.94
C SER A 470 -29.06 37.38 -27.97
N ASP A 471 -30.35 37.67 -28.19
CA ASP A 471 -31.38 37.03 -27.40
C ASP A 471 -31.51 35.55 -27.76
N ARG A 472 -31.31 35.22 -29.03
CA ARG A 472 -31.40 33.83 -29.46
C ARG A 472 -30.29 32.98 -28.83
N VAL A 473 -29.05 33.48 -28.86
CA VAL A 473 -27.95 32.73 -28.26
C VAL A 473 -28.17 32.54 -26.78
N THR A 474 -28.53 33.62 -26.07
CA THR A 474 -28.88 33.50 -24.66
C THR A 474 -30.00 32.49 -24.48
N LYS A 475 -30.97 32.48 -25.41
CA LYS A 475 -32.09 31.56 -25.31
C LYS A 475 -31.61 30.12 -25.43
N CYS A 476 -30.89 29.79 -26.50
CA CYS A 476 -30.46 28.42 -26.72
C CYS A 476 -29.50 27.96 -25.62
N CYS A 477 -28.64 28.86 -25.14
CA CYS A 477 -27.62 28.45 -24.17
C CYS A 477 -28.23 28.20 -22.80
N THR A 478 -29.20 29.00 -22.40
CA THR A 478 -29.72 28.93 -21.05
C THR A 478 -30.89 27.95 -20.90
N GLU A 479 -31.68 27.74 -21.96
CA GLU A 479 -32.91 26.96 -21.87
C GLU A 479 -32.60 25.56 -21.36
N SER A 480 -32.00 24.74 -22.20
CA SER A 480 -31.53 23.45 -21.76
C SER A 480 -30.05 23.33 -22.08
N LEU A 481 -29.51 22.15 -21.84
CA LEU A 481 -28.16 21.80 -22.24
C LEU A 481 -28.14 20.64 -23.20
N VAL A 482 -29.20 19.83 -23.21
CA VAL A 482 -29.28 18.69 -24.09
C VAL A 482 -29.81 19.09 -25.47
N ASN A 483 -30.68 20.09 -25.52
CA ASN A 483 -31.27 20.53 -26.78
C ASN A 483 -30.58 21.77 -27.34
N ARG A 484 -29.27 21.90 -27.19
CA ARG A 484 -28.60 23.10 -27.67
C ARG A 484 -28.37 23.03 -29.17
N ARG A 485 -27.85 21.91 -29.67
CA ARG A 485 -27.64 21.78 -31.10
C ARG A 485 -28.95 21.85 -31.87
N PRO A 486 -30.03 21.14 -31.49
CA PRO A 486 -31.31 21.35 -32.19
C PRO A 486 -31.82 22.78 -32.10
N CYS A 487 -31.62 23.45 -30.97
CA CYS A 487 -32.04 24.84 -30.83
C CYS A 487 -31.38 25.72 -31.89
N PHE A 488 -30.05 25.63 -32.00
CA PHE A 488 -29.33 26.41 -33.00
C PHE A 488 -29.65 25.96 -34.42
N SER A 489 -29.86 24.66 -34.62
CA SER A 489 -30.08 24.15 -35.97
C SER A 489 -31.45 24.52 -36.49
N ALA A 490 -32.41 24.74 -35.60
CA ALA A 490 -33.74 25.17 -35.99
C ALA A 490 -33.84 26.68 -36.14
N LEU A 491 -32.76 27.40 -35.88
CA LEU A 491 -32.77 28.85 -36.00
C LEU A 491 -32.84 29.24 -37.46
N GLU A 492 -33.76 30.16 -37.77
CA GLU A 492 -33.87 30.69 -39.11
C GLU A 492 -33.06 31.97 -39.23
N VAL A 493 -32.99 32.50 -40.44
CA VAL A 493 -32.38 33.81 -40.65
C VAL A 493 -33.07 34.82 -39.75
N ASP A 494 -32.28 35.63 -39.04
CA ASP A 494 -32.84 36.61 -38.13
C ASP A 494 -33.48 37.75 -38.90
N GLU A 495 -34.74 38.05 -38.56
CA GLU A 495 -35.45 39.18 -39.15
C GLU A 495 -35.29 40.45 -38.32
N THR A 496 -35.16 40.29 -37.00
CA THR A 496 -35.00 41.42 -36.10
C THR A 496 -33.72 42.21 -36.38
N TYR A 497 -32.74 41.61 -37.06
CA TYR A 497 -31.44 42.24 -37.24
C TYR A 497 -31.50 43.38 -38.25
N VAL A 498 -30.81 44.47 -37.93
CA VAL A 498 -30.71 45.64 -38.81
C VAL A 498 -29.37 45.55 -39.52
N PRO A 499 -29.35 45.53 -40.86
CA PRO A 499 -28.09 45.36 -41.58
C PRO A 499 -27.03 46.36 -41.18
N LYS A 500 -25.78 45.91 -41.22
CA LYS A 500 -24.64 46.77 -40.92
C LYS A 500 -24.36 47.67 -42.10
N GLU A 501 -23.99 48.91 -41.82
CA GLU A 501 -23.59 49.82 -42.88
C GLU A 501 -22.33 49.29 -43.54
N PHE A 502 -22.40 49.07 -44.86
CA PHE A 502 -21.28 48.53 -45.62
C PHE A 502 -20.04 49.40 -45.42
N ASN A 503 -19.07 48.89 -44.68
CA ASN A 503 -17.78 49.54 -44.53
C ASN A 503 -16.76 48.85 -45.42
N ALA A 504 -16.09 49.62 -46.27
CA ALA A 504 -15.17 49.08 -47.27
C ALA A 504 -13.78 48.82 -46.70
N GLU A 505 -13.56 49.11 -45.42
CA GLU A 505 -12.29 48.83 -44.77
C GLU A 505 -12.05 47.33 -44.58
N THR A 506 -13.07 46.51 -44.79
CA THR A 506 -12.95 45.07 -44.58
C THR A 506 -12.58 44.33 -45.85
N PHE A 507 -12.76 44.96 -47.03
CA PHE A 507 -12.56 44.31 -48.30
C PHE A 507 -11.37 44.88 -49.08
N THR A 508 -10.58 45.74 -48.44
CA THR A 508 -9.39 46.32 -49.04
C THR A 508 -8.19 45.80 -48.25
N PHE A 509 -7.44 44.89 -48.85
CA PHE A 509 -6.25 44.32 -48.23
C PHE A 509 -4.99 44.93 -48.82
N HIS A 510 -3.88 44.73 -48.11
CA HIS A 510 -2.58 45.20 -48.54
C HIS A 510 -1.74 44.01 -48.97
N ALA A 511 -0.50 44.30 -49.39
CA ALA A 511 0.37 43.25 -49.88
C ALA A 511 0.86 42.34 -48.75
N ASP A 512 0.63 42.69 -47.48
CA ASP A 512 1.02 41.82 -46.37
C ASP A 512 0.31 40.47 -46.41
N ILE A 513 -0.83 40.39 -47.09
CA ILE A 513 -1.59 39.16 -47.15
C ILE A 513 -0.85 38.05 -47.89
N CYS A 514 0.15 38.39 -48.72
CA CYS A 514 0.88 37.36 -49.47
C CYS A 514 1.92 36.65 -48.63
N THR A 515 2.31 37.21 -47.48
CA THR A 515 3.22 36.52 -46.58
C THR A 515 2.49 35.76 -45.48
N LEU A 516 1.17 35.67 -45.55
CA LEU A 516 0.41 35.01 -44.50
C LEU A 516 0.28 33.52 -44.80
N SER A 517 -0.06 32.77 -43.77
CA SER A 517 -0.32 31.34 -43.96
C SER A 517 -1.66 31.14 -44.65
N GLU A 518 -1.88 29.93 -45.15
CA GLU A 518 -3.18 29.64 -45.73
C GLU A 518 -4.28 29.77 -44.68
N LYS A 519 -4.01 29.35 -43.44
CA LYS A 519 -4.96 29.53 -42.36
C LYS A 519 -5.21 31.01 -42.09
N GLU A 520 -4.16 31.76 -41.73
CA GLU A 520 -4.33 33.17 -41.38
C GLU A 520 -4.92 33.97 -42.52
N ARG A 521 -4.60 33.61 -43.77
CA ARG A 521 -5.20 34.28 -44.91
C ARG A 521 -6.68 33.95 -45.05
N GLN A 522 -7.01 32.66 -44.92
CA GLN A 522 -8.42 32.25 -44.96
C GLN A 522 -9.23 32.89 -43.84
N ILE A 523 -8.62 33.08 -42.67
CA ILE A 523 -9.31 33.79 -41.60
C ILE A 523 -9.62 35.22 -42.04
N LYS A 524 -8.70 35.83 -42.80
CA LYS A 524 -8.96 37.17 -43.31
C LYS A 524 -10.07 37.17 -44.35
N LYS A 525 -10.07 36.18 -45.25
CA LYS A 525 -11.16 36.07 -46.21
C LYS A 525 -12.48 35.82 -45.50
N GLN A 526 -12.49 34.89 -44.54
CA GLN A 526 -13.70 34.55 -43.82
C GLN A 526 -14.20 35.72 -42.98
N THR A 527 -13.29 36.51 -42.41
CA THR A 527 -13.70 37.68 -41.64
C THR A 527 -14.42 38.70 -42.52
N ALA A 528 -14.09 38.75 -43.82
CA ALA A 528 -14.85 39.58 -44.73
C ALA A 528 -16.24 39.01 -44.95
N LEU A 529 -16.33 37.69 -45.13
CA LEU A 529 -17.61 37.04 -45.39
C LEU A 529 -18.64 37.35 -44.31
N VAL A 530 -18.23 37.37 -43.05
CA VAL A 530 -19.16 37.70 -41.97
C VAL A 530 -19.62 39.15 -42.09
N GLU A 531 -18.68 40.06 -42.30
CA GLU A 531 -19.05 41.47 -42.40
C GLU A 531 -19.85 41.74 -43.66
N LEU A 532 -19.72 40.88 -44.67
CA LEU A 532 -20.57 40.98 -45.85
C LEU A 532 -21.99 40.56 -45.53
N VAL A 533 -22.15 39.41 -44.87
CA VAL A 533 -23.47 38.91 -44.51
C VAL A 533 -24.14 39.84 -43.51
N LYS A 534 -23.39 40.37 -42.54
CA LYS A 534 -23.96 41.32 -41.59
C LYS A 534 -24.52 42.55 -42.31
N HIS A 535 -23.94 42.90 -43.47
CA HIS A 535 -24.45 44.03 -44.23
C HIS A 535 -25.64 43.65 -45.10
N LYS A 536 -25.57 42.48 -45.75
CA LYS A 536 -26.63 42.00 -46.64
C LYS A 536 -27.17 40.69 -46.11
N PRO A 537 -27.97 40.73 -45.03
CA PRO A 537 -28.44 39.48 -44.41
C PRO A 537 -29.36 38.64 -45.27
N LYS A 538 -29.84 39.16 -46.40
CA LYS A 538 -30.74 38.41 -47.29
C LYS A 538 -30.07 37.97 -48.57
N ALA A 539 -28.75 38.03 -48.65
CA ALA A 539 -28.04 37.62 -49.85
C ALA A 539 -28.22 36.11 -50.09
N THR A 540 -28.31 35.73 -51.36
CA THR A 540 -28.43 34.33 -51.71
C THR A 540 -27.09 33.63 -51.44
N LYS A 541 -27.17 32.32 -51.16
CA LYS A 541 -25.95 31.54 -50.93
C LYS A 541 -25.10 31.49 -52.18
N GLU A 542 -25.72 31.44 -53.36
CA GLU A 542 -24.96 31.47 -54.59
C GLU A 542 -24.39 32.85 -54.85
N GLN A 543 -25.13 33.91 -54.46
CA GLN A 543 -24.62 35.27 -54.61
C GLN A 543 -23.41 35.51 -53.71
N LEU A 544 -23.44 34.98 -52.48
CA LEU A 544 -22.30 35.15 -51.57
C LEU A 544 -21.09 34.37 -52.04
N LYS A 545 -21.29 33.28 -52.79
CA LYS A 545 -20.17 32.54 -53.36
C LYS A 545 -19.56 33.26 -54.56
N ALA A 546 -20.32 34.15 -55.22
CA ALA A 546 -19.76 34.90 -56.33
C ALA A 546 -18.71 35.89 -55.86
N VAL A 547 -19.04 36.64 -54.81
CA VAL A 547 -18.09 37.60 -54.25
C VAL A 547 -16.83 36.88 -53.76
N MET A 548 -17.02 35.80 -53.00
CA MET A 548 -15.88 35.07 -52.44
C MET A 548 -15.01 34.47 -53.54
N ASP A 549 -15.61 33.99 -54.63
CA ASP A 549 -14.81 33.49 -55.74
C ASP A 549 -14.09 34.63 -56.45
N ASP A 550 -14.74 35.79 -56.56
CA ASP A 550 -14.04 36.96 -57.07
C ASP A 550 -13.01 37.46 -56.05
N PHE A 551 -13.24 37.23 -54.76
CA PHE A 551 -12.25 37.56 -53.73
C PHE A 551 -10.97 36.77 -53.92
N ALA A 552 -11.08 35.44 -54.01
CA ALA A 552 -9.88 34.59 -54.06
C ALA A 552 -9.10 34.81 -55.34
N ALA A 553 -9.79 35.04 -56.45
CA ALA A 553 -9.11 35.35 -57.70
C ALA A 553 -8.38 36.69 -57.60
N PHE A 554 -8.92 37.61 -56.80
CA PHE A 554 -8.28 38.90 -56.61
C PHE A 554 -6.97 38.77 -55.83
N VAL A 555 -6.97 38.02 -54.73
CA VAL A 555 -5.76 37.90 -53.92
C VAL A 555 -4.69 37.11 -54.67
N GLU A 556 -5.09 36.09 -55.42
CA GLU A 556 -4.13 35.33 -56.20
C GLU A 556 -3.46 36.21 -57.25
N LYS A 557 -4.26 37.00 -57.97
CA LYS A 557 -3.72 37.84 -59.05
C LYS A 557 -2.71 38.86 -58.51
N CYS A 558 -3.08 39.59 -57.47
CA CYS A 558 -2.21 40.68 -57.03
C CYS A 558 -1.03 40.19 -56.21
N CYS A 559 -1.07 38.96 -55.70
CA CYS A 559 0.13 38.39 -55.09
C CYS A 559 1.10 37.86 -56.13
N LYS A 560 0.64 37.65 -57.38
CA LYS A 560 1.52 37.28 -58.48
C LYS A 560 2.14 38.50 -59.14
N ALA A 561 1.50 39.65 -59.05
CA ALA A 561 1.93 40.83 -59.77
C ALA A 561 3.32 41.26 -59.33
N ASP A 562 4.04 41.89 -60.26
CA ASP A 562 5.33 42.48 -59.91
C ASP A 562 5.13 43.66 -58.97
N ASP A 563 4.12 44.49 -59.24
CA ASP A 563 3.77 45.62 -58.40
C ASP A 563 2.57 45.22 -57.53
N LYS A 564 2.87 44.54 -56.42
CA LYS A 564 1.79 43.98 -55.60
C LYS A 564 1.03 45.06 -54.86
N GLU A 565 1.75 46.00 -54.23
CA GLU A 565 1.09 47.06 -53.47
C GLU A 565 0.14 47.87 -54.35
N THR A 566 0.53 48.12 -55.59
CA THR A 566 -0.29 48.97 -56.46
C THR A 566 -1.62 48.32 -56.80
N CYS A 567 -1.61 47.10 -57.34
CA CYS A 567 -2.88 46.55 -57.78
C CYS A 567 -3.73 46.06 -56.63
N PHE A 568 -3.19 45.94 -55.42
CA PHE A 568 -4.07 45.72 -54.27
C PHE A 568 -4.91 46.96 -54.02
N ALA A 569 -4.32 48.15 -54.21
CA ALA A 569 -5.09 49.38 -54.05
C ALA A 569 -6.07 49.57 -55.20
N GLU A 570 -5.59 49.44 -56.43
CA GLU A 570 -6.40 49.79 -57.60
C GLU A 570 -7.44 48.72 -57.90
N GLU A 571 -6.99 47.47 -58.09
CA GLU A 571 -7.94 46.38 -58.35
C GLU A 571 -8.83 46.11 -57.14
N GLY A 572 -8.35 46.44 -55.94
CA GLY A 572 -9.21 46.36 -54.76
C GLY A 572 -10.43 47.26 -54.87
N LYS A 573 -10.22 48.50 -55.33
CA LYS A 573 -11.35 49.39 -55.58
C LYS A 573 -12.31 48.79 -56.59
N LYS A 574 -11.79 48.18 -57.65
CA LYS A 574 -12.64 47.54 -58.66
C LYS A 574 -13.46 46.42 -58.04
N LEU A 575 -12.83 45.57 -57.23
CA LEU A 575 -13.55 44.44 -56.63
C LEU A 575 -14.63 44.90 -55.66
N VAL A 576 -14.41 46.03 -54.98
CA VAL A 576 -15.44 46.57 -54.08
C VAL A 576 -16.66 47.01 -54.87
N ALA A 577 -16.45 47.65 -56.03
CA ALA A 577 -17.56 48.14 -56.83
C ALA A 577 -18.48 47.01 -57.27
N ALA A 578 -17.91 45.93 -57.80
CA ALA A 578 -18.73 44.82 -58.30
C ALA A 578 -19.53 44.16 -57.18
N SER A 579 -18.92 44.03 -55.99
CA SER A 579 -19.64 43.42 -54.87
C SER A 579 -20.81 44.29 -54.43
N GLN A 580 -20.59 45.60 -54.31
CA GLN A 580 -21.68 46.50 -53.93
C GLN A 580 -22.77 46.51 -55.00
N ALA A 581 -22.39 46.43 -56.27
CA ALA A 581 -23.36 46.43 -57.37
C ALA A 581 -24.22 45.18 -57.37
N ALA A 582 -23.72 44.07 -56.84
CA ALA A 582 -24.49 42.83 -56.78
C ALA A 582 -24.97 42.55 -55.36
N VAL B 2 -38.61 1.51 3.10
CA VAL B 2 -37.48 0.63 2.79
C VAL B 2 -37.38 -0.48 3.83
N GLN B 3 -37.73 -1.69 3.43
CA GLN B 3 -37.83 -2.81 4.37
C GLN B 3 -37.01 -3.98 3.88
N LEU B 4 -36.40 -4.70 4.82
CA LEU B 4 -35.63 -5.92 4.54
C LEU B 4 -36.10 -6.95 5.56
N VAL B 5 -37.08 -7.75 5.16
CA VAL B 5 -37.74 -8.70 6.05
C VAL B 5 -37.08 -10.05 5.88
N GLN B 6 -36.37 -10.52 6.90
CA GLN B 6 -35.60 -11.74 6.82
C GLN B 6 -36.41 -12.96 7.29
N SER B 7 -35.96 -14.14 6.87
CA SER B 7 -36.64 -15.38 7.18
C SER B 7 -35.68 -16.54 6.95
N GLY B 8 -35.91 -17.63 7.69
CA GLY B 8 -35.36 -18.91 7.33
C GLY B 8 -34.13 -19.40 8.07
N GLY B 9 -33.79 -18.84 9.22
CA GLY B 9 -32.60 -19.32 9.92
C GLY B 9 -32.85 -20.51 10.82
N GLY B 10 -32.32 -20.47 12.04
CA GLY B 10 -32.60 -21.48 13.02
C GLY B 10 -31.40 -22.37 13.32
N PRO B 11 -31.65 -23.46 14.06
CA PRO B 11 -30.58 -24.40 14.36
C PRO B 11 -30.43 -25.49 13.31
N VAL B 12 -29.20 -25.96 13.17
CA VAL B 12 -28.86 -27.12 12.34
C VAL B 12 -27.77 -27.92 13.02
N LYS B 13 -27.57 -29.13 12.53
CA LYS B 13 -26.47 -29.96 12.98
C LYS B 13 -25.28 -29.76 12.05
N PRO B 14 -24.06 -29.97 12.55
CA PRO B 14 -22.87 -29.81 11.71
C PRO B 14 -22.98 -30.63 10.42
N GLY B 15 -22.67 -29.97 9.30
CA GLY B 15 -22.83 -30.55 7.99
C GLY B 15 -24.20 -30.32 7.36
N GLY B 16 -25.15 -29.76 8.11
CA GLY B 16 -26.49 -29.58 7.61
C GLY B 16 -26.63 -28.38 6.69
N SER B 17 -27.87 -28.11 6.31
CA SER B 17 -28.19 -27.06 5.36
C SER B 17 -29.28 -26.14 5.91
N LEU B 18 -29.21 -24.88 5.47
CA LEU B 18 -30.20 -23.87 5.78
C LEU B 18 -30.33 -22.97 4.56
N ARG B 19 -31.42 -22.22 4.51
CA ARG B 19 -31.70 -21.32 3.40
C ARG B 19 -32.25 -20.03 3.97
N LEU B 20 -31.49 -18.95 3.82
CA LEU B 20 -31.91 -17.65 4.32
C LEU B 20 -32.63 -16.85 3.24
N SER B 21 -33.68 -16.15 3.63
CA SER B 21 -34.48 -15.32 2.74
C SER B 21 -34.44 -13.88 3.22
N CYS B 22 -34.52 -12.96 2.25
CA CYS B 22 -34.62 -11.53 2.52
C CYS B 22 -35.65 -11.01 1.54
N ALA B 23 -36.79 -10.54 2.03
CA ALA B 23 -37.84 -9.98 1.20
C ALA B 23 -37.75 -8.46 1.28
N ALA B 24 -37.44 -7.83 0.16
CA ALA B 24 -37.23 -6.40 0.14
C ALA B 24 -38.46 -5.67 -0.41
N SER B 25 -38.61 -4.42 0.03
CA SER B 25 -39.70 -3.58 -0.42
C SER B 25 -39.37 -2.15 -0.06
N GLY B 26 -39.92 -1.21 -0.82
CA GLY B 26 -39.69 0.20 -0.57
C GLY B 26 -38.63 0.83 -1.45
N PHE B 27 -38.02 0.06 -2.35
CA PHE B 27 -36.99 0.58 -3.25
C PHE B 27 -36.91 -0.32 -4.47
N MET B 28 -36.32 0.21 -5.53
CA MET B 28 -36.21 -0.58 -6.76
C MET B 28 -35.16 -1.66 -6.57
N PHE B 29 -35.58 -2.80 -6.01
CA PHE B 29 -34.67 -3.86 -5.63
C PHE B 29 -33.76 -4.26 -6.80
N ARG B 30 -34.26 -4.19 -8.03
CA ARG B 30 -33.53 -4.70 -9.18
C ARG B 30 -32.29 -3.87 -9.52
N ALA B 31 -32.12 -2.70 -8.90
CA ALA B 31 -30.99 -1.84 -9.21
C ALA B 31 -29.88 -1.89 -8.17
N TYR B 32 -30.10 -2.52 -7.03
CA TYR B 32 -29.14 -2.47 -5.93
C TYR B 32 -28.38 -3.80 -5.82
N SER B 33 -27.13 -3.71 -5.41
CA SER B 33 -26.41 -4.90 -4.99
C SER B 33 -26.80 -5.25 -3.57
N MET B 34 -26.96 -6.54 -3.31
CA MET B 34 -27.34 -7.02 -2.00
C MET B 34 -26.16 -7.78 -1.40
N ASN B 35 -26.08 -7.75 -0.07
CA ASN B 35 -24.97 -8.37 0.65
C ASN B 35 -25.50 -9.24 1.79
N TRP B 36 -24.69 -10.20 2.20
CA TRP B 36 -24.91 -10.96 3.41
C TRP B 36 -23.75 -10.68 4.36
N VAL B 37 -24.06 -10.22 5.56
CA VAL B 37 -23.06 -9.98 6.60
C VAL B 37 -23.49 -10.76 7.83
N ARG B 38 -22.53 -11.39 8.50
CA ARG B 38 -22.83 -12.16 9.69
C ARG B 38 -22.04 -11.62 10.87
N GLN B 39 -22.54 -11.94 12.06
CA GLN B 39 -21.93 -11.54 13.33
C GLN B 39 -22.11 -12.68 14.32
N ALA B 40 -21.00 -13.28 14.74
CA ALA B 40 -21.09 -14.32 15.74
C ALA B 40 -21.42 -13.70 17.09
N PRO B 41 -22.07 -14.45 17.98
CA PRO B 41 -22.46 -13.87 19.29
C PRO B 41 -21.24 -13.33 20.03
N GLY B 42 -21.27 -12.02 20.29
CA GLY B 42 -20.20 -11.35 20.99
C GLY B 42 -19.00 -10.94 20.14
N LYS B 43 -19.06 -11.18 18.83
CA LYS B 43 -17.94 -10.90 17.94
C LYS B 43 -18.31 -9.76 16.99
N GLY B 44 -17.44 -9.53 16.01
CA GLY B 44 -17.60 -8.43 15.09
C GLY B 44 -18.34 -8.82 13.82
N LEU B 45 -18.35 -7.90 12.87
CA LEU B 45 -19.02 -8.09 11.60
C LEU B 45 -18.11 -8.82 10.63
N GLU B 46 -18.67 -9.78 9.90
CA GLU B 46 -17.94 -10.49 8.86
C GLU B 46 -18.78 -10.50 7.60
N TRP B 47 -18.17 -10.07 6.49
CA TRP B 47 -18.84 -10.10 5.21
C TRP B 47 -18.83 -11.51 4.65
N VAL B 48 -19.97 -11.97 4.16
CA VAL B 48 -20.16 -13.34 3.69
C VAL B 48 -20.20 -13.40 2.17
N SER B 49 -21.22 -12.80 1.57
CA SER B 49 -21.39 -12.83 0.12
C SER B 49 -21.97 -11.50 -0.35
N SER B 50 -21.94 -11.32 -1.68
CA SER B 50 -22.44 -10.11 -2.30
C SER B 50 -22.86 -10.46 -3.72
N ILE B 51 -24.06 -10.02 -4.11
CA ILE B 51 -24.58 -10.25 -5.45
C ILE B 51 -24.99 -8.92 -6.07
N SER B 52 -24.69 -8.76 -7.35
CA SER B 52 -24.93 -7.50 -8.03
C SER B 52 -26.40 -7.36 -8.42
N SER B 53 -26.74 -6.24 -9.06
CA SER B 53 -28.13 -5.97 -9.43
C SER B 53 -28.71 -7.11 -10.25
N SER B 54 -28.08 -7.42 -11.39
CA SER B 54 -28.55 -8.46 -12.29
C SER B 54 -28.13 -9.85 -11.86
N GLY B 55 -27.34 -9.98 -10.80
CA GLY B 55 -26.79 -11.26 -10.43
C GLY B 55 -25.62 -11.69 -11.28
N ARG B 56 -24.98 -10.75 -11.97
CA ARG B 56 -23.89 -11.12 -12.87
C ARG B 56 -22.59 -11.34 -12.10
N TYR B 57 -22.33 -10.50 -11.10
CA TYR B 57 -21.09 -10.53 -10.34
C TYR B 57 -21.40 -11.03 -8.94
N ILE B 58 -20.79 -12.14 -8.56
CA ILE B 58 -21.04 -12.78 -7.27
C ILE B 58 -19.70 -12.96 -6.57
N HIS B 59 -19.68 -12.70 -5.27
CA HIS B 59 -18.45 -12.78 -4.49
C HIS B 59 -18.73 -13.44 -3.15
N TYR B 60 -17.77 -14.23 -2.69
CA TYR B 60 -17.88 -14.91 -1.42
C TYR B 60 -16.64 -14.63 -0.58
N ALA B 61 -16.80 -14.70 0.73
CA ALA B 61 -15.65 -14.73 1.61
C ALA B 61 -14.97 -16.08 1.50
N ASP B 62 -13.65 -16.10 1.75
CA ASP B 62 -12.90 -17.34 1.63
C ASP B 62 -13.48 -18.44 2.50
N SER B 63 -13.98 -18.07 3.67
CA SER B 63 -14.45 -19.06 4.63
C SER B 63 -15.63 -19.87 4.07
N VAL B 64 -16.55 -19.20 3.37
CA VAL B 64 -17.74 -19.87 2.88
C VAL B 64 -17.62 -20.30 1.42
N LYS B 65 -16.53 -19.96 0.74
CA LYS B 65 -16.31 -20.37 -0.65
C LYS B 65 -16.45 -21.89 -0.76
N GLY B 66 -17.31 -22.35 -1.66
CA GLY B 66 -17.51 -23.75 -1.87
C GLY B 66 -18.72 -24.33 -1.17
N ARG B 67 -19.20 -23.67 -0.10
CA ARG B 67 -20.33 -24.16 0.68
C ARG B 67 -21.57 -23.29 0.57
N PHE B 68 -21.42 -21.95 0.54
CA PHE B 68 -22.56 -21.06 0.47
C PHE B 68 -22.82 -20.62 -0.98
N THR B 69 -24.09 -20.43 -1.31
CA THR B 69 -24.48 -19.97 -2.64
C THR B 69 -25.50 -18.86 -2.50
N ILE B 70 -25.15 -17.68 -3.01
CA ILE B 70 -26.03 -16.51 -2.96
C ILE B 70 -26.81 -16.45 -4.27
N SER B 71 -28.02 -15.90 -4.19
CA SER B 71 -28.85 -15.74 -5.38
C SER B 71 -29.95 -14.74 -5.05
N ARG B 72 -30.64 -14.29 -6.09
CA ARG B 72 -31.75 -13.37 -5.90
C ARG B 72 -32.79 -13.62 -6.97
N ASP B 73 -34.04 -13.26 -6.64
CA ASP B 73 -35.16 -13.32 -7.56
C ASP B 73 -35.62 -11.87 -7.73
N ASN B 74 -35.24 -11.27 -8.86
CA ASN B 74 -35.60 -9.86 -9.05
C ASN B 74 -37.10 -9.68 -9.25
N ALA B 75 -37.80 -10.73 -9.72
CA ALA B 75 -39.25 -10.62 -9.88
C ALA B 75 -39.94 -10.62 -8.53
N LYS B 76 -39.44 -11.40 -7.57
CA LYS B 76 -40.03 -11.51 -6.24
C LYS B 76 -39.38 -10.57 -5.22
N ASN B 77 -38.43 -9.75 -5.64
CA ASN B 77 -37.77 -8.78 -4.76
C ASN B 77 -37.13 -9.47 -3.55
N SER B 78 -36.49 -10.61 -3.79
CA SER B 78 -35.99 -11.44 -2.71
C SER B 78 -34.52 -11.79 -2.93
N LEU B 79 -33.82 -11.90 -1.81
CA LEU B 79 -32.42 -12.31 -1.77
C LEU B 79 -32.34 -13.61 -0.98
N TYR B 80 -31.47 -14.51 -1.43
CA TYR B 80 -31.37 -15.82 -0.82
C TYR B 80 -29.92 -16.13 -0.47
N LEU B 81 -29.75 -17.01 0.53
CA LEU B 81 -28.45 -17.54 0.88
C LEU B 81 -28.63 -19.02 1.20
N GLN B 82 -28.06 -19.88 0.36
CA GLN B 82 -28.06 -21.31 0.58
C GLN B 82 -26.78 -21.68 1.31
N MET B 83 -26.90 -22.19 2.52
CA MET B 83 -25.75 -22.56 3.34
C MET B 83 -25.69 -24.08 3.42
N ASN B 84 -24.71 -24.68 2.74
CA ASN B 84 -24.49 -26.11 2.79
C ASN B 84 -23.21 -26.40 3.56
N SER B 85 -23.07 -27.66 3.98
CA SER B 85 -21.91 -28.11 4.75
C SER B 85 -21.65 -27.19 5.94
N LEU B 86 -22.69 -26.96 6.74
CA LEU B 86 -22.59 -25.95 7.77
C LEU B 86 -21.64 -26.38 8.89
N ARG B 87 -20.97 -25.40 9.46
CA ARG B 87 -19.96 -25.60 10.48
C ARG B 87 -20.36 -24.89 11.77
N ALA B 88 -19.68 -25.24 12.86
CA ALA B 88 -19.98 -24.59 14.13
C ALA B 88 -19.46 -23.16 14.16
N GLU B 89 -18.47 -22.85 13.32
CA GLU B 89 -17.97 -21.49 13.20
C GLU B 89 -18.87 -20.63 12.32
N ASP B 90 -19.87 -21.22 11.69
CA ASP B 90 -20.82 -20.45 10.91
C ASP B 90 -21.98 -19.96 11.76
N THR B 91 -22.01 -20.33 13.05
CA THR B 91 -23.03 -19.84 13.97
C THR B 91 -22.89 -18.34 14.13
N ALA B 92 -23.94 -17.62 13.78
CA ALA B 92 -23.92 -16.16 13.83
C ALA B 92 -25.33 -15.64 13.57
N VAL B 93 -25.49 -14.33 13.69
CA VAL B 93 -26.67 -13.65 13.18
C VAL B 93 -26.34 -13.15 11.78
N TYR B 94 -27.15 -13.53 10.80
CA TYR B 94 -26.91 -13.20 9.41
C TYR B 94 -27.80 -12.04 8.99
N TYR B 95 -27.20 -11.01 8.40
CA TYR B 95 -27.92 -9.82 7.98
C TYR B 95 -27.86 -9.72 6.45
N CYS B 96 -29.01 -9.43 5.83
CA CYS B 96 -29.01 -8.95 4.46
C CYS B 96 -28.91 -7.43 4.50
N ALA B 97 -27.88 -6.89 3.86
CA ALA B 97 -27.69 -5.46 3.76
C ALA B 97 -27.78 -5.04 2.31
N ARG B 98 -28.17 -3.80 2.08
CA ARG B 98 -28.27 -3.23 0.74
C ARG B 98 -27.09 -2.29 0.53
N GLU B 99 -26.52 -2.32 -0.67
CA GLU B 99 -25.45 -1.39 -0.99
C GLU B 99 -26.01 -0.05 -1.42
N THR B 100 -25.25 1.01 -1.14
CA THR B 100 -25.60 2.33 -1.64
C THR B 100 -25.57 2.32 -3.16
N VAL B 101 -26.58 2.92 -3.78
CA VAL B 101 -26.69 2.77 -5.23
C VAL B 101 -25.65 3.62 -5.95
N MET B 102 -25.26 4.76 -5.37
CA MET B 102 -24.30 5.63 -6.04
C MET B 102 -23.23 6.19 -5.11
N ALA B 103 -23.21 5.81 -3.83
CA ALA B 103 -22.26 6.35 -2.88
C ALA B 103 -21.08 5.41 -2.66
N GLY B 104 -21.00 4.33 -3.44
CA GLY B 104 -19.98 3.33 -3.24
C GLY B 104 -20.60 1.99 -2.95
N LYS B 105 -19.86 1.12 -2.30
CA LYS B 105 -20.35 -0.19 -1.89
C LYS B 105 -20.47 -0.25 -0.38
N ALA B 106 -20.98 0.82 0.23
CA ALA B 106 -21.29 0.79 1.64
C ALA B 106 -22.71 0.25 1.82
N LEU B 107 -22.99 -0.23 3.02
CA LEU B 107 -24.25 -0.89 3.29
C LEU B 107 -25.10 0.07 4.11
N ASP B 108 -26.15 0.61 3.49
CA ASP B 108 -26.93 1.67 4.12
C ASP B 108 -28.18 1.17 4.83
N TYR B 109 -28.83 0.11 4.34
CA TYR B 109 -29.99 -0.48 5.01
C TYR B 109 -29.71 -1.95 5.31
N TRP B 110 -29.91 -2.33 6.56
CA TRP B 110 -29.73 -3.70 7.01
C TRP B 110 -31.07 -4.30 7.43
N GLY B 111 -31.14 -5.63 7.36
CA GLY B 111 -32.29 -6.33 7.86
C GLY B 111 -32.20 -6.51 9.35
N GLN B 112 -33.25 -7.09 9.92
CA GLN B 112 -33.28 -7.29 11.37
C GLN B 112 -32.26 -8.32 11.81
N GLY B 113 -31.84 -9.19 10.92
CA GLY B 113 -30.92 -10.24 11.26
C GLY B 113 -31.64 -11.55 11.53
N THR B 114 -30.95 -12.65 11.23
CA THR B 114 -31.46 -13.99 11.47
C THR B 114 -30.37 -14.79 12.16
N LEU B 115 -30.74 -15.50 13.23
CA LEU B 115 -29.77 -16.28 14.01
C LEU B 115 -29.69 -17.70 13.46
N VAL B 116 -28.47 -18.14 13.19
CA VAL B 116 -28.18 -19.49 12.73
C VAL B 116 -27.23 -20.14 13.73
N THR B 117 -27.69 -21.20 14.38
CA THR B 117 -26.91 -21.94 15.37
C THR B 117 -26.60 -23.32 14.84
N VAL B 118 -25.32 -23.62 14.68
CA VAL B 118 -24.87 -24.91 14.17
C VAL B 118 -24.31 -25.69 15.35
N SER B 119 -25.08 -26.66 15.84
CA SER B 119 -24.73 -27.45 17.02
C SER B 119 -25.24 -28.87 16.86
N SER B 120 -24.62 -29.79 17.61
CA SER B 120 -25.14 -31.15 17.66
C SER B 120 -26.27 -31.28 18.67
N ALA B 121 -26.57 -30.22 19.41
CA ALA B 121 -27.71 -30.20 20.31
C ALA B 121 -29.00 -30.07 19.52
N SER B 122 -30.12 -30.38 20.19
CA SER B 122 -31.43 -30.31 19.55
C SER B 122 -32.36 -29.46 20.41
N THR B 123 -33.33 -28.82 19.75
CA THR B 123 -34.20 -27.84 20.40
C THR B 123 -34.87 -28.40 21.65
N LYS B 124 -34.59 -27.76 22.79
CA LYS B 124 -35.09 -28.16 24.09
C LYS B 124 -35.57 -26.93 24.85
N GLY B 125 -36.70 -27.08 25.53
CA GLY B 125 -37.21 -26.03 26.38
C GLY B 125 -36.48 -25.97 27.71
N PRO B 126 -36.48 -24.81 28.34
CA PRO B 126 -35.73 -24.65 29.58
C PRO B 126 -36.49 -25.16 30.80
N SER B 127 -35.74 -25.32 31.88
CA SER B 127 -36.29 -25.59 33.21
C SER B 127 -36.10 -24.31 34.01
N ALA B 128 -37.22 -23.64 34.35
CA ALA B 128 -37.17 -22.37 35.08
C ALA B 128 -37.13 -22.69 36.58
N SER B 129 -35.92 -22.77 37.13
CA SER B 129 -35.73 -22.96 38.55
C SER B 129 -35.74 -21.60 39.27
N THR B 130 -35.76 -21.65 40.59
CA THR B 130 -35.98 -20.48 41.43
C THR B 130 -34.68 -19.95 42.03
N LYS B 131 -34.66 -18.64 42.30
CA LYS B 131 -33.55 -17.95 42.98
C LYS B 131 -34.16 -17.09 44.09
N GLY B 132 -34.49 -17.73 45.21
CA GLY B 132 -35.17 -17.08 46.31
C GLY B 132 -34.26 -16.17 47.12
N PRO B 133 -34.84 -15.10 47.71
CA PRO B 133 -34.14 -14.12 48.54
C PRO B 133 -33.27 -14.74 49.64
N THR B 149 -33.37 -3.71 50.83
CA THR B 149 -32.97 -4.07 49.47
C THR B 149 -32.56 -5.56 49.38
N ALA B 150 -33.35 -6.33 48.66
CA ALA B 150 -33.11 -7.76 48.50
C ALA B 150 -33.13 -8.13 47.02
N ALA B 151 -32.56 -9.29 46.71
CA ALA B 151 -32.41 -9.74 45.33
C ALA B 151 -32.97 -11.14 45.19
N LEU B 152 -33.95 -11.30 44.30
CA LEU B 152 -34.49 -12.58 43.91
C LEU B 152 -34.37 -12.72 42.39
N GLY B 153 -34.63 -13.91 41.88
CA GLY B 153 -34.48 -14.10 40.46
C GLY B 153 -34.92 -15.47 39.99
N CYS B 154 -34.64 -15.74 38.71
CA CYS B 154 -34.97 -16.99 38.05
C CYS B 154 -33.74 -17.53 37.33
N LEU B 155 -33.61 -18.86 37.35
CA LEU B 155 -32.53 -19.56 36.66
C LEU B 155 -33.15 -20.33 35.49
N VAL B 156 -32.94 -19.83 34.27
CA VAL B 156 -33.48 -20.45 33.06
C VAL B 156 -32.37 -21.33 32.48
N LYS B 157 -32.48 -22.64 32.70
CA LYS B 157 -31.35 -23.53 32.49
C LYS B 157 -31.67 -24.63 31.48
N ASP B 158 -30.64 -25.04 30.73
CA ASP B 158 -30.68 -26.16 29.78
C ASP B 158 -31.77 -25.99 28.73
N TYR B 159 -31.53 -25.03 27.84
CA TYR B 159 -32.37 -24.81 26.67
C TYR B 159 -31.50 -24.64 25.44
N PHE B 160 -32.10 -24.89 24.27
CA PHE B 160 -31.43 -24.72 22.98
C PHE B 160 -32.48 -24.57 21.90
N PRO B 161 -32.28 -23.69 20.90
CA PRO B 161 -31.18 -22.72 20.85
C PRO B 161 -31.60 -21.40 21.47
N GLU B 162 -30.87 -20.34 21.18
CA GLU B 162 -31.27 -19.03 21.65
C GLU B 162 -32.38 -18.49 20.76
N PRO B 163 -33.20 -17.56 21.27
CA PRO B 163 -33.15 -16.97 22.60
C PRO B 163 -34.32 -17.37 23.49
N VAL B 164 -34.28 -16.91 24.73
CA VAL B 164 -35.47 -16.89 25.57
C VAL B 164 -35.82 -15.43 25.84
N THR B 165 -37.10 -15.17 26.07
CA THR B 165 -37.56 -13.89 26.58
C THR B 165 -38.02 -14.08 28.01
N VAL B 166 -37.57 -13.20 28.90
CA VAL B 166 -37.94 -13.24 30.30
C VAL B 166 -38.52 -11.91 30.71
N SER B 167 -39.68 -11.95 31.37
CA SER B 167 -40.31 -10.77 31.92
C SER B 167 -40.74 -11.09 33.35
N TRP B 168 -40.94 -10.05 34.13
CA TRP B 168 -41.36 -10.17 35.52
C TRP B 168 -42.73 -9.54 35.70
N ASN B 169 -43.64 -10.28 36.34
CA ASN B 169 -44.99 -9.81 36.63
C ASN B 169 -45.69 -9.30 35.38
N SER B 170 -45.70 -10.15 34.35
CA SER B 170 -46.40 -9.90 33.09
C SER B 170 -45.85 -8.66 32.37
N GLY B 171 -44.81 -8.05 32.92
CA GLY B 171 -44.18 -6.88 32.30
C GLY B 171 -44.29 -5.60 33.08
N ALA B 172 -44.92 -5.61 34.26
CA ALA B 172 -45.06 -4.41 35.08
C ALA B 172 -43.91 -4.22 36.05
N LEU B 173 -42.96 -5.14 36.10
CA LEU B 173 -41.78 -5.04 36.97
C LEU B 173 -40.56 -4.99 36.06
N THR B 174 -40.19 -3.78 35.63
CA THR B 174 -39.02 -3.60 34.77
C THR B 174 -37.83 -2.97 35.48
N SER B 175 -38.07 -2.06 36.43
CA SER B 175 -36.97 -1.38 37.10
C SER B 175 -36.27 -2.35 38.04
N GLY B 176 -34.94 -2.38 37.96
CA GLY B 176 -34.13 -3.25 38.79
C GLY B 176 -33.86 -4.61 38.21
N VAL B 177 -34.42 -4.94 37.05
CA VAL B 177 -34.26 -6.27 36.48
C VAL B 177 -32.94 -6.34 35.73
N HIS B 178 -32.27 -7.48 35.83
CA HIS B 178 -31.03 -7.76 35.11
C HIS B 178 -31.15 -9.17 34.54
N THR B 179 -31.48 -9.28 33.26
CA THR B 179 -31.46 -10.55 32.56
C THR B 179 -30.08 -10.71 31.91
N PHE B 180 -29.32 -11.68 32.38
CA PHE B 180 -27.94 -11.75 31.95
C PHE B 180 -27.82 -12.45 30.60
N PRO B 181 -26.80 -12.08 29.81
CA PRO B 181 -26.55 -12.81 28.57
C PRO B 181 -26.36 -14.28 28.86
N ALA B 182 -26.95 -15.12 28.00
CA ALA B 182 -26.86 -16.56 28.18
C ALA B 182 -25.44 -17.04 27.99
N VAL B 183 -25.08 -18.06 28.75
CA VAL B 183 -23.79 -18.71 28.64
C VAL B 183 -24.02 -20.13 28.13
N LEU B 184 -23.16 -20.58 27.23
CA LEU B 184 -23.27 -21.89 26.62
C LEU B 184 -22.57 -22.92 27.50
N GLN B 185 -23.31 -23.94 27.93
CA GLN B 185 -22.75 -24.97 28.79
C GLN B 185 -22.10 -26.06 27.94
N SER B 186 -21.31 -26.92 28.60
CA SER B 186 -20.62 -27.99 27.90
C SER B 186 -21.58 -28.98 27.27
N SER B 187 -22.81 -29.07 27.78
CA SER B 187 -23.80 -29.97 27.20
C SER B 187 -24.23 -29.52 25.80
N GLY B 188 -23.94 -28.29 25.43
CA GLY B 188 -24.49 -27.71 24.24
C GLY B 188 -25.75 -26.91 24.47
N LEU B 189 -26.19 -26.80 25.72
CA LEU B 189 -27.40 -26.08 26.09
C LEU B 189 -27.04 -24.75 26.77
N TYR B 190 -27.93 -23.78 26.64
CA TYR B 190 -27.70 -22.45 27.19
C TYR B 190 -28.33 -22.36 28.58
N SER B 191 -27.85 -21.39 29.36
CA SER B 191 -28.45 -21.13 30.66
C SER B 191 -28.13 -19.69 31.04
N LEU B 192 -29.14 -18.99 31.54
CA LEU B 192 -28.97 -17.62 31.98
C LEU B 192 -29.64 -17.42 33.33
N SER B 193 -29.55 -16.20 33.83
CA SER B 193 -30.14 -15.83 35.11
C SER B 193 -30.81 -14.48 34.96
N SER B 194 -32.00 -14.34 35.55
CA SER B 194 -32.74 -13.09 35.57
C SER B 194 -33.01 -12.72 37.01
N VAL B 195 -32.31 -11.70 37.51
CA VAL B 195 -32.47 -11.24 38.87
C VAL B 195 -33.19 -9.90 38.86
N VAL B 196 -33.93 -9.63 39.93
CA VAL B 196 -34.58 -8.34 40.13
C VAL B 196 -34.26 -7.87 41.55
N THR B 197 -34.13 -6.56 41.69
CA THR B 197 -33.84 -5.94 42.98
C THR B 197 -35.13 -5.35 43.53
N VAL B 198 -35.65 -5.97 44.59
CA VAL B 198 -36.89 -5.55 45.22
C VAL B 198 -36.58 -5.08 46.64
N PRO B 199 -37.36 -4.15 47.18
CA PRO B 199 -37.16 -3.74 48.59
C PRO B 199 -37.41 -4.90 49.53
N SER B 200 -36.60 -4.96 50.60
CA SER B 200 -36.72 -6.05 51.56
C SER B 200 -38.09 -6.09 52.21
N SER B 201 -38.69 -4.91 52.45
CA SER B 201 -40.01 -4.85 53.05
C SER B 201 -41.09 -5.40 52.12
N SER B 202 -40.94 -5.22 50.81
CA SER B 202 -41.95 -5.69 49.86
C SER B 202 -42.08 -7.21 49.85
N LEU B 203 -41.04 -7.93 50.26
CA LEU B 203 -41.07 -9.39 50.38
C LEU B 203 -42.22 -9.83 51.27
N GLY B 204 -43.12 -10.63 50.71
CA GLY B 204 -44.28 -11.08 51.47
C GLY B 204 -45.51 -10.25 51.18
N THR B 205 -45.30 -8.95 50.95
CA THR B 205 -46.38 -8.07 50.55
C THR B 205 -46.69 -8.19 49.07
N GLN B 206 -45.66 -8.40 48.24
CA GLN B 206 -45.79 -8.46 46.79
C GLN B 206 -45.39 -9.83 46.28
N THR B 207 -46.14 -10.34 45.29
CA THR B 207 -45.87 -11.64 44.68
C THR B 207 -45.10 -11.45 43.39
N TYR B 208 -43.86 -11.96 43.35
CA TYR B 208 -42.97 -11.80 42.20
C TYR B 208 -42.97 -13.06 41.34
N ILE B 209 -43.38 -12.91 40.07
CA ILE B 209 -43.43 -14.01 39.12
C ILE B 209 -42.61 -13.67 37.89
N CYS B 210 -41.76 -14.60 37.45
CA CYS B 210 -40.97 -14.44 36.23
C CYS B 210 -41.59 -15.30 35.14
N ASN B 211 -41.90 -14.68 34.01
CA ASN B 211 -42.46 -15.38 32.86
C ASN B 211 -41.36 -15.65 31.86
N VAL B 212 -41.06 -16.93 31.63
CA VAL B 212 -40.04 -17.36 30.69
C VAL B 212 -40.73 -17.84 29.42
N ASN B 213 -40.18 -17.46 28.26
CA ASN B 213 -40.73 -17.88 26.99
C ASN B 213 -39.59 -18.30 26.08
N HIS B 214 -39.71 -19.49 25.51
CA HIS B 214 -38.73 -20.02 24.57
C HIS B 214 -39.47 -20.39 23.29
N LYS B 215 -39.56 -19.44 22.36
CA LYS B 215 -40.31 -19.68 21.13
C LYS B 215 -39.81 -20.88 20.31
N PRO B 216 -38.49 -21.15 20.18
CA PRO B 216 -38.07 -22.30 19.36
C PRO B 216 -38.72 -23.61 19.77
N SER B 217 -38.88 -23.84 21.06
CA SER B 217 -39.52 -25.03 21.57
C SER B 217 -40.97 -24.79 22.01
N ASN B 218 -41.48 -23.57 21.81
CA ASN B 218 -42.83 -23.19 22.23
C ASN B 218 -43.06 -23.48 23.72
N THR B 219 -42.12 -23.06 24.56
CA THR B 219 -42.17 -23.32 25.99
C THR B 219 -42.44 -22.02 26.74
N LYS B 220 -43.61 -21.94 27.37
CA LYS B 220 -43.99 -20.83 28.24
C LYS B 220 -44.03 -21.33 29.67
N VAL B 221 -43.31 -20.64 30.56
CA VAL B 221 -43.20 -21.06 31.96
C VAL B 221 -43.35 -19.84 32.85
N ASP B 222 -44.20 -19.97 33.87
CA ASP B 222 -44.35 -18.96 34.90
C ASP B 222 -43.87 -19.59 36.20
N LYS B 223 -43.03 -18.89 36.94
CA LYS B 223 -42.47 -19.43 38.18
C LYS B 223 -42.53 -18.35 39.25
N ARG B 224 -43.36 -18.55 40.26
CA ARG B 224 -43.42 -17.65 41.38
C ARG B 224 -42.20 -17.83 42.27
N VAL B 225 -41.49 -16.74 42.52
CA VAL B 225 -40.31 -16.75 43.38
C VAL B 225 -40.76 -16.26 44.75
N GLU B 226 -40.54 -17.06 45.78
CA GLU B 226 -41.02 -16.75 47.12
C GLU B 226 -39.90 -16.84 48.12
N PRO B 227 -40.01 -16.12 49.25
CA PRO B 227 -38.93 -16.13 50.24
C PRO B 227 -38.96 -17.39 51.09
N LYS B 228 -37.82 -18.07 51.17
CA LYS B 228 -37.70 -19.28 51.97
C LYS B 228 -37.95 -18.98 53.46
N ASP C 1 -7.86 -9.54 -0.30
CA ASP C 1 -8.60 -8.92 0.79
C ASP C 1 -7.70 -8.02 1.64
N ILE C 2 -8.20 -6.81 1.91
CA ILE C 2 -7.45 -5.79 2.64
C ILE C 2 -7.87 -5.83 4.11
N VAL C 3 -6.90 -5.86 5.00
CA VAL C 3 -7.16 -5.97 6.43
C VAL C 3 -7.29 -4.56 7.01
N LEU C 4 -8.36 -4.33 7.75
CA LEU C 4 -8.58 -3.09 8.48
C LEU C 4 -8.37 -3.35 9.97
N THR C 5 -7.45 -2.61 10.59
CA THR C 5 -7.11 -2.77 11.99
C THR C 5 -7.60 -1.55 12.79
N GLN C 6 -8.52 -1.79 13.72
CA GLN C 6 -9.10 -0.76 14.56
C GLN C 6 -8.40 -0.66 15.91
N SER C 7 -8.33 0.56 16.43
CA SER C 7 -7.74 0.86 17.72
C SER C 7 -8.48 2.04 18.33
N PRO C 8 -8.75 2.02 19.64
CA PRO C 8 -8.42 0.85 20.46
C PRO C 8 -9.59 -0.14 20.47
N GLY C 9 -9.49 -1.17 21.29
CA GLY C 9 -10.64 -2.06 21.43
C GLY C 9 -11.76 -1.42 22.21
N THR C 10 -11.41 -0.64 23.25
CA THR C 10 -12.37 0.03 24.10
C THR C 10 -11.95 1.46 24.39
N LEU C 11 -12.92 2.36 24.40
CA LEU C 11 -12.71 3.77 24.72
C LEU C 11 -13.63 4.13 25.88
N SER C 12 -13.04 4.54 27.00
CA SER C 12 -13.80 4.94 28.19
C SER C 12 -13.78 6.45 28.29
N LEU C 13 -14.93 7.07 28.08
CA LEU C 13 -15.04 8.53 28.07
C LEU C 13 -16.34 8.95 28.72
N SER C 14 -16.36 10.20 29.17
CA SER C 14 -17.54 10.72 29.83
C SER C 14 -18.34 11.60 28.86
N PRO C 15 -19.66 11.66 29.02
CA PRO C 15 -20.47 12.43 28.08
C PRO C 15 -20.02 13.88 28.02
N GLY C 16 -19.93 14.40 26.80
CA GLY C 16 -19.38 15.71 26.54
C GLY C 16 -17.98 15.69 25.98
N GLU C 17 -17.23 14.62 26.22
CA GLU C 17 -15.87 14.47 25.73
C GLU C 17 -15.86 14.12 24.25
N THR C 18 -14.66 14.00 23.70
CA THR C 18 -14.44 13.68 22.29
C THR C 18 -13.81 12.30 22.18
N ALA C 19 -14.39 11.45 21.34
CA ALA C 19 -13.84 10.13 21.03
C ALA C 19 -13.10 10.18 19.70
N THR C 20 -11.97 9.48 19.65
CA THR C 20 -11.13 9.42 18.45
C THR C 20 -10.85 7.95 18.17
N LEU C 21 -11.49 7.42 17.12
CA LEU C 21 -11.37 6.01 16.76
C LEU C 21 -10.46 5.85 15.54
N SER C 22 -9.66 4.79 15.56
CA SER C 22 -8.67 4.56 14.50
C SER C 22 -9.05 3.34 13.66
N CYS C 23 -8.77 3.43 12.36
CA CYS C 23 -8.92 2.32 11.42
C CYS C 23 -7.77 2.43 10.44
N ARG C 24 -6.86 1.46 10.47
CA ARG C 24 -5.66 1.47 9.64
C ARG C 24 -5.74 0.38 8.57
N ALA C 25 -5.66 0.79 7.31
CA ALA C 25 -5.78 -0.13 6.18
C ALA C 25 -4.42 -0.68 5.77
N SER C 26 -4.37 -2.00 5.54
CA SER C 26 -3.11 -2.65 5.19
C SER C 26 -2.56 -2.15 3.86
N GLN C 27 -3.43 -1.99 2.87
CA GLN C 27 -3.11 -1.34 1.60
C GLN C 27 -3.93 -0.08 1.48
N SER C 28 -3.55 0.78 0.53
CA SER C 28 -4.38 1.93 0.24
C SER C 28 -5.73 1.46 -0.29
N VAL C 29 -6.80 2.07 0.23
CA VAL C 29 -8.15 1.78 -0.24
C VAL C 29 -8.82 3.02 -0.81
N GLY C 30 -8.05 4.07 -1.07
CA GLY C 30 -8.63 5.32 -1.52
C GLY C 30 -9.49 5.87 -0.40
N SER C 31 -10.64 6.41 -0.77
CA SER C 31 -11.61 6.87 0.21
C SER C 31 -12.82 5.94 0.28
N ASN C 32 -12.65 4.67 -0.12
CA ASN C 32 -13.74 3.70 -0.13
C ASN C 32 -13.85 3.02 1.24
N LEU C 33 -14.17 3.84 2.23
CA LEU C 33 -14.18 3.40 3.61
C LEU C 33 -15.43 3.95 4.27
N ALA C 34 -16.17 3.07 4.95
CA ALA C 34 -17.40 3.44 5.64
C ALA C 34 -17.27 3.16 7.13
N TRP C 35 -18.04 3.90 7.91
CA TRP C 35 -18.11 3.72 9.36
C TRP C 35 -19.51 3.30 9.74
N TYR C 36 -19.61 2.34 10.66
CA TYR C 36 -20.89 1.84 11.13
C TYR C 36 -20.98 1.94 12.64
N GLN C 37 -22.18 2.23 13.14
CA GLN C 37 -22.47 2.24 14.57
C GLN C 37 -23.41 1.10 14.90
N GLN C 38 -23.10 0.35 15.96
CA GLN C 38 -23.95 -0.74 16.39
C GLN C 38 -24.14 -0.69 17.89
N LYS C 39 -25.39 -0.69 18.30
CA LYS C 39 -25.84 -0.76 19.68
C LYS C 39 -26.31 -2.18 20.00
N PRO C 40 -26.22 -2.59 21.26
CA PRO C 40 -26.56 -3.98 21.61
C PRO C 40 -27.94 -4.39 21.13
N GLY C 41 -28.02 -5.57 20.52
CA GLY C 41 -29.27 -6.11 20.06
C GLY C 41 -29.82 -5.51 18.78
N GLN C 42 -29.10 -4.57 18.17
CA GLN C 42 -29.57 -3.87 17.00
C GLN C 42 -28.68 -4.18 15.81
N ALA C 43 -29.21 -3.95 14.62
CA ALA C 43 -28.42 -4.08 13.41
C ALA C 43 -27.50 -2.88 13.29
N PRO C 44 -26.37 -3.02 12.59
CA PRO C 44 -25.50 -1.86 12.39
C PRO C 44 -26.25 -0.77 11.64
N ARG C 45 -25.73 0.44 11.77
CA ARG C 45 -26.30 1.62 11.14
C ARG C 45 -25.16 2.37 10.45
N LEU C 46 -25.36 2.75 9.19
CA LEU C 46 -24.34 3.46 8.45
C LEU C 46 -24.16 4.88 9.00
N LEU C 47 -22.92 5.23 9.34
CA LEU C 47 -22.59 6.58 9.80
C LEU C 47 -21.90 7.39 8.71
N ILE C 48 -20.73 6.93 8.27
CA ILE C 48 -19.89 7.61 7.30
C ILE C 48 -19.71 6.69 6.10
N TYR C 49 -19.67 7.28 4.91
CA TYR C 49 -19.31 6.58 3.69
C TYR C 49 -18.42 7.50 2.89
N GLY C 50 -17.56 6.91 2.06
CA GLY C 50 -16.57 7.74 1.39
C GLY C 50 -15.61 8.42 2.34
N ALA C 51 -15.29 7.75 3.46
CA ALA C 51 -14.31 8.20 4.44
C ALA C 51 -14.75 9.42 5.25
N SER C 52 -15.38 10.41 4.61
CA SER C 52 -15.69 11.65 5.31
C SER C 52 -17.16 12.04 5.19
N THR C 53 -17.83 11.61 4.13
CA THR C 53 -19.23 11.98 3.94
C THR C 53 -20.11 11.24 4.94
N GLY C 54 -20.90 11.99 5.70
CA GLY C 54 -21.80 11.40 6.66
C GLY C 54 -23.13 11.05 6.04
N ALA C 55 -23.76 10.01 6.59
CA ALA C 55 -25.01 9.54 6.03
C ALA C 55 -26.15 10.47 6.45
N THR C 56 -27.23 10.42 5.68
CA THR C 56 -28.38 11.26 5.99
C THR C 56 -28.91 10.92 7.37
N GLY C 57 -29.15 11.96 8.17
CA GLY C 57 -29.62 11.80 9.52
C GLY C 57 -28.54 11.69 10.57
N VAL C 58 -27.30 11.41 10.17
CA VAL C 58 -26.21 11.31 11.16
C VAL C 58 -25.93 12.71 11.72
N PRO C 59 -25.85 12.88 13.03
CA PRO C 59 -25.57 14.21 13.59
C PRO C 59 -24.18 14.70 13.18
N ALA C 60 -23.95 16.00 13.40
CA ALA C 60 -22.75 16.64 12.90
C ALA C 60 -21.52 16.40 13.76
N ARG C 61 -21.70 15.93 15.01
CA ARG C 61 -20.53 15.64 15.85
C ARG C 61 -19.75 14.43 15.35
N PHE C 62 -20.35 13.61 14.50
CA PHE C 62 -19.64 12.51 13.85
C PHE C 62 -18.93 13.06 12.62
N SER C 63 -17.61 12.89 12.55
CA SER C 63 -16.83 13.36 11.40
C SER C 63 -15.70 12.38 11.11
N GLY C 64 -15.71 11.84 9.90
CA GLY C 64 -14.65 10.96 9.44
C GLY C 64 -13.59 11.71 8.64
N SER C 65 -12.37 11.20 8.69
CA SER C 65 -11.26 11.82 7.99
C SER C 65 -10.28 10.73 7.54
N ARG C 66 -9.60 11.00 6.44
CA ARG C 66 -8.60 10.08 5.90
C ARG C 66 -7.25 10.79 5.81
N SER C 67 -6.18 10.06 6.13
CA SER C 67 -4.81 10.54 5.93
C SER C 67 -4.00 9.32 5.51
N GLY C 68 -3.87 9.12 4.20
CA GLY C 68 -3.11 7.99 3.70
C GLY C 68 -3.90 6.70 3.82
N THR C 69 -3.34 5.72 4.51
CA THR C 69 -4.03 4.46 4.78
C THR C 69 -4.60 4.39 6.18
N ASP C 70 -4.59 5.50 6.93
CA ASP C 70 -5.08 5.55 8.29
C ASP C 70 -6.33 6.44 8.31
N PHE C 71 -7.44 5.88 8.80
CA PHE C 71 -8.71 6.59 8.87
C PHE C 71 -9.11 6.86 10.31
N THR C 72 -9.73 8.01 10.55
CA THR C 72 -10.13 8.44 11.88
C THR C 72 -11.60 8.82 11.88
N LEU C 73 -12.35 8.31 12.87
CA LEU C 73 -13.71 8.75 13.15
C LEU C 73 -13.71 9.52 14.45
N THR C 74 -14.22 10.74 14.42
CA THR C 74 -14.20 11.65 15.56
C THR C 74 -15.62 11.99 15.98
N ILE C 75 -15.94 11.80 17.26
CA ILE C 75 -17.22 12.19 17.84
C ILE C 75 -16.94 13.25 18.91
N THR C 76 -17.47 14.45 18.73
CA THR C 76 -16.98 15.61 19.48
C THR C 76 -17.75 15.84 20.78
N SER C 77 -19.07 16.01 20.70
CA SER C 77 -19.86 16.32 21.90
C SER C 77 -20.61 15.07 22.37
N LEU C 78 -19.81 14.09 22.83
CA LEU C 78 -20.32 12.75 23.15
C LEU C 78 -21.58 12.80 23.98
N GLN C 79 -22.68 12.33 23.41
CA GLN C 79 -23.96 12.18 24.07
C GLN C 79 -24.13 10.75 24.54
N PRO C 80 -25.06 10.49 25.46
CA PRO C 80 -25.19 9.12 25.99
C PRO C 80 -25.58 8.10 24.95
N GLU C 81 -26.23 8.49 23.86
CA GLU C 81 -26.61 7.56 22.82
C GLU C 81 -25.54 7.41 21.75
N ASP C 82 -24.41 8.10 21.90
CA ASP C 82 -23.26 7.91 21.01
C ASP C 82 -22.38 6.77 21.47
N PHE C 83 -22.62 6.24 22.65
CA PHE C 83 -21.82 5.16 23.21
C PHE C 83 -22.36 3.85 22.67
N ALA C 84 -21.61 3.25 21.76
CA ALA C 84 -21.95 2.01 21.11
C ALA C 84 -20.65 1.42 20.57
N THR C 85 -20.76 0.39 19.73
CA THR C 85 -19.60 -0.16 19.07
C THR C 85 -19.58 0.35 17.63
N TYR C 86 -18.39 0.71 17.15
CA TYR C 86 -18.22 1.28 15.82
C TYR C 86 -17.28 0.40 15.01
N TYR C 87 -17.68 0.10 13.76
CA TYR C 87 -16.90 -0.72 12.85
C TYR C 87 -16.60 0.08 11.58
N CYS C 88 -15.39 -0.08 11.06
CA CYS C 88 -15.06 0.44 9.73
C CYS C 88 -15.10 -0.69 8.70
N GLN C 89 -15.44 -0.33 7.47
CA GLN C 89 -15.53 -1.26 6.36
C GLN C 89 -14.93 -0.63 5.11
N GLN C 90 -14.13 -1.41 4.37
CA GLN C 90 -13.64 -0.96 3.09
C GLN C 90 -14.42 -1.60 1.96
N TYR C 91 -14.54 -0.88 0.85
CA TYR C 91 -15.15 -1.40 -0.36
C TYR C 91 -14.32 -1.02 -1.58
N TYR C 92 -13.00 -1.07 -1.45
CA TYR C 92 -12.07 -0.88 -2.56
C TYR C 92 -11.66 -2.20 -3.19
N SER C 93 -11.41 -3.21 -2.38
CA SER C 93 -10.99 -4.51 -2.90
C SER C 93 -12.05 -5.09 -3.83
N PHE C 94 -11.60 -5.61 -4.97
CA PHE C 94 -12.54 -6.22 -5.90
C PHE C 94 -13.06 -7.55 -5.37
N LEU C 95 -12.26 -8.23 -4.54
CA LEU C 95 -12.53 -9.61 -4.13
C LEU C 95 -13.44 -9.70 -2.91
N ALA C 96 -13.33 -8.78 -1.96
CA ALA C 96 -14.08 -8.89 -0.72
C ALA C 96 -14.29 -7.53 -0.08
N LYS C 97 -15.33 -7.46 0.74
CA LYS C 97 -15.57 -6.35 1.65
C LYS C 97 -15.05 -6.79 3.01
N THR C 98 -14.12 -6.05 3.58
CA THR C 98 -13.58 -6.40 4.87
C THR C 98 -13.94 -5.34 5.89
N PHE C 99 -14.20 -5.80 7.12
CA PHE C 99 -14.53 -4.93 8.23
C PHE C 99 -13.35 -4.85 9.18
N GLY C 100 -13.45 -3.96 10.14
CA GLY C 100 -12.50 -3.88 11.23
C GLY C 100 -13.01 -4.64 12.44
N GLN C 101 -12.11 -4.84 13.40
CA GLN C 101 -12.47 -5.58 14.61
C GLN C 101 -13.50 -4.83 15.45
N GLY C 102 -13.56 -3.51 15.33
CA GLY C 102 -14.52 -2.77 16.12
C GLY C 102 -13.89 -2.09 17.31
N THR C 103 -14.47 -0.95 17.71
CA THR C 103 -14.09 -0.22 18.91
C THR C 103 -15.34 0.10 19.69
N GLN C 104 -15.31 -0.17 21.00
CA GLN C 104 -16.46 0.04 21.87
C GLN C 104 -16.32 1.34 22.64
N LEU C 105 -17.35 2.19 22.57
CA LEU C 105 -17.42 3.39 23.38
C LEU C 105 -18.12 3.06 24.69
N GLU C 106 -17.43 3.28 25.80
CA GLU C 106 -17.96 3.01 27.13
C GLU C 106 -18.02 4.31 27.93
N ILE C 107 -19.10 4.50 28.66
CA ILE C 107 -19.25 5.68 29.50
C ILE C 107 -18.36 5.52 30.71
N LYS C 108 -17.45 6.46 30.91
CA LYS C 108 -16.58 6.46 32.07
C LYS C 108 -17.28 7.18 33.21
N ARG C 109 -17.37 6.51 34.35
CA ARG C 109 -18.02 7.08 35.53
C ARG C 109 -17.17 6.74 36.76
N THR C 110 -17.73 6.99 37.94
CA THR C 110 -17.01 6.82 39.18
C THR C 110 -16.97 5.35 39.58
N VAL C 111 -15.90 4.97 40.28
CA VAL C 111 -15.77 3.60 40.78
C VAL C 111 -16.91 3.30 41.74
N ALA C 112 -17.58 2.16 41.52
CA ALA C 112 -18.74 1.78 42.31
C ALA C 112 -18.60 0.32 42.75
N ALA C 113 -18.68 0.09 44.05
CA ALA C 113 -18.49 -1.26 44.57
C ALA C 113 -19.70 -2.12 44.24
N PRO C 114 -19.49 -3.42 44.03
CA PRO C 114 -20.61 -4.32 43.73
C PRO C 114 -21.34 -4.76 44.98
N SER C 115 -22.67 -4.76 44.90
CA SER C 115 -23.50 -5.45 45.89
C SER C 115 -23.51 -6.93 45.54
N VAL C 116 -22.91 -7.75 46.39
CA VAL C 116 -22.77 -9.18 46.15
C VAL C 116 -23.91 -9.95 46.82
N PHE C 117 -24.50 -10.89 46.10
CA PHE C 117 -25.51 -11.79 46.64
C PHE C 117 -25.15 -13.21 46.30
N ILE C 118 -25.69 -14.16 47.06
CA ILE C 118 -25.45 -15.58 46.80
C ILE C 118 -26.77 -16.33 46.94
N PHE C 119 -26.98 -17.31 46.06
CA PHE C 119 -28.21 -18.09 46.06
C PHE C 119 -27.87 -19.58 46.17
N PRO C 120 -28.53 -20.31 47.05
CA PRO C 120 -28.30 -21.75 47.15
C PRO C 120 -29.16 -22.48 46.13
N PRO C 121 -28.77 -23.70 45.74
CA PRO C 121 -29.58 -24.46 44.79
C PRO C 121 -31.02 -24.60 45.27
N SER C 122 -31.95 -24.54 44.32
CA SER C 122 -33.35 -24.78 44.65
C SER C 122 -33.60 -26.27 44.83
N ASP C 123 -34.61 -26.58 45.65
CA ASP C 123 -34.96 -27.99 45.87
C ASP C 123 -35.39 -28.65 44.57
N GLU C 124 -36.13 -27.94 43.73
CA GLU C 124 -36.58 -28.49 42.46
C GLU C 124 -35.39 -28.84 41.56
N GLN C 125 -34.36 -28.00 41.55
CA GLN C 125 -33.19 -28.30 40.75
C GLN C 125 -32.39 -29.43 41.37
N LEU C 126 -32.43 -29.58 42.70
CA LEU C 126 -31.73 -30.69 43.33
C LEU C 126 -32.41 -32.02 43.04
N LYS C 127 -33.72 -32.01 42.80
CA LYS C 127 -34.39 -33.22 42.35
C LYS C 127 -33.85 -33.68 40.99
N SER C 128 -33.57 -32.72 40.10
CA SER C 128 -33.05 -33.07 38.78
C SER C 128 -31.68 -33.72 38.86
N GLY C 129 -30.94 -33.51 39.94
CA GLY C 129 -29.62 -34.10 40.09
C GLY C 129 -28.48 -33.12 39.91
N THR C 130 -28.76 -31.84 39.71
CA THR C 130 -27.74 -30.84 39.48
C THR C 130 -27.96 -29.65 40.40
N ALA C 131 -26.88 -29.07 40.89
CA ALA C 131 -26.95 -27.94 41.81
C ALA C 131 -26.23 -26.75 41.19
N SER C 132 -26.92 -25.63 41.10
CA SER C 132 -26.33 -24.39 40.60
C SER C 132 -26.29 -23.37 41.73
N VAL C 133 -25.10 -22.98 42.14
CA VAL C 133 -24.91 -21.93 43.12
C VAL C 133 -24.57 -20.68 42.32
N VAL C 134 -25.40 -19.65 42.44
CA VAL C 134 -25.28 -18.45 41.64
C VAL C 134 -24.79 -17.32 42.53
N CYS C 135 -23.79 -16.59 42.05
CA CYS C 135 -23.27 -15.42 42.73
C CYS C 135 -23.55 -14.19 41.88
N LEU C 136 -24.17 -13.18 42.49
CA LEU C 136 -24.66 -12.01 41.77
C LEU C 136 -23.92 -10.78 42.26
N LEU C 137 -23.32 -10.04 41.34
CA LEU C 137 -22.67 -8.76 41.61
C LEU C 137 -23.48 -7.67 40.94
N ASN C 138 -24.06 -6.77 41.74
CA ASN C 138 -25.03 -5.79 41.23
C ASN C 138 -24.42 -4.41 41.09
N ASN C 139 -24.69 -3.78 39.94
CA ASN C 139 -24.43 -2.37 39.65
C ASN C 139 -23.07 -1.88 40.13
N PHE C 140 -22.00 -2.36 39.50
CA PHE C 140 -20.64 -1.95 39.81
C PHE C 140 -19.99 -1.33 38.58
N TYR C 141 -18.89 -0.59 38.81
CA TYR C 141 -18.04 0.00 37.79
C TYR C 141 -16.65 0.18 38.39
N PRO C 142 -15.56 -0.09 37.64
CA PRO C 142 -15.46 -0.50 36.23
C PRO C 142 -15.86 -1.95 35.98
N ARG C 143 -15.77 -2.39 34.72
CA ARG C 143 -16.28 -3.71 34.35
C ARG C 143 -15.44 -4.84 34.92
N GLU C 144 -14.14 -4.61 35.11
CA GLU C 144 -13.23 -5.67 35.53
C GLU C 144 -13.57 -6.14 36.94
N ALA C 145 -13.88 -7.43 37.09
CA ALA C 145 -14.19 -8.02 38.38
C ALA C 145 -13.70 -9.46 38.38
N LYS C 146 -13.29 -9.94 39.56
CA LYS C 146 -12.83 -11.31 39.74
C LYS C 146 -13.70 -12.00 40.76
N VAL C 147 -14.11 -13.23 40.45
CA VAL C 147 -14.99 -14.02 41.30
C VAL C 147 -14.42 -15.41 41.44
N GLN C 148 -14.05 -15.78 42.66
CA GLN C 148 -13.55 -17.12 42.97
C GLN C 148 -14.58 -17.84 43.82
N TRP C 149 -14.73 -19.14 43.58
CA TRP C 149 -15.63 -19.98 44.36
C TRP C 149 -14.81 -20.82 45.32
N LYS C 150 -15.17 -20.76 46.60
CA LYS C 150 -14.52 -21.56 47.64
C LYS C 150 -15.58 -22.48 48.23
N VAL C 151 -15.46 -23.77 47.93
CA VAL C 151 -16.35 -24.79 48.47
C VAL C 151 -15.62 -25.48 49.63
N ASP C 152 -16.17 -25.34 50.84
CA ASP C 152 -15.49 -25.73 52.07
C ASP C 152 -14.06 -25.18 52.09
N ASN C 153 -13.95 -23.90 51.74
CA ASN C 153 -12.69 -23.16 51.73
C ASN C 153 -11.62 -23.87 50.92
N ALA C 154 -12.02 -24.43 49.79
CA ALA C 154 -11.10 -25.07 48.87
C ALA C 154 -11.32 -24.44 47.51
N LEU C 155 -10.25 -23.94 46.90
CA LEU C 155 -10.37 -23.23 45.64
C LEU C 155 -10.86 -24.18 44.56
N GLN C 156 -12.05 -23.88 44.03
CA GLN C 156 -12.60 -24.62 42.91
C GLN C 156 -12.53 -23.75 41.67
N SER C 157 -12.08 -24.36 40.56
CA SER C 157 -11.88 -23.64 39.31
C SER C 157 -12.12 -24.62 38.17
N GLY C 158 -13.06 -24.30 37.30
CA GLY C 158 -13.38 -25.13 36.14
C GLY C 158 -14.82 -25.57 36.05
N ASN C 159 -15.67 -25.25 37.03
CA ASN C 159 -17.06 -25.68 37.04
C ASN C 159 -17.98 -24.47 37.17
N SER C 160 -17.52 -23.29 36.72
CA SER C 160 -18.30 -22.07 36.79
C SER C 160 -18.26 -21.35 35.44
N GLN C 161 -19.25 -20.50 35.23
CA GLN C 161 -19.36 -19.64 34.06
C GLN C 161 -20.01 -18.34 34.48
N GLU C 162 -19.38 -17.21 34.16
CA GLU C 162 -19.93 -15.91 34.51
C GLU C 162 -20.39 -15.18 33.25
N SER C 163 -21.32 -14.24 33.45
CA SER C 163 -21.90 -13.48 32.36
C SER C 163 -22.14 -12.05 32.82
N VAL C 164 -21.65 -11.08 32.05
CA VAL C 164 -21.73 -9.66 32.38
C VAL C 164 -22.76 -9.00 31.48
N THR C 165 -23.50 -8.04 32.04
CA THR C 165 -24.52 -7.33 31.28
C THR C 165 -23.92 -6.18 30.50
N GLU C 166 -24.77 -5.53 29.71
CA GLU C 166 -24.36 -4.31 29.06
C GLU C 166 -24.43 -3.16 30.07
N GLN C 167 -23.65 -2.12 29.82
CA GLN C 167 -23.64 -0.97 30.71
C GLN C 167 -25.06 -0.40 30.82
N ASP C 168 -25.53 -0.29 32.07
CA ASP C 168 -26.88 0.18 32.31
C ASP C 168 -27.06 1.59 31.74
N SER C 169 -28.19 1.82 31.07
CA SER C 169 -28.47 3.11 30.45
C SER C 169 -28.79 4.20 31.45
N LYS C 170 -29.05 3.84 32.71
CA LYS C 170 -29.42 4.82 33.73
C LYS C 170 -28.26 5.20 34.64
N ASP C 171 -27.46 4.24 35.11
CA ASP C 171 -26.35 4.57 36.00
C ASP C 171 -24.99 4.13 35.48
N SER C 172 -24.91 3.67 34.23
CA SER C 172 -23.64 3.38 33.57
C SER C 172 -22.82 2.33 34.31
N THR C 173 -23.48 1.36 34.94
CA THR C 173 -22.82 0.32 35.70
C THR C 173 -23.03 -1.04 35.05
N TYR C 174 -22.31 -2.03 35.57
CA TYR C 174 -22.36 -3.40 35.10
C TYR C 174 -22.91 -4.30 36.19
N SER C 175 -23.46 -5.44 35.77
CA SER C 175 -23.89 -6.48 36.69
C SER C 175 -23.34 -7.82 36.22
N LEU C 176 -23.08 -8.70 37.18
CA LEU C 176 -22.40 -9.96 36.87
C LEU C 176 -23.04 -11.09 37.66
N SER C 177 -23.31 -12.19 36.96
CA SER C 177 -23.79 -13.43 37.57
C SER C 177 -22.80 -14.53 37.26
N ASN C 178 -22.20 -15.09 38.31
CA ASN C 178 -21.29 -16.22 38.20
C ASN C 178 -21.97 -17.46 38.78
N THR C 179 -22.04 -18.53 38.01
CA THR C 179 -22.77 -19.73 38.40
C THR C 179 -21.82 -20.90 38.54
N LEU C 180 -21.87 -21.56 39.70
CA LEU C 180 -21.09 -22.76 39.98
C LEU C 180 -22.04 -23.96 39.89
N THR C 181 -21.71 -24.91 39.03
CA THR C 181 -22.58 -26.06 38.80
C THR C 181 -21.81 -27.35 39.08
N LEU C 182 -22.32 -28.14 40.02
CA LEU C 182 -21.79 -29.46 40.33
C LEU C 182 -22.95 -30.42 40.49
N SER C 183 -22.64 -31.71 40.50
CA SER C 183 -23.66 -32.72 40.67
C SER C 183 -24.29 -32.63 42.05
N LYS C 184 -25.57 -33.01 42.12
CA LYS C 184 -26.24 -33.05 43.41
C LYS C 184 -25.49 -33.95 44.39
N ALA C 185 -24.95 -35.07 43.88
CA ALA C 185 -24.02 -35.87 44.65
C ALA C 185 -22.87 -35.02 45.19
N ASP C 186 -22.17 -34.34 44.28
CA ASP C 186 -21.03 -33.53 44.69
C ASP C 186 -21.44 -32.37 45.58
N TYR C 187 -22.66 -31.86 45.41
CA TYR C 187 -23.11 -30.72 46.20
C TYR C 187 -23.35 -31.11 47.66
N GLU C 188 -24.02 -32.23 47.90
CA GLU C 188 -24.39 -32.58 49.26
C GLU C 188 -23.18 -32.96 50.12
N LYS C 189 -22.05 -33.31 49.50
CA LYS C 189 -20.88 -33.70 50.27
C LYS C 189 -20.34 -32.56 51.12
N HIS C 190 -20.49 -31.32 50.67
CA HIS C 190 -19.91 -30.18 51.34
C HIS C 190 -20.99 -29.37 52.06
N LYS C 191 -20.57 -28.28 52.70
CA LYS C 191 -21.47 -27.48 53.52
C LYS C 191 -21.24 -25.99 53.35
N VAL C 192 -19.98 -25.55 53.36
CA VAL C 192 -19.63 -24.14 53.30
C VAL C 192 -19.33 -23.79 51.84
N TYR C 193 -20.20 -22.99 51.23
CA TYR C 193 -20.04 -22.53 49.85
C TYR C 193 -19.89 -21.01 49.86
N ALA C 194 -18.72 -20.52 49.48
CA ALA C 194 -18.42 -19.09 49.56
C ALA C 194 -18.09 -18.53 48.18
N CYS C 195 -18.48 -17.27 48.00
CA CYS C 195 -18.22 -16.49 46.80
C CYS C 195 -17.29 -15.33 47.16
N GLU C 196 -16.09 -15.30 46.58
CA GLU C 196 -15.10 -14.27 46.89
C GLU C 196 -15.01 -13.27 45.74
N VAL C 197 -15.44 -12.04 45.99
CA VAL C 197 -15.54 -10.99 44.99
C VAL C 197 -14.43 -9.98 45.19
N THR C 198 -13.70 -9.71 44.12
CA THR C 198 -12.61 -8.73 44.11
C THR C 198 -12.92 -7.64 43.10
N HIS C 199 -12.94 -6.39 43.54
CA HIS C 199 -13.22 -5.28 42.64
C HIS C 199 -12.45 -4.05 43.09
N GLN C 200 -12.28 -3.10 42.16
CA GLN C 200 -11.56 -1.87 42.48
C GLN C 200 -12.26 -1.09 43.58
N GLY C 201 -13.60 -1.12 43.60
CA GLY C 201 -14.34 -0.39 44.61
C GLY C 201 -14.32 -1.03 45.98
N LEU C 202 -13.80 -2.25 46.09
CA LEU C 202 -13.71 -2.96 47.36
C LEU C 202 -12.33 -2.76 47.96
N SER C 203 -12.29 -2.18 49.16
CA SER C 203 -11.03 -2.02 49.88
C SER C 203 -10.39 -3.36 50.22
N SER C 204 -11.17 -4.44 50.18
CA SER C 204 -10.68 -5.79 50.46
C SER C 204 -11.66 -6.78 49.84
N PRO C 205 -11.21 -8.01 49.57
CA PRO C 205 -12.12 -9.01 49.00
C PRO C 205 -13.31 -9.28 49.92
N VAL C 206 -14.52 -9.15 49.36
CA VAL C 206 -15.75 -9.40 50.11
C VAL C 206 -16.26 -10.80 49.78
N THR C 207 -16.71 -11.50 50.81
CA THR C 207 -17.22 -12.87 50.68
C THR C 207 -18.66 -12.93 51.16
N LYS C 208 -19.49 -13.64 50.40
CA LYS C 208 -20.85 -13.99 50.82
C LYS C 208 -21.01 -15.49 50.74
N SER C 209 -21.65 -16.10 51.74
CA SER C 209 -21.70 -17.55 51.81
C SER C 209 -22.94 -18.03 52.54
N PHE C 210 -23.11 -19.35 52.52
CA PHE C 210 -24.22 -20.06 53.16
C PHE C 210 -23.77 -21.47 53.47
N ASN C 211 -24.53 -22.14 54.35
CA ASN C 211 -24.18 -23.50 54.76
C ASN C 211 -25.13 -24.54 54.20
N SER D 5 6.59 7.99 17.99
CA SER D 5 6.26 7.06 19.06
C SER D 5 6.13 5.61 18.56
N GLU D 6 7.18 4.81 18.77
CA GLU D 6 7.19 3.43 18.27
C GLU D 6 6.12 2.58 18.92
N VAL D 7 5.79 2.83 20.18
CA VAL D 7 4.84 1.96 20.87
C VAL D 7 3.42 2.21 20.39
N ALA D 8 3.09 3.46 20.04
CA ALA D 8 1.78 3.73 19.47
C ALA D 8 1.67 3.26 18.03
N HIS D 9 2.79 3.26 17.30
CA HIS D 9 2.78 2.75 15.93
C HIS D 9 2.52 1.26 15.91
N ARG D 10 3.21 0.50 16.76
CA ARG D 10 3.00 -0.94 16.81
C ARG D 10 1.57 -1.28 17.25
N PHE D 11 1.01 -0.47 18.15
CA PHE D 11 -0.32 -0.74 18.68
C PHE D 11 -1.40 -0.48 17.64
N LYS D 12 -1.21 0.57 16.82
CA LYS D 12 -2.14 0.84 15.73
C LYS D 12 -1.95 -0.10 14.56
N ASP D 13 -0.79 -0.76 14.46
CA ASP D 13 -0.55 -1.70 13.37
C ASP D 13 -1.23 -3.04 13.63
N LEU D 14 -1.28 -3.47 14.88
CA LEU D 14 -1.69 -4.83 15.24
C LEU D 14 -3.13 -4.92 15.74
N GLY D 15 -3.65 -3.87 16.37
CA GLY D 15 -4.88 -3.97 17.12
C GLY D 15 -4.62 -4.45 18.53
N GLU D 16 -5.60 -4.21 19.41
CA GLU D 16 -5.39 -4.51 20.83
C GLU D 16 -5.15 -5.99 21.06
N GLU D 17 -5.99 -6.85 20.49
CA GLU D 17 -5.91 -8.28 20.76
C GLU D 17 -4.54 -8.84 20.35
N ASN D 18 -4.10 -8.55 19.13
CA ASN D 18 -2.82 -9.07 18.66
C ASN D 18 -1.66 -8.42 19.39
N PHE D 19 -1.81 -7.16 19.80
CA PHE D 19 -0.77 -6.48 20.57
C PHE D 19 -0.61 -7.13 21.95
N LYS D 20 -1.72 -7.48 22.60
CA LYS D 20 -1.65 -8.09 23.93
C LYS D 20 -1.08 -9.50 23.86
N ALA D 21 -1.40 -10.25 22.80
CA ALA D 21 -0.99 -11.65 22.75
C ALA D 21 0.52 -11.78 22.64
N LEU D 22 1.16 -10.84 21.97
CA LEU D 22 2.60 -10.92 21.83
C LEU D 22 3.32 -10.37 23.04
N VAL D 23 2.73 -9.37 23.70
CA VAL D 23 3.28 -8.91 24.97
C VAL D 23 3.06 -9.97 26.04
N LEU D 24 1.95 -10.70 25.97
CA LEU D 24 1.70 -11.79 26.91
C LEU D 24 2.74 -12.89 26.76
N ILE D 25 3.01 -13.31 25.52
CA ILE D 25 4.02 -14.33 25.29
C ILE D 25 5.38 -13.84 25.79
N ALA D 26 5.73 -12.60 25.45
CA ALA D 26 7.04 -12.07 25.83
C ALA D 26 7.23 -12.08 27.34
N PHE D 27 6.18 -11.73 28.09
CA PHE D 27 6.30 -11.78 29.55
C PHE D 27 6.40 -13.21 30.04
N ALA D 28 5.58 -14.11 29.50
CA ALA D 28 5.58 -15.49 29.99
C ALA D 28 6.91 -16.18 29.69
N GLN D 29 7.60 -15.76 28.63
CA GLN D 29 8.89 -16.37 28.29
C GLN D 29 10.00 -15.91 29.23
N TYR D 30 9.88 -14.71 29.79
CA TYR D 30 10.89 -14.19 30.71
C TYR D 30 10.56 -14.56 32.15
N LEU D 31 9.41 -14.09 32.63
CA LEU D 31 8.93 -14.42 33.97
C LEU D 31 8.09 -15.69 33.90
N GLN D 32 8.79 -16.82 33.90
CA GLN D 32 8.15 -18.12 33.69
C GLN D 32 7.49 -18.66 34.94
N GLN D 33 7.63 -18.00 36.08
CA GLN D 33 7.07 -18.50 37.32
C GLN D 33 5.88 -17.68 37.83
N CYS D 34 5.76 -16.43 37.39
CA CYS D 34 4.66 -15.59 37.85
C CYS D 34 3.32 -16.11 37.32
N PRO D 35 2.25 -15.99 38.11
CA PRO D 35 0.97 -16.58 37.71
C PRO D 35 0.33 -15.84 36.55
N PHE D 36 -0.57 -16.55 35.87
CA PHE D 36 -1.26 -16.01 34.70
C PHE D 36 -1.94 -14.69 35.02
N GLU D 37 -2.68 -14.64 36.13
CA GLU D 37 -3.45 -13.44 36.44
C GLU D 37 -2.55 -12.22 36.62
N ASP D 38 -1.30 -12.44 37.04
CA ASP D 38 -0.36 -11.33 37.19
C ASP D 38 0.23 -10.90 35.86
N HIS D 39 0.42 -11.84 34.93
CA HIS D 39 0.86 -11.47 33.59
C HIS D 39 -0.21 -10.63 32.89
N VAL D 40 -1.47 -11.04 33.03
CA VAL D 40 -2.58 -10.29 32.43
C VAL D 40 -2.54 -8.82 32.88
N LYS D 41 -2.36 -8.59 34.18
CA LYS D 41 -2.27 -7.21 34.66
C LYS D 41 -1.05 -6.50 34.11
N LEU D 42 0.06 -7.24 33.94
CA LEU D 42 1.24 -6.62 33.32
C LEU D 42 0.98 -6.30 31.87
N VAL D 43 0.23 -7.17 31.17
CA VAL D 43 -0.11 -6.89 29.78
C VAL D 43 -1.07 -5.73 29.69
N ASN D 44 -2.05 -5.65 30.61
CA ASN D 44 -3.00 -4.55 30.59
C ASN D 44 -2.33 -3.23 30.90
N GLU D 45 -1.30 -3.25 31.76
CA GLU D 45 -0.59 -2.01 32.05
C GLU D 45 0.18 -1.51 30.84
N VAL D 46 0.74 -2.42 30.05
CA VAL D 46 1.46 -2.01 28.85
C VAL D 46 0.49 -1.58 27.76
N THR D 47 -0.69 -2.19 27.72
CA THR D 47 -1.69 -1.78 26.73
C THR D 47 -2.31 -0.44 27.11
N GLU D 48 -2.64 -0.26 28.40
CA GLU D 48 -3.21 1.02 28.81
C GLU D 48 -2.20 2.15 28.63
N PHE D 49 -0.91 1.84 28.74
CA PHE D 49 0.11 2.84 28.47
C PHE D 49 0.21 3.12 26.98
N ALA D 50 -0.05 2.12 26.14
CA ALA D 50 0.02 2.31 24.69
C ALA D 50 -1.14 3.14 24.16
N LYS D 51 -2.29 3.09 24.85
CA LYS D 51 -3.43 3.88 24.42
C LYS D 51 -3.25 5.36 24.74
N THR D 52 -2.46 5.68 25.78
CA THR D 52 -2.16 7.07 26.07
C THR D 52 -1.11 7.63 25.12
N CYS D 53 -0.29 6.77 24.52
CA CYS D 53 0.65 7.22 23.51
C CYS D 53 -0.06 7.52 22.20
N VAL D 54 -1.14 6.78 21.90
CA VAL D 54 -1.96 7.09 20.73
C VAL D 54 -2.63 8.45 20.90
N ALA D 55 -3.19 8.71 22.08
CA ALA D 55 -3.83 10.00 22.33
C ALA D 55 -2.82 11.14 22.28
N ASP D 56 -1.65 10.93 22.89
CA ASP D 56 -0.61 11.96 23.01
C ASP D 56 0.74 11.28 22.81
N GLU D 57 1.23 11.29 21.58
CA GLU D 57 2.52 10.69 21.26
C GLU D 57 3.68 11.37 21.99
N SER D 58 3.43 12.47 22.69
CA SER D 58 4.46 13.22 23.43
C SER D 58 4.35 13.00 24.94
N ALA D 59 3.93 11.80 25.37
CA ALA D 59 3.70 11.53 26.78
C ALA D 59 5.00 11.10 27.44
N GLU D 60 4.91 10.47 28.63
CA GLU D 60 6.08 10.30 29.50
C GLU D 60 7.16 9.45 28.84
N ASN D 61 6.80 8.26 28.36
CA ASN D 61 7.79 7.30 27.90
C ASN D 61 7.53 6.84 26.47
N CYS D 62 6.64 7.51 25.75
CA CYS D 62 6.26 7.10 24.41
C CYS D 62 7.37 7.26 23.37
N ASP D 63 8.47 7.93 23.72
CA ASP D 63 9.58 8.04 22.78
C ASP D 63 10.60 6.92 22.97
N LYS D 64 10.51 6.16 24.06
CA LYS D 64 11.38 5.01 24.27
C LYS D 64 10.88 3.83 23.45
N SER D 65 11.80 2.93 23.12
CA SER D 65 11.45 1.75 22.35
C SER D 65 10.68 0.75 23.21
N LEU D 66 9.80 -0.02 22.56
CA LEU D 66 9.01 -1.00 23.29
C LEU D 66 9.89 -2.09 23.90
N HIS D 67 10.99 -2.43 23.24
CA HIS D 67 11.94 -3.36 23.84
C HIS D 67 12.47 -2.81 25.15
N THR D 68 12.75 -1.51 25.20
CA THR D 68 13.21 -0.88 26.43
C THR D 68 12.09 -0.78 27.45
N LEU D 69 10.88 -0.40 27.02
CA LEU D 69 9.75 -0.32 27.94
C LEU D 69 9.41 -1.69 28.51
N PHE D 70 9.73 -2.75 27.78
CA PHE D 70 9.50 -4.10 28.27
C PHE D 70 10.40 -4.39 29.47
N GLY D 71 11.69 -4.07 29.34
CA GLY D 71 12.60 -4.21 30.46
C GLY D 71 12.29 -3.23 31.59
N ASP D 72 11.87 -2.01 31.24
CA ASP D 72 11.42 -1.07 32.26
C ASP D 72 10.28 -1.65 33.07
N LYS D 73 9.30 -2.27 32.41
CA LYS D 73 8.22 -2.95 33.10
C LYS D 73 8.66 -4.28 33.69
N LEU D 74 9.74 -4.86 33.18
CA LEU D 74 10.22 -6.15 33.69
C LEU D 74 10.75 -6.02 35.11
N CYS D 75 11.55 -4.98 35.38
CA CYS D 75 12.24 -4.88 36.66
C CYS D 75 11.26 -4.86 37.83
N THR D 76 10.11 -4.23 37.65
CA THR D 76 9.08 -4.21 38.67
C THR D 76 8.37 -5.57 38.77
N GLN D 94 22.34 -1.48 32.40
CA GLN D 94 21.80 -0.77 31.23
C GLN D 94 21.72 -1.71 30.01
N GLU D 95 21.14 -1.21 28.92
CA GLU D 95 20.86 -1.89 27.66
C GLU D 95 21.96 -1.66 26.65
N PRO D 96 22.35 -2.69 25.85
CA PRO D 96 21.65 -3.96 25.72
C PRO D 96 22.13 -5.05 26.68
N GLU D 97 22.99 -4.68 27.65
CA GLU D 97 23.41 -5.66 28.64
C GLU D 97 22.24 -6.04 29.55
N ARG D 98 21.28 -5.12 29.73
CA ARG D 98 20.06 -5.44 30.44
C ARG D 98 19.36 -6.64 29.79
N ASN D 99 19.08 -6.53 28.49
CA ASN D 99 18.46 -7.63 27.76
C ASN D 99 19.36 -8.86 27.77
N GLU D 100 20.67 -8.67 27.57
CA GLU D 100 21.60 -9.78 27.63
C GLU D 100 21.57 -10.45 28.99
N CYS D 101 21.48 -9.66 30.07
CA CYS D 101 21.35 -10.24 31.41
C CYS D 101 20.00 -10.90 31.61
N PHE D 102 18.94 -10.31 31.06
CA PHE D 102 17.61 -10.90 31.20
C PHE D 102 17.55 -12.28 30.55
N LEU D 103 18.26 -12.47 29.44
CA LEU D 103 18.18 -13.71 28.67
C LEU D 103 18.82 -14.88 29.41
N GLN D 104 19.72 -14.59 30.36
CA GLN D 104 20.37 -15.65 31.12
C GLN D 104 19.40 -16.36 32.06
N HIS D 105 18.26 -15.75 32.35
CA HIS D 105 17.28 -16.32 33.26
C HIS D 105 16.05 -16.82 32.50
N LYS D 106 16.27 -17.47 31.37
CA LYS D 106 15.23 -18.19 30.65
C LYS D 106 15.45 -19.68 30.90
N ASP D 107 14.50 -20.30 31.58
CA ASP D 107 14.67 -21.67 32.06
C ASP D 107 14.19 -22.64 30.99
N ASP D 108 15.09 -23.50 30.53
CA ASP D 108 14.69 -24.47 29.51
C ASP D 108 13.91 -25.63 30.09
N ASN D 109 14.13 -25.96 31.36
CA ASN D 109 13.36 -27.00 32.05
C ASN D 109 12.84 -26.42 33.36
N PRO D 110 11.86 -25.53 33.29
CA PRO D 110 11.37 -24.89 34.52
C PRO D 110 10.68 -25.90 35.43
N ASN D 111 10.81 -25.67 36.73
CA ASN D 111 10.18 -26.54 37.74
C ASN D 111 8.73 -26.11 37.88
N LEU D 112 7.94 -26.47 36.87
CA LEU D 112 6.53 -26.18 36.78
C LEU D 112 5.75 -27.48 36.65
N PRO D 113 4.46 -27.48 36.99
CA PRO D 113 3.67 -28.71 36.90
C PRO D 113 3.56 -29.19 35.46
N ARG D 114 3.37 -30.50 35.32
CA ARG D 114 3.05 -31.06 34.00
C ARG D 114 1.66 -30.61 33.59
N LEU D 115 1.53 -30.17 32.35
CA LEU D 115 0.26 -29.65 31.86
C LEU D 115 -0.73 -30.79 31.71
N VAL D 116 -1.55 -30.99 32.74
CA VAL D 116 -2.57 -32.04 32.73
C VAL D 116 -3.85 -31.45 32.17
N ARG D 117 -4.27 -31.92 30.99
CA ARG D 117 -5.50 -31.31 30.49
C ARG D 117 -6.72 -32.00 31.11
N PRO D 118 -7.74 -31.21 31.48
CA PRO D 118 -8.88 -31.77 32.22
C PRO D 118 -9.83 -32.56 31.34
N GLU D 119 -11.02 -32.82 31.87
CA GLU D 119 -12.06 -33.47 31.09
C GLU D 119 -12.50 -32.58 29.94
N VAL D 120 -13.02 -33.21 28.89
CA VAL D 120 -13.46 -32.46 27.73
C VAL D 120 -14.56 -31.48 28.11
N ASP D 121 -15.49 -31.91 28.98
CA ASP D 121 -16.58 -31.02 29.38
C ASP D 121 -16.07 -29.85 30.22
N VAL D 122 -14.95 -30.03 30.92
CA VAL D 122 -14.39 -28.92 31.68
C VAL D 122 -13.70 -27.93 30.76
N MET D 123 -13.05 -28.43 29.72
CA MET D 123 -12.42 -27.52 28.76
C MET D 123 -13.48 -26.80 27.94
N CYS D 124 -14.52 -27.52 27.49
CA CYS D 124 -15.56 -26.89 26.69
C CYS D 124 -16.38 -25.90 27.53
N THR D 125 -16.45 -26.11 28.85
CA THR D 125 -17.11 -25.14 29.69
C THR D 125 -16.30 -23.85 29.77
N ALA D 126 -14.98 -23.99 29.87
CA ALA D 126 -14.11 -22.82 29.99
C ALA D 126 -13.94 -22.10 28.66
N PHE D 127 -14.00 -22.85 27.56
CA PHE D 127 -13.86 -22.23 26.25
C PHE D 127 -15.08 -21.40 25.89
N HIS D 128 -16.27 -21.85 26.31
CA HIS D 128 -17.49 -21.10 26.04
C HIS D 128 -17.74 -20.01 27.06
N ASP D 129 -17.03 -20.03 28.19
CA ASP D 129 -17.26 -19.05 29.24
C ASP D 129 -16.53 -17.75 28.95
N ASN D 130 -15.31 -17.86 28.40
CA ASN D 130 -14.51 -16.68 28.04
C ASN D 130 -13.43 -17.19 27.08
N GLU D 131 -13.77 -17.22 25.80
CA GLU D 131 -12.88 -17.77 24.78
C GLU D 131 -11.58 -16.97 24.69
N GLU D 132 -11.67 -15.64 24.82
CA GLU D 132 -10.46 -14.81 24.75
C GLU D 132 -9.48 -15.15 25.88
N THR D 133 -10.00 -15.46 27.07
CA THR D 133 -9.12 -15.84 28.18
C THR D 133 -8.62 -17.27 27.99
N PHE D 134 -9.46 -18.15 27.45
CA PHE D 134 -9.05 -19.55 27.26
C PHE D 134 -7.79 -19.62 26.40
N LEU D 135 -7.75 -18.82 25.32
CA LEU D 135 -6.58 -18.79 24.45
C LEU D 135 -5.45 -17.96 25.02
N LYS D 136 -5.75 -17.00 25.89
CA LYS D 136 -4.69 -16.28 26.57
C LYS D 136 -3.93 -17.20 27.50
N LYS D 137 -4.65 -18.06 28.24
CA LYS D 137 -3.99 -19.02 29.10
C LYS D 137 -3.23 -20.07 28.31
N TYR D 138 -3.75 -20.44 27.13
CA TYR D 138 -3.02 -21.36 26.26
C TYR D 138 -1.68 -20.77 25.87
N LEU D 139 -1.67 -19.54 25.33
CA LEU D 139 -0.42 -18.86 25.01
C LEU D 139 0.49 -18.80 26.22
N TYR D 140 -0.08 -18.50 27.40
CA TYR D 140 0.70 -18.37 28.61
C TYR D 140 1.37 -19.68 29.00
N GLU D 141 0.59 -20.77 29.02
CA GLU D 141 1.12 -22.05 29.47
C GLU D 141 2.21 -22.58 28.55
N ILE D 142 2.08 -22.34 27.25
CA ILE D 142 3.10 -22.84 26.32
C ILE D 142 4.36 -22.00 26.41
N ALA D 143 4.21 -20.66 26.38
CA ALA D 143 5.38 -19.78 26.37
C ALA D 143 6.18 -19.91 27.66
N ARG D 144 5.50 -20.10 28.79
CA ARG D 144 6.24 -20.22 30.04
C ARG D 144 7.01 -21.54 30.12
N ARG D 145 6.61 -22.55 29.34
CA ARG D 145 7.32 -23.82 29.32
C ARG D 145 8.31 -23.93 28.17
N HIS D 146 8.15 -23.11 27.13
CA HIS D 146 9.09 -23.08 26.00
C HIS D 146 9.51 -21.63 25.82
N PRO D 147 10.48 -21.16 26.60
CA PRO D 147 10.81 -19.73 26.61
C PRO D 147 11.49 -19.24 25.36
N TYR D 148 11.73 -20.12 24.38
CA TYR D 148 12.31 -19.73 23.10
C TYR D 148 11.39 -20.12 21.96
N PHE D 149 10.11 -20.29 22.24
CA PHE D 149 9.15 -20.65 21.22
C PHE D 149 9.01 -19.52 20.21
N TYR D 150 8.96 -19.89 18.93
CA TYR D 150 8.81 -18.92 17.86
C TYR D 150 7.47 -18.22 18.02
N ALA D 151 7.49 -16.97 18.46
CA ALA D 151 6.25 -16.28 18.81
C ALA D 151 5.22 -16.26 17.69
N PRO D 152 5.58 -15.94 16.43
CA PRO D 152 4.56 -15.99 15.37
C PRO D 152 3.95 -17.35 15.17
N GLU D 153 4.75 -18.42 15.30
CA GLU D 153 4.18 -19.75 15.11
C GLU D 153 3.27 -20.13 16.28
N LEU D 154 3.54 -19.59 17.46
CA LEU D 154 2.64 -19.83 18.59
C LEU D 154 1.27 -19.21 18.32
N LEU D 155 1.24 -18.01 17.71
CA LEU D 155 -0.02 -17.40 17.35
C LEU D 155 -0.81 -18.28 16.38
N PHE D 156 -0.11 -18.90 15.43
CA PHE D 156 -0.77 -19.82 14.51
C PHE D 156 -1.27 -21.06 15.26
N PHE D 157 -0.50 -21.52 16.26
CA PHE D 157 -0.95 -22.64 17.07
C PHE D 157 -2.20 -22.26 17.85
N ALA D 158 -2.27 -21.03 18.36
CA ALA D 158 -3.47 -20.61 19.09
C ALA D 158 -4.68 -20.55 18.18
N LYS D 159 -4.48 -20.27 16.89
CA LYS D 159 -5.59 -20.22 15.95
C LYS D 159 -6.14 -21.62 15.69
N ARG D 160 -5.25 -22.61 15.60
CA ARG D 160 -5.69 -23.98 15.39
C ARG D 160 -6.25 -24.59 16.67
N TYR D 161 -5.70 -24.19 17.82
CA TYR D 161 -6.24 -24.63 19.10
C TYR D 161 -7.68 -24.15 19.25
N LYS D 162 -7.93 -22.87 18.95
CA LYS D 162 -9.29 -22.35 18.99
C LYS D 162 -10.17 -23.05 17.96
N ALA D 163 -9.61 -23.33 16.77
CA ALA D 163 -10.39 -23.95 15.72
C ALA D 163 -10.88 -25.33 16.15
N ALA D 164 -10.05 -26.07 16.89
CA ALA D 164 -10.44 -27.41 17.32
C ALA D 164 -11.55 -27.36 18.36
N PHE D 165 -11.51 -26.39 19.27
CA PHE D 165 -12.55 -26.29 20.27
C PHE D 165 -13.87 -25.81 19.65
N THR D 166 -13.79 -24.89 18.69
CA THR D 166 -14.99 -24.40 18.04
C THR D 166 -15.75 -25.53 17.37
N GLU D 167 -15.04 -26.43 16.69
CA GLU D 167 -15.71 -27.53 15.99
C GLU D 167 -16.15 -28.61 16.96
N CYS D 168 -15.27 -29.02 17.87
CA CYS D 168 -15.52 -30.24 18.61
C CYS D 168 -16.45 -30.05 19.81
N CYS D 169 -16.46 -28.86 20.41
CA CYS D 169 -17.39 -28.64 21.53
C CYS D 169 -18.85 -28.69 21.10
N GLN D 170 -19.12 -28.60 19.79
CA GLN D 170 -20.48 -28.75 19.29
C GLN D 170 -20.65 -30.04 18.51
N ALA D 171 -19.68 -30.94 18.59
CA ALA D 171 -19.78 -32.23 17.92
C ALA D 171 -20.56 -33.20 18.79
N ALA D 172 -21.05 -34.27 18.15
CA ALA D 172 -21.79 -35.29 18.90
C ALA D 172 -20.89 -35.97 19.91
N ASP D 173 -19.68 -36.36 19.48
CA ASP D 173 -18.66 -36.93 20.36
C ASP D 173 -17.56 -35.88 20.50
N LYS D 174 -17.60 -35.13 21.60
CA LYS D 174 -16.63 -34.05 21.77
C LYS D 174 -15.22 -34.60 21.90
N ALA D 175 -15.05 -35.66 22.70
CA ALA D 175 -13.71 -36.18 22.96
C ALA D 175 -13.15 -36.93 21.76
N ALA D 176 -14.01 -37.61 21.00
CA ALA D 176 -13.55 -38.31 19.80
C ALA D 176 -13.08 -37.33 18.75
N CYS D 177 -13.68 -36.13 18.72
CA CYS D 177 -13.26 -35.07 17.82
C CYS D 177 -12.03 -34.34 18.36
N LEU D 178 -12.12 -33.88 19.62
CA LEU D 178 -11.15 -32.93 20.15
C LEU D 178 -9.80 -33.57 20.44
N LEU D 179 -9.79 -34.65 21.22
CA LEU D 179 -8.54 -35.19 21.74
C LEU D 179 -7.50 -35.54 20.68
N PRO D 180 -7.84 -36.26 19.59
CA PRO D 180 -6.81 -36.48 18.56
C PRO D 180 -6.23 -35.17 18.04
N LYS D 181 -7.07 -34.15 17.81
CA LYS D 181 -6.57 -32.86 17.35
C LYS D 181 -5.67 -32.23 18.40
N LEU D 182 -6.02 -32.39 19.68
CA LEU D 182 -5.22 -31.81 20.75
C LEU D 182 -3.88 -32.53 20.93
N ASP D 183 -3.84 -33.85 20.68
CA ASP D 183 -2.55 -34.52 20.69
C ASP D 183 -1.69 -34.09 19.52
N GLU D 184 -2.32 -33.83 18.36
CA GLU D 184 -1.56 -33.46 17.18
C GLU D 184 -0.91 -32.09 17.33
N LEU D 185 -1.61 -31.14 17.95
CA LEU D 185 -1.01 -29.83 18.18
C LEU D 185 0.10 -29.92 19.23
N ARG D 186 -0.10 -30.77 20.24
CA ARG D 186 0.92 -30.96 21.27
C ARG D 186 2.21 -31.48 20.66
N ASP D 187 2.12 -32.51 19.81
CA ASP D 187 3.30 -33.04 19.15
C ASP D 187 3.91 -32.00 18.22
N GLU D 188 3.09 -31.35 17.40
CA GLU D 188 3.59 -30.36 16.45
C GLU D 188 4.20 -29.17 17.18
N GLY D 189 3.63 -28.78 18.32
CA GLY D 189 4.19 -27.66 19.06
C GLY D 189 5.53 -27.99 19.69
N LYS D 190 5.69 -29.22 20.16
CA LYS D 190 6.98 -29.66 20.67
C LYS D 190 8.00 -29.73 19.55
N ALA D 191 7.59 -30.20 18.37
CA ALA D 191 8.49 -30.25 17.23
C ALA D 191 8.92 -28.86 16.81
N SER D 192 7.99 -27.91 16.80
CA SER D 192 8.34 -26.54 16.48
C SER D 192 9.24 -25.94 17.56
N SER D 193 8.95 -26.24 18.83
CA SER D 193 9.74 -25.69 19.92
C SER D 193 11.17 -26.21 19.87
N ALA D 194 11.34 -27.47 19.48
CA ALA D 194 12.67 -28.05 19.39
C ALA D 194 13.43 -27.53 18.18
N LYS D 195 12.73 -27.24 17.08
CA LYS D 195 13.40 -26.66 15.92
C LYS D 195 13.87 -25.24 16.22
N GLN D 196 13.02 -24.44 16.86
CA GLN D 196 13.38 -23.04 17.09
C GLN D 196 14.46 -22.93 18.14
N ARG D 197 14.50 -23.87 19.08
CA ARG D 197 15.54 -23.84 20.11
C ARG D 197 16.91 -24.14 19.51
N LEU D 198 16.97 -24.98 18.47
CA LEU D 198 18.24 -25.17 17.77
C LEU D 198 18.66 -23.88 17.08
N LYS D 199 17.70 -23.16 16.47
CA LYS D 199 18.02 -21.90 15.82
C LYS D 199 18.56 -20.88 16.82
N CYS D 200 17.88 -20.72 17.96
CA CYS D 200 18.32 -19.73 18.94
C CYS D 200 19.68 -20.11 19.51
N ALA D 201 19.90 -21.40 19.77
CA ALA D 201 21.20 -21.84 20.25
C ALA D 201 22.28 -21.62 19.20
N SER D 202 21.94 -21.78 17.92
CA SER D 202 22.89 -21.49 16.85
C SER D 202 23.33 -20.03 16.89
N LEU D 203 22.39 -19.11 17.14
CA LEU D 203 22.71 -17.70 17.17
C LEU D 203 23.40 -17.30 18.47
N GLN D 204 22.84 -17.73 19.60
CA GLN D 204 23.37 -17.29 20.90
C GLN D 204 24.74 -17.87 21.19
N LYS D 205 24.93 -19.16 20.94
CA LYS D 205 26.17 -19.84 21.34
C LYS D 205 27.28 -19.72 20.29
N PHE D 206 26.98 -20.02 19.03
CA PHE D 206 28.01 -20.13 18.00
C PHE D 206 28.08 -18.95 17.05
N GLY D 207 27.23 -17.95 17.22
CA GLY D 207 27.40 -16.71 16.49
C GLY D 207 26.53 -16.65 15.25
N GLU D 208 26.35 -15.41 14.75
CA GLU D 208 25.52 -15.16 13.59
C GLU D 208 26.10 -15.75 12.32
N ARG D 209 27.42 -15.97 12.27
CA ARG D 209 28.03 -16.55 11.08
C ARG D 209 27.64 -18.02 10.89
N ALA D 210 27.41 -18.75 11.98
CA ALA D 210 27.07 -20.16 11.88
C ALA D 210 25.60 -20.37 11.57
N PHE D 211 24.74 -19.45 12.00
CA PHE D 211 23.32 -19.55 11.65
C PHE D 211 23.10 -19.25 10.17
N LYS D 212 23.83 -18.26 9.63
CA LYS D 212 23.69 -17.92 8.22
C LYS D 212 24.17 -19.06 7.33
N ALA D 213 25.24 -19.76 7.74
CA ALA D 213 25.74 -20.87 6.95
C ALA D 213 24.70 -21.98 6.86
N TRP D 214 24.02 -22.27 7.97
CA TRP D 214 22.95 -23.26 7.94
C TRP D 214 21.81 -22.79 7.05
N ALA D 215 21.47 -21.50 7.11
CA ALA D 215 20.36 -20.99 6.34
C ALA D 215 20.71 -20.91 4.86
N VAL D 216 21.98 -20.69 4.53
CA VAL D 216 22.38 -20.63 3.13
C VAL D 216 22.30 -22.02 2.50
N ALA D 217 22.55 -23.07 3.28
CA ALA D 217 22.48 -24.41 2.72
C ALA D 217 21.04 -24.91 2.65
N ARG D 218 20.20 -24.57 3.63
CA ARG D 218 18.83 -25.03 3.58
C ARG D 218 18.03 -24.29 2.50
N LEU D 219 18.31 -23.01 2.32
CA LEU D 219 17.58 -22.25 1.31
C LEU D 219 18.09 -22.53 -0.09
N SER D 220 19.38 -22.86 -0.23
CA SER D 220 19.87 -23.28 -1.54
C SER D 220 19.24 -24.61 -1.94
N GLN D 221 19.01 -25.49 -0.98
CA GLN D 221 18.25 -26.71 -1.24
C GLN D 221 16.79 -26.38 -1.58
N ARG D 222 16.22 -25.44 -0.85
CA ARG D 222 14.80 -25.13 -1.03
C ARG D 222 14.58 -24.37 -2.33
N PHE D 223 15.45 -23.40 -2.62
CA PHE D 223 15.30 -22.51 -3.77
C PHE D 223 16.48 -22.66 -4.71
N PRO D 224 16.60 -23.79 -5.42
CA PRO D 224 17.77 -24.00 -6.28
C PRO D 224 17.81 -23.08 -7.48
N LYS D 225 16.69 -22.44 -7.84
CA LYS D 225 16.65 -21.49 -8.94
C LYS D 225 17.26 -20.15 -8.53
N ALA D 226 17.22 -19.83 -7.25
CA ALA D 226 17.63 -18.51 -6.80
C ALA D 226 19.13 -18.29 -6.96
N GLU D 227 19.51 -17.05 -7.17
CA GLU D 227 20.91 -16.72 -7.27
C GLU D 227 21.50 -16.59 -5.87
N PHE D 228 22.82 -16.78 -5.79
CA PHE D 228 23.48 -16.72 -4.49
C PHE D 228 23.19 -15.41 -3.78
N ALA D 229 23.16 -14.31 -4.51
CA ALA D 229 22.82 -13.02 -3.90
C ALA D 229 21.38 -12.98 -3.41
N GLU D 230 20.48 -13.72 -4.08
CA GLU D 230 19.09 -13.77 -3.62
C GLU D 230 18.94 -14.64 -2.39
N VAL D 231 19.59 -15.81 -2.37
CA VAL D 231 19.57 -16.65 -1.18
C VAL D 231 20.23 -15.93 -0.01
N SER D 232 21.35 -15.24 -0.27
CA SER D 232 22.00 -14.48 0.79
C SER D 232 21.11 -13.35 1.27
N LYS D 233 20.24 -12.82 0.42
CA LYS D 233 19.35 -11.76 0.85
C LYS D 233 18.29 -12.30 1.78
N LEU D 234 17.72 -13.46 1.44
CA LEU D 234 16.71 -14.05 2.31
C LEU D 234 17.33 -14.55 3.61
N VAL D 235 18.61 -14.92 3.59
CA VAL D 235 19.27 -15.37 4.81
C VAL D 235 19.56 -14.19 5.73
N THR D 236 19.85 -13.02 5.17
CA THR D 236 20.02 -11.84 6.01
C THR D 236 18.70 -11.44 6.66
N ASP D 237 17.60 -11.44 5.89
CA ASP D 237 16.30 -11.16 6.49
C ASP D 237 15.92 -12.23 7.49
N LEU D 238 16.28 -13.48 7.20
CA LEU D 238 15.95 -14.58 8.10
C LEU D 238 16.73 -14.49 9.41
N THR D 239 17.98 -14.02 9.36
CA THR D 239 18.76 -13.90 10.59
C THR D 239 18.22 -12.79 11.47
N LYS D 240 17.66 -11.73 10.89
CA LYS D 240 17.12 -10.68 11.73
C LYS D 240 15.79 -11.10 12.36
N VAL D 241 14.97 -11.86 11.62
CA VAL D 241 13.69 -12.29 12.16
C VAL D 241 13.89 -13.16 13.40
N HIS D 242 14.88 -14.05 13.35
CA HIS D 242 15.12 -14.96 14.47
C HIS D 242 16.00 -14.32 15.54
N THR D 243 16.82 -13.34 15.19
CA THR D 243 17.50 -12.57 16.22
C THR D 243 16.52 -11.85 17.12
N GLU D 244 15.47 -11.25 16.55
CA GLU D 244 14.50 -10.53 17.38
C GLU D 244 13.66 -11.49 18.21
N CYS D 245 13.31 -12.65 17.63
CA CYS D 245 12.48 -13.62 18.33
C CYS D 245 13.26 -14.40 19.39
N CYS D 246 14.59 -14.49 19.27
CA CYS D 246 15.39 -15.13 20.30
C CYS D 246 15.95 -14.14 21.32
N HIS D 247 16.08 -12.87 20.97
CA HIS D 247 16.52 -11.86 21.91
C HIS D 247 15.35 -11.10 22.53
N GLY D 248 14.11 -11.48 22.23
CA GLY D 248 12.96 -11.09 23.02
C GLY D 248 12.05 -10.07 22.36
N ASP D 249 12.51 -9.36 21.33
CA ASP D 249 11.69 -8.30 20.73
C ASP D 249 10.66 -8.96 19.82
N LEU D 250 9.60 -9.48 20.44
CA LEU D 250 8.63 -10.30 19.74
C LEU D 250 7.76 -9.50 18.77
N LEU D 251 7.60 -8.20 18.98
CA LEU D 251 6.74 -7.43 18.09
C LEU D 251 7.46 -7.04 16.80
N GLU D 252 8.79 -6.87 16.85
CA GLU D 252 9.52 -6.64 15.62
C GLU D 252 9.76 -7.94 14.86
N CYS D 253 9.90 -9.06 15.59
CA CYS D 253 9.99 -10.36 14.94
C CYS D 253 8.75 -10.62 14.09
N ALA D 254 7.57 -10.36 14.65
CA ALA D 254 6.33 -10.64 13.93
C ALA D 254 6.24 -9.82 12.65
N ASP D 255 6.64 -8.56 12.70
CA ASP D 255 6.52 -7.71 11.52
C ASP D 255 7.60 -8.02 10.49
N ASP D 256 8.76 -8.52 10.94
CA ASP D 256 9.84 -8.81 10.01
C ASP D 256 9.59 -10.09 9.22
N ARG D 257 9.02 -11.12 9.85
CA ARG D 257 8.68 -12.31 9.09
C ARG D 257 7.47 -12.06 8.20
N ALA D 258 6.62 -11.11 8.58
CA ALA D 258 5.57 -10.68 7.66
C ALA D 258 6.17 -9.98 6.45
N ASP D 259 7.15 -9.10 6.68
CA ASP D 259 7.83 -8.44 5.57
C ASP D 259 8.60 -9.44 4.71
N LEU D 260 9.12 -10.50 5.31
CA LEU D 260 9.87 -11.47 4.53
C LEU D 260 8.96 -12.33 3.69
N ALA D 261 7.75 -12.60 4.17
CA ALA D 261 6.80 -13.35 3.36
C ALA D 261 6.29 -12.50 2.20
N LYS D 262 6.07 -11.20 2.43
CA LYS D 262 5.62 -10.34 1.35
C LYS D 262 6.73 -10.14 0.30
N TYR D 263 7.99 -10.05 0.75
CA TYR D 263 9.10 -9.91 -0.19
C TYR D 263 9.30 -11.17 -1.01
N ILE D 264 9.14 -12.34 -0.38
CA ILE D 264 9.34 -13.60 -1.10
C ILE D 264 8.25 -13.79 -2.14
N CYS D 265 7.03 -13.35 -1.84
CA CYS D 265 5.93 -13.52 -2.78
C CYS D 265 6.02 -12.54 -3.94
N GLU D 266 6.54 -11.34 -3.68
CA GLU D 266 6.74 -10.38 -4.76
C GLU D 266 7.80 -10.88 -5.72
N ASN D 267 8.87 -11.47 -5.19
CA ASN D 267 10.00 -11.95 -5.97
C ASN D 267 9.98 -13.46 -6.21
N GLN D 268 8.81 -14.08 -6.11
CA GLN D 268 8.74 -15.54 -6.23
C GLN D 268 9.24 -16.04 -7.58
N ASP D 269 9.07 -15.25 -8.64
CA ASP D 269 9.53 -15.68 -9.96
C ASP D 269 11.04 -15.88 -10.01
N SER D 270 11.77 -15.20 -9.14
CA SER D 270 13.22 -15.33 -9.07
C SER D 270 13.67 -16.27 -7.96
N ILE D 271 12.73 -16.91 -7.26
CA ILE D 271 13.07 -17.68 -6.06
C ILE D 271 12.61 -19.12 -6.22
N SER D 272 11.31 -19.35 -6.33
CA SER D 272 10.77 -20.71 -6.37
C SER D 272 9.45 -20.73 -7.12
N SER D 273 9.16 -21.87 -7.72
CA SER D 273 7.89 -22.09 -8.43
C SER D 273 6.82 -22.71 -7.54
N LYS D 274 7.15 -23.05 -6.30
CA LYS D 274 6.21 -23.70 -5.40
C LYS D 274 5.48 -22.72 -4.49
N LEU D 275 5.73 -21.41 -4.63
CA LEU D 275 5.21 -20.42 -3.70
C LEU D 275 3.87 -19.84 -4.10
N LYS D 276 3.44 -20.02 -5.36
CA LYS D 276 2.21 -19.36 -5.83
C LYS D 276 1.02 -19.64 -4.92
N GLU D 277 0.84 -20.90 -4.53
CA GLU D 277 -0.28 -21.23 -3.66
C GLU D 277 -0.12 -20.60 -2.28
N CYS D 278 1.12 -20.53 -1.77
CA CYS D 278 1.33 -19.97 -0.45
C CYS D 278 0.97 -18.50 -0.40
N CYS D 279 1.23 -17.78 -1.49
CA CYS D 279 1.13 -16.33 -1.51
C CYS D 279 -0.31 -15.83 -1.60
N GLU D 280 -1.26 -16.70 -1.89
CA GLU D 280 -2.67 -16.31 -1.93
C GLU D 280 -3.34 -16.43 -0.57
N LYS D 281 -2.64 -16.94 0.45
CA LYS D 281 -3.18 -17.18 1.78
C LYS D 281 -3.02 -15.94 2.67
N PRO D 282 -3.80 -15.83 3.74
CA PRO D 282 -3.63 -14.72 4.68
C PRO D 282 -2.28 -14.79 5.40
N LEU D 283 -1.97 -13.72 6.13
CA LEU D 283 -0.64 -13.51 6.70
C LEU D 283 -0.13 -14.71 7.48
N LEU D 284 -0.86 -15.12 8.52
CA LEU D 284 -0.39 -16.22 9.36
C LEU D 284 -0.18 -17.49 8.54
N GLU D 285 -1.16 -17.85 7.71
CA GLU D 285 -1.04 -19.07 6.94
C GLU D 285 -0.01 -18.94 5.83
N LYS D 286 0.18 -17.73 5.29
CA LYS D 286 1.16 -17.54 4.23
C LYS D 286 2.58 -17.77 4.75
N SER D 287 2.93 -17.12 5.88
CA SER D 287 4.25 -17.32 6.45
C SER D 287 4.47 -18.78 6.83
N HIS D 288 3.44 -19.43 7.36
CA HIS D 288 3.56 -20.85 7.68
C HIS D 288 3.73 -21.67 6.42
N CYS D 289 2.92 -21.40 5.40
CA CYS D 289 2.99 -22.14 4.14
C CYS D 289 4.38 -22.02 3.51
N ILE D 290 4.97 -20.83 3.53
CA ILE D 290 6.28 -20.63 2.93
C ILE D 290 7.34 -21.43 3.69
N ALA D 291 7.20 -21.52 5.01
CA ALA D 291 8.21 -22.22 5.81
C ALA D 291 8.18 -23.71 5.57
N GLU D 292 7.02 -24.26 5.23
CA GLU D 292 6.86 -25.70 5.03
C GLU D 292 6.85 -26.10 3.57
N VAL D 293 7.18 -25.18 2.66
CA VAL D 293 7.03 -25.44 1.23
C VAL D 293 8.06 -26.46 0.77
N GLU D 294 7.67 -27.29 -0.19
CA GLU D 294 8.56 -28.33 -0.70
C GLU D 294 9.68 -27.73 -1.55
N ASN D 295 10.74 -28.50 -1.71
CA ASN D 295 11.87 -28.04 -2.50
C ASN D 295 11.45 -27.82 -3.95
N ASP D 296 12.09 -26.85 -4.59
CA ASP D 296 11.85 -26.56 -5.99
C ASP D 296 12.68 -27.50 -6.86
N GLU D 297 12.29 -27.61 -8.13
CA GLU D 297 13.07 -28.42 -9.06
C GLU D 297 14.40 -27.73 -9.36
N MET D 298 15.42 -28.54 -9.62
CA MET D 298 16.73 -28.01 -9.95
C MET D 298 16.74 -27.47 -11.38
N PRO D 299 17.52 -26.42 -11.63
CA PRO D 299 17.77 -26.04 -13.03
C PRO D 299 18.46 -27.19 -13.74
N ALA D 300 17.98 -27.49 -14.96
CA ALA D 300 18.47 -28.67 -15.66
C ALA D 300 19.90 -28.49 -16.15
N ASP D 301 20.23 -27.30 -16.66
CA ASP D 301 21.56 -27.04 -17.20
C ASP D 301 22.47 -26.50 -16.09
N LEU D 302 22.87 -27.41 -15.21
CA LEU D 302 23.68 -27.04 -14.05
C LEU D 302 25.06 -27.68 -14.16
N PRO D 303 26.12 -26.88 -14.17
CA PRO D 303 27.47 -27.41 -14.40
C PRO D 303 28.00 -28.21 -13.22
N SER D 304 29.11 -28.89 -13.45
CA SER D 304 29.85 -29.55 -12.39
C SER D 304 30.66 -28.54 -11.58
N LEU D 305 30.87 -28.86 -10.31
CA LEU D 305 31.56 -27.96 -9.40
C LEU D 305 33.08 -27.98 -9.56
N ALA D 306 33.64 -28.98 -10.25
CA ALA D 306 35.09 -29.05 -10.43
C ALA D 306 35.64 -27.82 -11.14
N ALA D 307 34.95 -27.39 -12.20
CA ALA D 307 35.41 -26.28 -13.05
C ALA D 307 35.80 -25.04 -12.24
N ASP D 308 34.86 -24.50 -11.46
CA ASP D 308 35.05 -23.17 -10.88
C ASP D 308 35.75 -23.19 -9.53
N PHE D 309 35.76 -24.32 -8.83
CA PHE D 309 36.26 -24.36 -7.45
C PHE D 309 37.53 -25.18 -7.26
N VAL D 310 37.84 -26.11 -8.16
CA VAL D 310 39.02 -26.94 -8.06
C VAL D 310 39.93 -26.74 -9.28
N GLU D 311 39.35 -26.77 -10.48
CA GLU D 311 40.13 -26.71 -11.72
C GLU D 311 40.51 -25.28 -12.09
N SER D 312 39.90 -24.27 -11.47
CA SER D 312 40.20 -22.89 -11.83
C SER D 312 41.61 -22.51 -11.35
N LYS D 313 42.08 -21.37 -11.86
CA LYS D 313 43.40 -20.88 -11.53
C LYS D 313 43.39 -19.69 -10.57
N ASP D 314 42.20 -19.16 -10.25
CA ASP D 314 42.05 -18.05 -9.33
C ASP D 314 41.35 -18.47 -8.03
N VAL D 315 41.53 -19.75 -7.65
CA VAL D 315 40.84 -20.27 -6.47
C VAL D 315 41.38 -19.61 -5.20
N CYS D 316 42.71 -19.59 -5.07
CA CYS D 316 43.29 -18.95 -3.89
C CYS D 316 43.19 -17.43 -3.96
N LYS D 317 43.12 -16.86 -5.17
CA LYS D 317 42.88 -15.43 -5.28
C LYS D 317 41.48 -15.06 -4.80
N ASN D 318 40.47 -15.87 -5.15
CA ASN D 318 39.11 -15.62 -4.68
C ASN D 318 39.00 -15.84 -3.18
N TYR D 319 39.57 -16.94 -2.67
CA TYR D 319 39.57 -17.16 -1.24
C TYR D 319 40.24 -16.02 -0.49
N ALA D 320 41.32 -15.48 -1.06
CA ALA D 320 42.01 -14.36 -0.41
C ALA D 320 41.18 -13.09 -0.47
N GLU D 321 40.58 -12.79 -1.62
CA GLU D 321 39.95 -11.49 -1.80
C GLU D 321 38.59 -11.42 -1.11
N ALA D 322 37.74 -12.43 -1.31
CA ALA D 322 36.38 -12.46 -0.76
C ALA D 322 36.17 -13.83 -0.10
N LYS D 323 36.77 -14.03 1.08
CA LYS D 323 36.78 -15.36 1.70
C LYS D 323 35.36 -15.87 1.96
N ASP D 324 34.52 -15.04 2.59
CA ASP D 324 33.19 -15.50 2.94
C ASP D 324 32.26 -15.55 1.73
N VAL D 325 32.46 -14.66 0.75
CA VAL D 325 31.63 -14.69 -0.44
C VAL D 325 31.98 -15.90 -1.28
N PHE D 326 33.26 -16.24 -1.37
CA PHE D 326 33.69 -17.40 -2.15
C PHE D 326 33.24 -18.70 -1.48
N LEU D 327 33.32 -18.77 -0.15
CA LEU D 327 32.94 -19.98 0.56
C LEU D 327 31.43 -20.14 0.65
N GLY D 328 30.71 -19.04 0.90
CA GLY D 328 29.26 -19.11 0.85
C GLY D 328 28.75 -19.45 -0.53
N MET D 329 29.54 -19.14 -1.56
CA MET D 329 29.18 -19.55 -2.91
C MET D 329 29.40 -21.04 -3.12
N PHE D 330 30.46 -21.59 -2.52
CA PHE D 330 30.68 -23.03 -2.63
C PHE D 330 29.57 -23.79 -1.93
N LEU D 331 29.15 -23.32 -0.76
CA LEU D 331 28.07 -23.97 -0.02
C LEU D 331 26.76 -23.88 -0.79
N TYR D 332 26.41 -22.68 -1.25
CA TYR D 332 25.20 -22.49 -2.03
C TYR D 332 25.19 -23.42 -3.25
N GLU D 333 26.28 -23.41 -4.02
CA GLU D 333 26.32 -24.23 -5.23
C GLU D 333 26.29 -25.71 -4.93
N TYR D 334 26.87 -26.12 -3.80
CA TYR D 334 26.81 -27.53 -3.43
C TYR D 334 25.44 -27.90 -2.90
N ALA D 335 24.80 -26.98 -2.17
CA ALA D 335 23.53 -27.28 -1.52
C ALA D 335 22.40 -27.44 -2.54
N ARG D 336 22.35 -26.59 -3.57
CA ARG D 336 21.25 -26.70 -4.52
C ARG D 336 21.40 -27.89 -5.44
N ARG D 337 22.62 -28.39 -5.62
CA ARG D 337 22.84 -29.60 -6.40
C ARG D 337 22.51 -30.85 -5.61
N HIS D 338 22.43 -30.76 -4.28
CA HIS D 338 22.20 -31.94 -3.43
C HIS D 338 21.17 -31.63 -2.35
N PRO D 339 19.89 -31.66 -2.70
CA PRO D 339 18.85 -31.61 -1.67
C PRO D 339 18.63 -32.94 -0.97
N ASP D 340 19.33 -33.99 -1.42
CA ASP D 340 19.29 -35.30 -0.79
C ASP D 340 20.34 -35.45 0.31
N TYR D 341 21.19 -34.46 0.51
CA TYR D 341 22.07 -34.41 1.67
C TYR D 341 21.38 -33.63 2.78
N SER D 342 21.92 -33.74 3.99
CA SER D 342 21.41 -32.94 5.10
C SER D 342 22.15 -31.62 5.14
N VAL D 343 21.65 -30.69 5.95
CA VAL D 343 22.29 -29.38 6.02
C VAL D 343 23.61 -29.48 6.78
N VAL D 344 23.68 -30.33 7.81
CA VAL D 344 24.94 -30.45 8.54
C VAL D 344 25.97 -31.20 7.70
N LEU D 345 25.55 -32.11 6.83
CA LEU D 345 26.54 -32.74 5.95
C LEU D 345 27.12 -31.72 4.99
N LEU D 346 26.27 -30.83 4.47
CA LEU D 346 26.75 -29.79 3.58
C LEU D 346 27.70 -28.85 4.31
N LEU D 347 27.35 -28.46 5.54
CA LEU D 347 28.21 -27.59 6.32
C LEU D 347 29.55 -28.25 6.64
N ARG D 348 29.58 -29.58 6.73
CA ARG D 348 30.84 -30.29 6.94
C ARG D 348 31.70 -30.26 5.68
N LEU D 349 31.07 -30.40 4.51
CA LEU D 349 31.81 -30.29 3.25
C LEU D 349 32.39 -28.89 3.09
N ALA D 350 31.65 -27.87 3.51
CA ALA D 350 32.13 -26.49 3.36
C ALA D 350 33.31 -26.21 4.29
N LYS D 351 33.31 -26.78 5.49
CA LYS D 351 34.45 -26.60 6.39
C LYS D 351 35.65 -27.38 5.91
N THR D 352 35.43 -28.58 5.38
CA THR D 352 36.52 -29.35 4.77
C THR D 352 37.15 -28.58 3.63
N TYR D 353 36.32 -28.11 2.70
CA TYR D 353 36.83 -27.32 1.58
C TYR D 353 37.58 -26.10 2.09
N GLU D 354 37.07 -25.44 3.12
CA GLU D 354 37.74 -24.27 3.68
C GLU D 354 39.12 -24.62 4.22
N THR D 355 39.21 -25.62 5.10
CA THR D 355 40.49 -25.93 5.74
C THR D 355 41.52 -26.39 4.73
N THR D 356 41.10 -27.02 3.64
CA THR D 356 42.04 -27.41 2.60
C THR D 356 42.64 -26.19 1.91
N LEU D 357 41.86 -25.11 1.78
CA LEU D 357 42.34 -23.93 1.09
C LEU D 357 43.36 -23.15 1.91
N GLU D 358 43.30 -23.27 3.24
CA GLU D 358 44.28 -22.60 4.09
C GLU D 358 45.65 -23.29 4.06
N TYR D 370 45.65 -29.10 -3.91
CA TYR D 370 44.22 -29.11 -3.61
C TYR D 370 43.39 -29.64 -4.78
N ALA D 371 44.04 -30.33 -5.72
CA ALA D 371 43.32 -30.82 -6.89
C ALA D 371 42.40 -31.99 -6.58
N LYS D 372 42.61 -32.69 -5.46
CA LYS D 372 41.82 -33.87 -5.10
C LYS D 372 40.92 -33.62 -3.90
N VAL D 373 40.38 -32.40 -3.77
CA VAL D 373 39.58 -32.06 -2.60
C VAL D 373 38.25 -32.80 -2.62
N PHE D 374 37.65 -32.98 -3.80
CA PHE D 374 36.34 -33.60 -3.85
C PHE D 374 36.37 -35.07 -3.47
N ASP D 375 37.55 -35.67 -3.34
CA ASP D 375 37.66 -37.05 -2.90
C ASP D 375 37.55 -37.16 -1.38
N GLU D 376 37.84 -36.07 -0.65
CA GLU D 376 37.68 -36.07 0.79
C GLU D 376 36.22 -35.96 1.21
N PHE D 377 35.31 -35.71 0.28
CA PHE D 377 33.90 -35.63 0.61
C PHE D 377 33.22 -36.99 0.61
N LYS D 378 33.80 -37.95 -0.13
CA LYS D 378 33.24 -39.29 -0.11
C LYS D 378 33.24 -39.89 1.29
N PRO D 379 34.31 -39.80 2.10
CA PRO D 379 34.21 -40.29 3.48
C PRO D 379 33.12 -39.61 4.28
N LEU D 380 33.07 -38.27 4.23
CA LEU D 380 32.12 -37.52 5.02
C LEU D 380 30.68 -37.74 4.59
N VAL D 381 30.45 -38.14 3.34
CA VAL D 381 29.09 -38.36 2.87
C VAL D 381 28.61 -39.77 3.21
N GLU D 382 29.51 -40.75 3.20
CA GLU D 382 29.12 -42.13 3.47
C GLU D 382 28.91 -42.39 4.95
N GLU D 383 29.62 -41.67 5.82
CA GLU D 383 29.45 -41.86 7.26
C GLU D 383 28.01 -41.64 7.72
N PRO D 384 27.34 -40.53 7.37
CA PRO D 384 25.92 -40.43 7.71
C PRO D 384 25.05 -41.34 6.87
N GLN D 385 25.42 -41.55 5.59
CA GLN D 385 24.64 -42.41 4.72
C GLN D 385 24.54 -43.83 5.29
N ASN D 386 25.66 -44.36 5.79
CA ASN D 386 25.66 -45.70 6.37
C ASN D 386 24.89 -45.74 7.68
N LEU D 387 25.03 -44.70 8.51
CA LEU D 387 24.35 -44.66 9.80
C LEU D 387 22.84 -44.72 9.64
N ILE D 388 22.29 -43.99 8.66
CA ILE D 388 20.84 -43.95 8.52
C ILE D 388 20.32 -45.29 8.01
N LYS D 389 21.01 -45.88 7.02
CA LYS D 389 20.62 -47.20 6.55
C LYS D 389 20.78 -48.23 7.66
N GLN D 390 21.83 -48.09 8.46
CA GLN D 390 22.04 -49.00 9.58
C GLN D 390 20.92 -48.85 10.62
N ASN D 391 20.54 -47.60 10.93
CA ASN D 391 19.52 -47.38 11.95
C ASN D 391 18.11 -47.60 11.43
N CYS D 392 17.86 -47.32 10.14
CA CYS D 392 16.55 -47.64 9.59
C CYS D 392 16.36 -49.15 9.51
N GLU D 393 17.43 -49.88 9.12
CA GLU D 393 17.35 -51.34 9.10
C GLU D 393 17.00 -51.89 10.47
N LEU D 394 17.60 -51.33 11.53
CA LEU D 394 17.27 -51.76 12.88
C LEU D 394 15.82 -51.44 13.21
N PHE D 395 15.32 -50.29 12.74
CA PHE D 395 13.95 -49.90 13.01
C PHE D 395 12.95 -50.83 12.32
N GLU D 396 13.30 -51.39 11.16
CA GLU D 396 12.39 -52.31 10.49
C GLU D 396 12.17 -53.56 11.33
N GLN D 397 13.24 -54.04 11.97
CA GLN D 397 13.19 -55.26 12.77
C GLN D 397 12.53 -55.02 14.12
N LEU D 398 13.04 -54.06 14.89
CA LEU D 398 12.66 -53.91 16.29
C LEU D 398 11.28 -53.26 16.44
N GLY D 399 11.05 -52.17 15.72
CA GLY D 399 9.88 -51.35 15.94
C GLY D 399 10.20 -50.17 16.84
N GLU D 400 9.30 -49.17 16.82
CA GLU D 400 9.59 -47.90 17.45
C GLU D 400 9.94 -48.06 18.93
N TYR D 401 9.11 -48.79 19.68
CA TYR D 401 9.35 -48.97 21.11
C TYR D 401 10.70 -49.64 21.35
N LYS D 402 10.95 -50.75 20.66
CA LYS D 402 12.19 -51.48 20.87
C LYS D 402 13.39 -50.78 20.25
N PHE D 403 13.17 -49.99 19.19
CA PHE D 403 14.25 -49.17 18.64
C PHE D 403 14.70 -48.11 19.65
N GLN D 404 13.74 -47.53 20.39
CA GLN D 404 14.10 -46.62 21.47
C GLN D 404 14.86 -47.33 22.57
N ASN D 405 14.43 -48.54 22.93
CA ASN D 405 15.14 -49.32 23.95
C ASN D 405 16.58 -49.53 23.54
N ALA D 406 16.81 -49.90 22.27
CA ALA D 406 18.17 -50.07 21.78
C ALA D 406 18.96 -48.77 21.87
N LEU D 407 18.33 -47.65 21.54
CA LEU D 407 19.01 -46.36 21.64
C LEU D 407 19.18 -45.94 23.10
N LEU D 408 18.24 -46.32 23.97
CA LEU D 408 18.40 -46.07 25.40
C LEU D 408 19.65 -46.75 25.93
N VAL D 409 19.82 -48.04 25.63
CA VAL D 409 21.04 -48.74 26.02
C VAL D 409 22.25 -48.08 25.37
N ARG D 410 22.13 -47.75 24.08
CA ARG D 410 23.27 -47.21 23.34
C ARG D 410 23.76 -45.91 23.96
N TYR D 411 22.86 -44.98 24.25
CA TYR D 411 23.26 -43.67 24.75
C TYR D 411 23.44 -43.62 26.27
N THR D 412 22.73 -44.45 27.04
CA THR D 412 23.02 -44.51 28.46
C THR D 412 24.41 -45.10 28.71
N LYS D 413 24.86 -46.01 27.85
CA LYS D 413 26.23 -46.52 27.96
C LYS D 413 27.25 -45.48 27.55
N LYS D 414 26.86 -44.55 26.66
CA LYS D 414 27.79 -43.50 26.22
C LYS D 414 27.97 -42.45 27.30
N VAL D 415 26.88 -41.96 27.88
CA VAL D 415 26.93 -40.81 28.79
C VAL D 415 26.10 -41.11 30.03
N PRO D 416 26.54 -42.04 30.89
CA PRO D 416 25.68 -42.48 32.00
C PRO D 416 25.50 -41.42 33.09
N GLN D 417 26.23 -40.31 33.05
CA GLN D 417 26.09 -39.29 34.07
C GLN D 417 24.82 -38.47 33.91
N VAL D 418 24.21 -38.52 32.73
CA VAL D 418 22.99 -37.77 32.46
C VAL D 418 21.87 -38.31 33.34
N SER D 419 21.01 -37.42 33.82
CA SER D 419 19.89 -37.84 34.66
C SER D 419 18.99 -38.80 33.90
N THR D 420 18.39 -39.73 34.64
CA THR D 420 17.48 -40.70 34.03
C THR D 420 16.31 -40.05 33.31
N PRO D 421 15.63 -39.03 33.85
CA PRO D 421 14.60 -38.36 33.04
C PRO D 421 15.12 -37.79 31.74
N THR D 422 16.32 -37.18 31.74
CA THR D 422 16.85 -36.62 30.50
C THR D 422 17.21 -37.71 29.51
N LEU D 423 17.79 -38.81 29.99
CA LEU D 423 18.15 -39.91 29.09
C LEU D 423 16.92 -40.55 28.47
N VAL D 424 15.85 -40.70 29.25
CA VAL D 424 14.63 -41.30 28.70
C VAL D 424 14.02 -40.39 27.65
N GLU D 425 13.85 -39.11 27.98
CA GLU D 425 13.26 -38.17 27.05
C GLU D 425 14.05 -38.09 25.75
N VAL D 426 15.37 -37.90 25.85
CA VAL D 426 16.22 -37.73 24.67
C VAL D 426 16.19 -38.99 23.81
N SER D 427 16.30 -40.17 24.43
CA SER D 427 16.36 -41.41 23.66
C SER D 427 15.03 -41.73 23.01
N ARG D 428 13.92 -41.42 23.68
CA ARG D 428 12.61 -41.62 23.07
C ARG D 428 12.50 -40.78 21.80
N ASN D 429 12.81 -39.49 21.92
CA ASN D 429 12.81 -38.62 20.75
C ASN D 429 13.82 -39.08 19.70
N LEU D 430 15.02 -39.48 20.13
CA LEU D 430 16.00 -40.01 19.17
C LEU D 430 15.44 -41.19 18.40
N GLY D 431 14.66 -42.05 19.06
CA GLY D 431 14.09 -43.21 18.40
C GLY D 431 12.89 -42.92 17.53
N LYS D 432 12.31 -41.72 17.63
CA LYS D 432 11.18 -41.37 16.77
C LYS D 432 11.60 -41.06 15.35
N VAL D 433 12.91 -40.95 15.08
CA VAL D 433 13.35 -40.72 13.70
C VAL D 433 13.01 -41.90 12.81
N GLY D 434 13.00 -43.12 13.37
CA GLY D 434 12.68 -44.28 12.57
C GLY D 434 11.28 -44.21 11.97
N SER D 435 10.29 -43.92 12.81
CA SER D 435 8.93 -43.76 12.31
C SER D 435 8.84 -42.56 11.37
N LYS D 436 9.58 -41.49 11.67
CA LYS D 436 9.47 -40.27 10.89
C LYS D 436 10.14 -40.39 9.52
N CYS D 437 11.37 -40.89 9.48
CA CYS D 437 12.18 -40.79 8.27
C CYS D 437 12.44 -42.09 7.54
N CYS D 438 12.09 -43.25 8.10
CA CYS D 438 12.41 -44.50 7.42
C CYS D 438 11.31 -44.96 6.47
N LYS D 439 10.22 -44.21 6.36
CA LYS D 439 9.20 -44.48 5.35
C LYS D 439 9.48 -43.74 4.05
N HIS D 440 10.54 -42.93 4.01
CA HIS D 440 10.93 -42.12 2.86
C HIS D 440 11.85 -42.89 1.93
N PRO D 441 11.95 -42.49 0.66
CA PRO D 441 12.89 -43.15 -0.25
C PRO D 441 14.33 -43.00 0.22
N GLU D 442 15.13 -44.02 -0.10
CA GLU D 442 16.50 -44.13 0.40
C GLU D 442 17.34 -42.87 0.17
N ALA D 443 16.96 -42.03 -0.81
CA ALA D 443 17.71 -40.82 -1.08
C ALA D 443 17.16 -39.59 -0.38
N LYS D 444 15.90 -39.62 0.06
CA LYS D 444 15.32 -38.51 0.79
C LYS D 444 15.41 -38.70 2.31
N ARG D 445 16.19 -39.67 2.75
CA ARG D 445 16.26 -40.03 4.17
C ARG D 445 17.20 -39.12 4.93
N MET D 446 18.37 -38.83 4.36
CA MET D 446 19.40 -38.13 5.09
C MET D 446 18.99 -36.72 5.55
N PRO D 447 18.44 -35.86 4.69
CA PRO D 447 17.97 -34.55 5.20
C PRO D 447 16.99 -34.68 6.34
N CYS D 448 15.98 -35.55 6.20
CA CYS D 448 15.06 -35.82 7.29
C CYS D 448 15.80 -36.32 8.53
N ALA D 449 16.46 -37.48 8.40
CA ALA D 449 17.05 -38.16 9.54
C ALA D 449 18.11 -37.31 10.24
N GLU D 450 19.18 -36.94 9.54
CA GLU D 450 20.33 -36.38 10.23
C GLU D 450 20.03 -35.03 10.84
N ASP D 451 19.17 -34.22 10.23
CA ASP D 451 18.84 -32.93 10.81
C ASP D 451 17.85 -33.06 11.95
N TYR D 452 17.03 -34.11 11.95
CA TYR D 452 16.18 -34.37 13.11
C TYR D 452 17.03 -34.77 14.30
N LEU D 453 18.10 -35.53 14.06
CA LEU D 453 18.99 -35.91 15.15
C LEU D 453 19.68 -34.70 15.76
N SER D 454 20.01 -33.71 14.93
CA SER D 454 20.62 -32.49 15.45
C SER D 454 19.65 -31.71 16.34
N VAL D 455 18.35 -31.81 16.04
CA VAL D 455 17.35 -31.11 16.84
C VAL D 455 17.18 -31.80 18.19
N VAL D 456 17.24 -33.13 18.19
CA VAL D 456 17.10 -33.87 19.44
C VAL D 456 18.37 -33.77 20.27
N LEU D 457 19.54 -33.77 19.63
CA LEU D 457 20.79 -33.68 20.38
C LEU D 457 20.97 -32.30 20.99
N ASN D 458 20.38 -31.26 20.40
CA ASN D 458 20.43 -29.94 21.01
C ASN D 458 19.48 -29.82 22.20
N GLN D 459 18.41 -30.63 22.22
CA GLN D 459 17.59 -30.72 23.42
C GLN D 459 18.43 -31.18 24.60
N LEU D 460 19.25 -32.21 24.37
CA LEU D 460 20.15 -32.70 25.40
C LEU D 460 21.21 -31.65 25.75
N CYS D 461 21.68 -30.90 24.75
CA CYS D 461 22.74 -29.92 25.01
C CYS D 461 22.26 -28.76 25.87
N VAL D 462 20.99 -28.38 25.74
CA VAL D 462 20.48 -27.27 26.55
C VAL D 462 19.99 -27.78 27.91
N LEU D 463 19.54 -29.04 28.00
CA LEU D 463 19.17 -29.59 29.29
C LEU D 463 20.40 -29.89 30.13
N HIS D 464 21.49 -30.32 29.49
CA HIS D 464 22.70 -30.67 30.20
C HIS D 464 23.56 -29.44 30.49
N GLU D 465 23.35 -28.33 29.77
CA GLU D 465 24.12 -27.13 30.03
C GLU D 465 23.61 -26.36 31.23
N LYS D 466 22.37 -26.62 31.65
CA LYS D 466 21.86 -26.02 32.88
C LYS D 466 22.55 -26.64 34.10
N THR D 467 22.68 -27.96 34.11
CA THR D 467 23.38 -28.69 35.17
C THR D 467 24.38 -29.65 34.53
N PRO D 468 25.61 -29.19 34.28
CA PRO D 468 26.60 -30.06 33.61
C PRO D 468 27.06 -31.17 34.54
N VAL D 469 26.98 -32.41 34.04
CA VAL D 469 27.37 -33.57 34.84
C VAL D 469 28.27 -34.51 34.03
N SER D 470 28.38 -34.26 32.73
CA SER D 470 29.17 -35.11 31.84
C SER D 470 30.17 -34.26 31.07
N ASP D 471 31.45 -34.65 31.14
CA ASP D 471 32.46 -33.95 30.36
C ASP D 471 32.31 -34.26 28.88
N ARG D 472 31.90 -35.48 28.55
CA ARG D 472 31.71 -35.85 27.15
C ARG D 472 30.61 -35.04 26.50
N VAL D 473 29.46 -34.91 27.18
CA VAL D 473 28.35 -34.14 26.63
C VAL D 473 28.79 -32.69 26.44
N THR D 474 29.43 -32.12 27.46
CA THR D 474 29.99 -30.78 27.32
C THR D 474 30.94 -30.69 26.13
N LYS D 475 31.73 -31.74 25.90
CA LYS D 475 32.67 -31.73 24.78
C LYS D 475 31.92 -31.69 23.45
N CYS D 476 31.01 -32.63 23.23
CA CYS D 476 30.29 -32.68 21.95
C CYS D 476 29.43 -31.44 21.74
N CYS D 477 28.81 -30.93 22.81
CA CYS D 477 27.88 -29.82 22.63
C CYS D 477 28.61 -28.53 22.31
N THR D 478 29.74 -28.28 22.99
CA THR D 478 30.43 -27.01 22.86
C THR D 478 31.46 -27.00 21.75
N GLU D 479 32.02 -28.16 21.38
CA GLU D 479 33.11 -28.22 20.43
C GLU D 479 32.71 -27.57 19.12
N SER D 480 31.84 -28.23 18.36
CA SER D 480 31.28 -27.63 17.16
C SER D 480 29.76 -27.66 17.22
N LEU D 481 29.13 -27.24 16.14
CA LEU D 481 27.69 -27.35 15.98
C LEU D 481 27.32 -28.22 14.80
N VAL D 482 28.23 -28.36 13.83
CA VAL D 482 28.03 -29.19 12.65
C VAL D 482 28.41 -30.65 12.89
N ASN D 483 29.42 -30.90 13.72
CA ASN D 483 29.91 -32.24 14.04
C ASN D 483 29.37 -32.76 15.36
N ARG D 484 28.10 -32.47 15.69
CA ARG D 484 27.56 -32.95 16.95
C ARG D 484 27.14 -34.41 16.84
N ARG D 485 26.36 -34.73 15.82
CA ARG D 485 25.91 -36.11 15.64
C ARG D 485 27.08 -37.07 15.45
N PRO D 486 28.08 -36.78 14.61
CA PRO D 486 29.25 -37.68 14.55
C PRO D 486 29.97 -37.79 15.88
N CYS D 487 30.06 -36.67 16.62
CA CYS D 487 30.70 -36.69 17.93
C CYS D 487 30.01 -37.68 18.86
N PHE D 488 28.68 -37.58 18.98
CA PHE D 488 27.95 -38.52 19.83
C PHE D 488 28.00 -39.94 19.27
N SER D 489 27.98 -40.08 17.95
CA SER D 489 27.99 -41.41 17.36
C SER D 489 29.35 -42.08 17.52
N ALA D 490 30.42 -41.31 17.65
CA ALA D 490 31.76 -41.86 17.87
C ALA D 490 32.04 -42.13 19.34
N LEU D 491 31.11 -41.79 20.23
CA LEU D 491 31.31 -42.05 21.65
C LEU D 491 31.23 -43.54 21.93
N GLU D 492 32.19 -44.05 22.69
CA GLU D 492 32.21 -45.44 23.12
C GLU D 492 31.59 -45.54 24.51
N VAL D 493 31.44 -46.78 24.98
CA VAL D 493 30.99 -47.01 26.34
C VAL D 493 31.93 -46.32 27.32
N ASP D 494 31.35 -45.58 28.27
CA ASP D 494 32.17 -44.86 29.24
C ASP D 494 32.81 -45.85 30.21
N GLU D 495 34.13 -45.74 30.34
CA GLU D 495 34.87 -46.59 31.27
C GLU D 495 35.10 -45.93 32.62
N THR D 496 35.23 -44.59 32.63
CA THR D 496 35.46 -43.85 33.87
C THR D 496 34.27 -43.92 34.83
N TYR D 497 33.09 -44.31 34.34
CA TYR D 497 31.88 -44.27 35.16
C TYR D 497 31.87 -45.39 36.19
N VAL D 498 31.40 -45.07 37.39
CA VAL D 498 31.32 -46.03 38.49
C VAL D 498 29.89 -46.53 38.56
N PRO D 499 29.65 -47.85 38.43
CA PRO D 499 28.29 -48.39 38.42
C PRO D 499 27.47 -47.96 39.62
N LYS D 500 26.16 -47.81 39.39
CA LYS D 500 25.21 -47.44 40.43
C LYS D 500 24.83 -48.65 41.27
N GLU D 501 24.68 -48.43 42.58
CA GLU D 501 24.20 -49.47 43.47
C GLU D 501 22.76 -49.85 43.13
N PHE D 502 22.54 -51.13 42.85
CA PHE D 502 21.22 -51.66 42.49
C PHE D 502 20.18 -51.33 43.56
N ASN D 503 19.27 -50.40 43.27
CA ASN D 503 18.13 -50.12 44.13
C ASN D 503 16.88 -50.73 43.52
N ALA D 504 16.17 -51.54 44.31
CA ALA D 504 15.03 -52.29 43.79
C ALA D 504 13.75 -51.47 43.74
N GLU D 505 13.78 -50.20 44.14
CA GLU D 505 12.61 -49.35 44.01
C GLU D 505 12.29 -49.04 42.55
N THR D 506 13.18 -49.40 41.63
CA THR D 506 12.98 -49.15 40.20
C THR D 506 12.28 -50.31 39.51
N PHE D 507 12.28 -51.48 40.13
CA PHE D 507 11.76 -52.69 39.51
C PHE D 507 10.54 -53.24 40.24
N THR D 508 9.99 -52.50 41.20
CA THR D 508 8.81 -52.92 41.95
C THR D 508 7.66 -52.00 41.58
N PHE D 509 6.72 -52.54 40.80
CA PHE D 509 5.54 -51.80 40.38
C PHE D 509 4.34 -52.24 41.21
N HIS D 510 3.32 -51.40 41.22
CA HIS D 510 2.04 -51.72 41.83
C HIS D 510 0.98 -51.86 40.74
N ALA D 511 -0.24 -52.17 41.16
CA ALA D 511 -1.31 -52.43 40.20
C ALA D 511 -1.80 -51.19 39.48
N ASP D 512 -1.38 -49.99 39.89
CA ASP D 512 -1.76 -48.78 39.18
C ASP D 512 -1.24 -48.76 37.75
N ILE D 513 -0.20 -49.54 37.46
CA ILE D 513 0.40 -49.56 36.13
C ILE D 513 -0.56 -50.07 35.07
N CYS D 514 -1.60 -50.81 35.48
CA CYS D 514 -2.55 -51.34 34.53
C CYS D 514 -3.57 -50.28 34.11
N THR D 515 -3.67 -49.18 34.86
CA THR D 515 -4.55 -48.07 34.53
C THR D 515 -3.83 -47.00 33.70
N LEU D 516 -2.60 -47.24 33.31
CA LEU D 516 -1.80 -46.29 32.55
C LEU D 516 -1.98 -46.49 31.05
N SER D 517 -1.59 -45.47 30.30
CA SER D 517 -1.58 -45.58 28.85
C SER D 517 -0.39 -46.43 28.41
N GLU D 518 -0.43 -46.88 27.15
CA GLU D 518 0.72 -47.59 26.62
C GLU D 518 1.96 -46.69 26.62
N LYS D 519 1.78 -45.41 26.32
CA LYS D 519 2.90 -44.46 26.40
C LYS D 519 3.43 -44.38 27.82
N GLU D 520 2.59 -43.97 28.76
CA GLU D 520 3.03 -43.79 30.14
C GLU D 520 3.59 -45.07 30.74
N ARG D 521 3.05 -46.22 30.33
CA ARG D 521 3.56 -47.50 30.82
C ARG D 521 4.94 -47.80 30.23
N GLN D 522 5.10 -47.59 28.91
CA GLN D 522 6.40 -47.81 28.28
C GLN D 522 7.48 -46.93 28.90
N ILE D 523 7.12 -45.71 29.32
CA ILE D 523 8.07 -44.84 29.99
C ILE D 523 8.54 -45.46 31.30
N LYS D 524 7.63 -46.14 32.01
CA LYS D 524 8.02 -46.78 33.27
C LYS D 524 8.98 -47.93 33.03
N LYS D 525 8.74 -48.74 31.99
CA LYS D 525 9.67 -49.81 31.63
C LYS D 525 11.02 -49.24 31.22
N GLN D 526 11.01 -48.20 30.39
CA GLN D 526 12.25 -47.61 29.90
C GLN D 526 13.05 -46.97 31.03
N THR D 527 12.36 -46.37 32.00
CA THR D 527 13.06 -45.80 33.14
C THR D 527 13.81 -46.87 33.93
N ALA D 528 13.29 -48.10 33.91
CA ALA D 528 14.02 -49.21 34.54
C ALA D 528 15.28 -49.54 33.76
N LEU D 529 15.16 -49.62 32.43
CA LEU D 529 16.30 -49.96 31.58
C LEU D 529 17.47 -49.00 31.79
N VAL D 530 17.19 -47.71 31.92
CA VAL D 530 18.27 -46.75 32.17
C VAL D 530 18.93 -47.05 33.51
N GLU D 531 18.11 -47.25 34.56
CA GLU D 531 18.67 -47.55 35.87
C GLU D 531 19.28 -48.94 35.93
N LEU D 532 18.86 -49.84 35.03
CA LEU D 532 19.51 -51.14 34.92
C LEU D 532 20.89 -51.00 34.29
N VAL D 533 20.97 -50.26 33.18
CA VAL D 533 22.26 -50.05 32.53
C VAL D 533 23.18 -49.25 33.44
N LYS D 534 22.63 -48.27 34.17
CA LYS D 534 23.44 -47.52 35.12
C LYS D 534 24.05 -48.42 36.18
N HIS D 535 23.38 -49.54 36.50
CA HIS D 535 23.93 -50.48 37.47
C HIS D 535 24.94 -51.44 36.84
N LYS D 536 24.62 -51.96 35.65
CA LYS D 536 25.48 -52.92 34.96
C LYS D 536 25.93 -52.33 33.62
N PRO D 537 26.87 -51.38 33.63
CA PRO D 537 27.28 -50.73 32.37
C PRO D 537 27.96 -51.66 31.38
N LYS D 538 28.33 -52.87 31.80
CA LYS D 538 28.97 -53.86 30.93
C LYS D 538 28.03 -55.01 30.60
N ALA D 539 26.73 -54.82 30.83
CA ALA D 539 25.76 -55.86 30.54
C ALA D 539 25.68 -56.12 29.04
N THR D 540 25.46 -57.37 28.67
CA THR D 540 25.32 -57.73 27.27
C THR D 540 24.00 -57.21 26.70
N LYS D 541 24.00 -56.93 25.39
CA LYS D 541 22.79 -56.50 24.72
C LYS D 541 21.73 -57.60 24.71
N GLU D 542 22.17 -58.86 24.58
CA GLU D 542 21.24 -59.98 24.65
C GLU D 542 20.78 -60.21 26.09
N GLN D 543 21.66 -59.99 27.06
CA GLN D 543 21.28 -60.14 28.47
C GLN D 543 20.26 -59.08 28.87
N LEU D 544 20.43 -57.84 28.41
CA LEU D 544 19.47 -56.80 28.73
C LEU D 544 18.12 -57.01 28.05
N LYS D 545 18.10 -57.75 26.94
CA LYS D 545 16.83 -58.07 26.30
C LYS D 545 16.04 -59.13 27.05
N ALA D 546 16.71 -59.96 27.85
CA ALA D 546 16.00 -60.96 28.64
C ALA D 546 15.24 -60.31 29.79
N VAL D 547 15.91 -59.43 30.55
CA VAL D 547 15.25 -58.77 31.67
C VAL D 547 14.05 -57.97 31.19
N MET D 548 14.25 -57.15 30.15
CA MET D 548 13.17 -56.33 29.63
C MET D 548 12.04 -57.19 29.07
N ASP D 549 12.38 -58.32 28.43
CA ASP D 549 11.33 -59.22 27.96
C ASP D 549 10.64 -59.91 29.12
N ASP D 550 11.38 -60.26 30.18
CA ASP D 550 10.75 -60.79 31.38
C ASP D 550 9.96 -59.71 32.11
N PHE D 551 10.37 -58.44 31.99
CA PHE D 551 9.62 -57.33 32.55
C PHE D 551 8.22 -57.27 31.96
N ALA D 552 8.13 -57.29 30.63
CA ALA D 552 6.83 -57.15 29.96
C ALA D 552 5.94 -58.35 30.24
N ALA D 553 6.53 -59.55 30.31
CA ALA D 553 5.75 -60.72 30.66
C ALA D 553 5.23 -60.64 32.10
N PHE D 554 6.01 -60.03 33.00
CA PHE D 554 5.58 -59.87 34.38
C PHE D 554 4.40 -58.91 34.46
N VAL D 555 4.50 -57.76 33.78
CA VAL D 555 3.42 -56.79 33.82
C VAL D 555 2.20 -57.34 33.11
N GLU D 556 2.39 -58.09 32.03
CA GLU D 556 1.27 -58.73 31.35
C GLU D 556 0.59 -59.75 32.27
N LYS D 557 1.39 -60.60 32.93
CA LYS D 557 0.83 -61.63 33.80
C LYS D 557 0.03 -61.02 34.95
N CYS D 558 0.62 -60.06 35.66
CA CYS D 558 -0.03 -59.56 36.86
C CYS D 558 -1.13 -58.54 36.58
N CYS D 559 -1.19 -57.95 35.39
CA CYS D 559 -2.35 -57.14 35.05
C CYS D 559 -3.52 -58.00 34.59
N LYS D 560 -3.26 -59.26 34.24
CA LYS D 560 -4.29 -60.24 33.88
C LYS D 560 -4.85 -60.93 35.11
N ALA D 561 -4.06 -61.00 36.19
CA ALA D 561 -4.45 -61.73 37.38
C ALA D 561 -5.69 -61.13 38.02
N ASP D 562 -6.48 -62.00 38.66
CA ASP D 562 -7.63 -61.52 39.42
C ASP D 562 -7.19 -60.71 40.63
N ASP D 563 -6.17 -61.17 41.34
CA ASP D 563 -5.61 -60.45 42.47
C ASP D 563 -4.34 -59.74 42.01
N LYS D 564 -4.53 -58.54 41.44
CA LYS D 564 -3.41 -57.83 40.83
C LYS D 564 -2.45 -57.29 41.89
N GLU D 565 -2.98 -56.71 42.97
CA GLU D 565 -2.12 -56.15 44.02
C GLU D 565 -1.19 -57.22 44.59
N THR D 566 -1.68 -58.44 44.75
CA THR D 566 -0.89 -59.48 45.39
C THR D 566 0.33 -59.87 44.56
N CYS D 567 0.10 -60.29 43.31
CA CYS D 567 1.22 -60.86 42.56
C CYS D 567 2.20 -59.81 42.03
N PHE D 568 1.85 -58.52 42.08
CA PHE D 568 2.86 -57.51 41.79
C PHE D 568 3.90 -57.45 42.89
N ALA D 569 3.49 -57.66 44.14
CA ALA D 569 4.45 -57.68 45.23
C ALA D 569 5.32 -58.94 45.19
N GLU D 570 4.68 -60.11 45.04
CA GLU D 570 5.39 -61.37 45.14
C GLU D 570 6.23 -61.65 43.90
N GLU D 571 5.61 -61.61 42.72
CA GLU D 571 6.35 -61.85 41.49
C GLU D 571 7.38 -60.75 41.22
N GLY D 572 7.17 -59.55 41.75
CA GLY D 572 8.21 -58.54 41.71
C GLY D 572 9.46 -58.98 42.46
N LYS D 573 9.27 -59.51 43.67
CA LYS D 573 10.39 -60.07 44.43
C LYS D 573 11.06 -61.19 43.66
N LYS D 574 10.27 -62.09 43.06
CA LYS D 574 10.83 -63.15 42.23
C LYS D 574 11.54 -62.57 41.00
N LEU D 575 10.91 -61.62 40.32
CA LEU D 575 11.53 -61.05 39.12
C LEU D 575 12.80 -60.28 39.44
N VAL D 576 12.88 -59.66 40.62
CA VAL D 576 14.11 -58.99 41.02
C VAL D 576 15.23 -60.00 41.21
N ALA D 577 14.94 -61.13 41.85
CA ALA D 577 15.95 -62.16 42.07
C ALA D 577 16.50 -62.70 40.75
N ALA D 578 15.60 -63.06 39.82
CA ALA D 578 16.03 -63.65 38.56
C ALA D 578 16.88 -62.69 37.75
N SER D 579 16.53 -61.41 37.74
CA SER D 579 17.34 -60.41 37.04
C SER D 579 18.70 -60.26 37.71
N GLN D 580 18.73 -60.22 39.04
CA GLN D 580 20.00 -60.11 39.77
C GLN D 580 20.90 -61.32 39.49
N ALA D 581 20.31 -62.50 39.34
CA ALA D 581 21.10 -63.69 39.04
C ALA D 581 21.75 -63.61 37.67
N ALA D 582 21.18 -62.84 36.75
CA ALA D 582 21.75 -62.70 35.42
C ALA D 582 22.47 -61.36 35.27
N VAL E 2 38.88 -3.45 -5.01
CA VAL E 2 37.58 -3.44 -5.68
C VAL E 2 37.54 -2.37 -6.75
N GLN E 3 37.51 -2.82 -8.01
CA GLN E 3 37.62 -1.93 -9.17
C GLN E 3 36.43 -2.14 -10.10
N LEU E 4 35.92 -1.03 -10.63
CA LEU E 4 34.90 -1.05 -11.69
C LEU E 4 35.34 0.01 -12.72
N VAL E 5 36.09 -0.42 -13.72
CA VAL E 5 36.70 0.48 -14.69
C VAL E 5 35.81 0.55 -15.92
N GLN E 6 35.20 1.70 -16.15
CA GLN E 6 34.24 1.87 -17.23
C GLN E 6 34.92 2.34 -18.50
N SER E 7 34.27 2.07 -19.63
CA SER E 7 34.81 2.40 -20.94
C SER E 7 33.67 2.35 -21.95
N GLY E 8 33.83 3.09 -23.03
CA GLY E 8 33.02 2.88 -24.21
C GLY E 8 31.89 3.85 -24.45
N GLY E 9 31.90 5.02 -23.83
CA GLY E 9 30.82 5.96 -24.08
C GLY E 9 31.07 6.83 -25.29
N GLY E 10 30.82 8.13 -25.15
CA GLY E 10 31.12 9.07 -26.19
C GLY E 10 29.88 9.62 -26.86
N PRO E 11 30.06 10.34 -27.96
CA PRO E 11 28.92 10.87 -28.71
C PRO E 11 28.38 9.90 -29.74
N VAL E 12 27.09 10.02 -30.00
CA VAL E 12 26.41 9.30 -31.08
C VAL E 12 25.39 10.23 -31.72
N LYS E 13 24.93 9.84 -32.85
CA LYS E 13 23.82 10.57 -33.46
C LYS E 13 22.51 9.88 -33.14
N PRO E 14 21.39 10.61 -33.16
CA PRO E 14 20.09 9.98 -32.89
C PRO E 14 19.88 8.76 -33.77
N GLY E 15 19.45 7.67 -33.14
CA GLY E 15 19.31 6.40 -33.81
C GLY E 15 20.55 5.53 -33.81
N GLY E 16 21.69 6.05 -33.36
CA GLY E 16 22.92 5.31 -33.39
C GLY E 16 23.00 4.27 -32.30
N SER E 17 24.15 3.61 -32.24
CA SER E 17 24.38 2.53 -31.29
C SER E 17 25.69 2.75 -30.56
N LEU E 18 25.74 2.27 -29.31
CA LEU E 18 26.94 2.35 -28.48
C LEU E 18 27.03 1.11 -27.62
N ARG E 19 28.23 0.88 -27.07
CA ARG E 19 28.52 -0.29 -26.25
C ARG E 19 29.36 0.13 -25.06
N LEU E 20 28.80 0.03 -23.86
CA LEU E 20 29.51 0.38 -22.64
C LEU E 20 30.14 -0.87 -22.00
N SER E 21 31.35 -0.70 -21.49
CA SER E 21 32.08 -1.77 -20.86
C SER E 21 32.36 -1.41 -19.41
N CYS E 22 32.39 -2.44 -18.57
CA CYS E 22 32.75 -2.31 -17.17
C CYS E 22 33.68 -3.47 -16.87
N ALA E 23 34.94 -3.16 -16.57
CA ALA E 23 35.96 -4.16 -16.25
C ALA E 23 36.12 -4.20 -14.73
N ALA E 24 35.78 -5.34 -14.13
CA ALA E 24 35.78 -5.50 -12.69
C ALA E 24 37.01 -6.25 -12.20
N SER E 25 37.42 -5.94 -10.98
CA SER E 25 38.52 -6.62 -10.30
C SER E 25 38.46 -6.25 -8.82
N GLY E 26 38.94 -7.16 -7.97
CA GLY E 26 38.94 -6.94 -6.55
C GLY E 26 37.84 -7.66 -5.79
N PHE E 27 36.98 -8.41 -6.47
CA PHE E 27 35.90 -9.14 -5.82
C PHE E 27 35.48 -10.30 -6.71
N MET E 28 34.80 -11.27 -6.11
CA MET E 28 34.36 -12.41 -6.89
C MET E 28 33.19 -12.02 -7.79
N PHE E 29 33.51 -11.52 -8.99
CA PHE E 29 32.52 -10.92 -9.89
C PHE E 29 31.35 -11.86 -10.19
N ARG E 30 31.61 -13.16 -10.27
CA ARG E 30 30.60 -14.12 -10.68
C ARG E 30 29.50 -14.29 -9.63
N ALA E 31 29.67 -13.72 -8.44
CA ALA E 31 28.70 -13.91 -7.37
C ALA E 31 27.77 -12.72 -7.19
N TYR E 32 28.07 -11.59 -7.82
CA TYR E 32 27.31 -10.37 -7.63
C TYR E 32 26.40 -10.10 -8.81
N SER E 33 25.25 -9.49 -8.53
CA SER E 33 24.42 -8.94 -9.58
C SER E 33 24.93 -7.56 -9.97
N MET E 34 24.93 -7.27 -11.27
CA MET E 34 25.42 -6.00 -11.76
C MET E 34 24.27 -5.18 -12.33
N ASN E 35 24.40 -3.86 -12.20
CA ASN E 35 23.37 -2.91 -12.59
C ASN E 35 23.96 -1.82 -13.46
N TRP E 36 23.08 -1.19 -14.23
CA TRP E 36 23.41 0.04 -14.93
C TRP E 36 22.48 1.13 -14.42
N VAL E 37 23.07 2.23 -13.96
CA VAL E 37 22.33 3.40 -13.51
C VAL E 37 22.85 4.59 -14.29
N ARG E 38 21.95 5.48 -14.71
CA ARG E 38 22.34 6.67 -15.45
C ARG E 38 21.89 7.92 -14.74
N GLN E 39 22.53 9.04 -15.10
CA GLN E 39 22.22 10.35 -14.56
C GLN E 39 22.38 11.39 -15.65
N ALA E 40 21.26 12.01 -16.04
CA ALA E 40 21.35 13.09 -17.01
C ALA E 40 21.99 14.30 -16.33
N PRO E 41 22.65 15.16 -17.10
CA PRO E 41 23.30 16.34 -16.48
C PRO E 41 22.31 17.18 -15.70
N GLY E 42 22.55 17.29 -14.39
CA GLY E 42 21.70 18.09 -13.52
C GLY E 42 20.44 17.42 -13.07
N LYS E 43 20.24 16.15 -13.39
CA LYS E 43 19.01 15.43 -13.04
C LYS E 43 19.32 14.35 -12.02
N GLY E 44 18.33 13.50 -11.75
CA GLY E 44 18.43 12.49 -10.72
C GLY E 44 18.91 11.15 -11.24
N LEU E 45 18.89 10.17 -10.35
CA LEU E 45 19.34 8.83 -10.68
C LEU E 45 18.20 8.04 -11.31
N GLU E 46 18.52 7.29 -12.36
CA GLU E 46 17.56 6.44 -13.03
C GLU E 46 18.16 5.05 -13.18
N TRP E 47 17.43 4.04 -12.71
CA TRP E 47 17.87 2.66 -12.89
C TRP E 47 17.59 2.24 -14.32
N VAL E 48 18.57 1.61 -14.96
CA VAL E 48 18.43 1.27 -16.37
C VAL E 48 18.19 -0.22 -16.55
N SER E 49 19.17 -1.03 -16.16
CA SER E 49 19.10 -2.46 -16.34
C SER E 49 19.79 -3.17 -15.18
N SER E 50 19.59 -4.49 -15.13
CA SER E 50 20.16 -5.32 -14.08
C SER E 50 20.30 -6.74 -14.59
N ILE E 51 21.47 -7.35 -14.32
CA ILE E 51 21.72 -8.74 -14.68
C ILE E 51 22.19 -9.49 -13.45
N SER E 52 21.69 -10.72 -13.29
CA SER E 52 21.97 -11.53 -12.11
C SER E 52 23.36 -12.15 -12.22
N SER E 53 23.73 -12.95 -11.21
CA SER E 53 25.06 -13.56 -11.18
C SER E 53 25.33 -14.37 -12.45
N SER E 54 24.48 -15.35 -12.73
CA SER E 54 24.65 -16.20 -13.89
C SER E 54 24.10 -15.58 -15.17
N GLY E 55 23.51 -14.40 -15.09
CA GLY E 55 22.83 -13.83 -16.23
C GLY E 55 21.49 -14.46 -16.52
N ARG E 56 20.90 -15.15 -15.55
CA ARG E 56 19.63 -15.81 -15.78
C ARG E 56 18.47 -14.84 -15.66
N TYR E 57 18.57 -13.91 -14.72
CA TYR E 57 17.51 -12.95 -14.44
C TYR E 57 17.95 -11.57 -14.91
N ILE E 58 17.24 -11.03 -15.88
CA ILE E 58 17.56 -9.76 -16.52
C ILE E 58 16.34 -8.85 -16.46
N HIS E 59 16.55 -7.58 -16.13
CA HIS E 59 15.47 -6.63 -15.99
C HIS E 59 15.88 -5.31 -16.62
N TYR E 60 14.92 -4.63 -17.24
CA TYR E 60 15.16 -3.34 -17.87
C TYR E 60 14.14 -2.33 -17.38
N ALA E 61 14.51 -1.06 -17.44
CA ALA E 61 13.53 0.00 -17.30
C ALA E 61 12.66 0.07 -18.55
N ASP E 62 11.42 0.56 -18.38
CA ASP E 62 10.51 0.66 -19.52
C ASP E 62 11.08 1.52 -20.63
N SER E 63 11.80 2.59 -20.26
CA SER E 63 12.29 3.53 -21.27
C SER E 63 13.29 2.86 -22.20
N VAL E 64 14.14 1.98 -21.68
CA VAL E 64 15.18 1.34 -22.48
C VAL E 64 14.76 -0.02 -22.99
N LYS E 65 13.58 -0.51 -22.60
CA LYS E 65 13.06 -1.77 -23.09
C LYS E 65 13.03 -1.79 -24.60
N GLY E 66 13.68 -2.80 -25.20
CA GLY E 66 13.67 -2.98 -26.63
C GLY E 66 14.88 -2.44 -27.35
N ARG E 67 15.56 -1.45 -26.77
CA ARG E 67 16.70 -0.80 -27.41
C ARG E 67 18.03 -1.11 -26.74
N PHE E 68 18.05 -1.24 -25.41
CA PHE E 68 19.25 -1.57 -24.67
C PHE E 68 19.27 -3.08 -24.39
N THR E 69 20.48 -3.65 -24.38
CA THR E 69 20.67 -5.06 -24.09
C THR E 69 21.82 -5.21 -23.11
N ILE E 70 21.54 -5.79 -21.95
CA ILE E 70 22.55 -6.00 -20.91
C ILE E 70 23.15 -7.39 -21.07
N SER E 71 24.42 -7.53 -20.68
CA SER E 71 25.10 -8.81 -20.75
C SER E 71 26.36 -8.77 -19.89
N ARG E 72 26.91 -9.96 -19.61
CA ARG E 72 28.15 -10.01 -18.85
C ARG E 72 28.97 -11.22 -19.30
N ASP E 73 30.28 -11.09 -19.15
CA ASP E 73 31.25 -12.14 -19.43
C ASP E 73 31.95 -12.48 -18.11
N ASN E 74 31.53 -13.57 -17.47
CA ASN E 74 32.09 -13.89 -16.17
C ASN E 74 33.55 -14.32 -16.26
N ALA E 75 33.97 -14.86 -17.40
CA ALA E 75 35.37 -15.23 -17.55
C ALA E 75 36.26 -13.99 -17.66
N LYS E 76 35.78 -12.97 -18.35
CA LYS E 76 36.55 -11.74 -18.53
C LYS E 76 36.23 -10.70 -17.47
N ASN E 77 35.36 -11.01 -16.50
CA ASN E 77 35.03 -10.09 -15.40
C ASN E 77 34.51 -8.77 -15.93
N SER E 78 33.63 -8.83 -16.93
CA SER E 78 33.19 -7.64 -17.62
C SER E 78 31.67 -7.56 -17.65
N LEU E 79 31.18 -6.32 -17.59
CA LEU E 79 29.76 -6.02 -17.72
C LEU E 79 29.58 -5.14 -18.95
N TYR E 80 28.51 -5.40 -19.70
CA TYR E 80 28.28 -4.71 -20.96
C TYR E 80 26.86 -4.15 -21.01
N LEU E 81 26.69 -3.09 -21.80
CA LEU E 81 25.38 -2.55 -22.14
C LEU E 81 25.40 -2.14 -23.60
N GLN E 82 24.63 -2.84 -24.43
CA GLN E 82 24.49 -2.49 -25.84
C GLN E 82 23.30 -1.56 -25.99
N MET E 83 23.56 -0.32 -26.40
CA MET E 83 22.53 0.69 -26.53
C MET E 83 22.26 0.93 -28.00
N ASN E 84 21.13 0.47 -28.49
CA ASN E 84 20.71 0.64 -29.87
C ASN E 84 19.57 1.64 -29.94
N SER E 85 19.33 2.16 -31.14
CA SER E 85 18.26 3.13 -31.40
C SER E 85 18.30 4.27 -30.39
N LEU E 86 19.48 4.88 -30.25
CA LEU E 86 19.69 5.85 -29.18
C LEU E 86 18.88 7.11 -29.44
N ARG E 87 18.43 7.73 -28.36
CA ARG E 87 17.58 8.91 -28.39
C ARG E 87 18.28 10.06 -27.66
N ALA E 88 17.74 11.27 -27.84
CA ALA E 88 18.34 12.40 -27.16
C ALA E 88 18.05 12.39 -25.66
N GLU E 89 17.00 11.69 -25.22
CA GLU E 89 16.72 11.58 -23.80
C GLU E 89 17.61 10.55 -23.13
N ASP E 90 18.40 9.82 -23.89
CA ASP E 90 19.35 8.86 -23.36
C ASP E 90 20.69 9.51 -23.00
N THR E 91 20.87 10.79 -23.26
CA THR E 91 22.10 11.48 -22.88
C THR E 91 22.21 11.51 -21.36
N ALA E 92 23.26 10.91 -20.84
CA ALA E 92 23.46 10.84 -19.39
C ALA E 92 24.85 10.28 -19.11
N VAL E 93 25.21 10.29 -17.83
CA VAL E 93 26.38 9.57 -17.33
C VAL E 93 25.91 8.21 -16.86
N TYR E 94 26.49 7.16 -17.42
CA TYR E 94 26.08 5.80 -17.12
C TYR E 94 27.08 5.16 -16.15
N TYR E 95 26.57 4.59 -15.07
CA TYR E 95 27.39 3.96 -14.04
C TYR E 95 27.11 2.47 -14.04
N CYS E 96 28.17 1.66 -13.98
CA CYS E 96 28.01 0.27 -13.59
C CYS E 96 28.16 0.20 -12.08
N ALA E 97 27.11 -0.26 -11.41
CA ALA E 97 27.14 -0.43 -9.97
C ALA E 97 26.98 -1.90 -9.64
N ARG E 98 27.53 -2.29 -8.49
CA ARG E 98 27.45 -3.66 -8.01
C ARG E 98 26.42 -3.74 -6.90
N GLU E 99 25.65 -4.82 -6.90
CA GLU E 99 24.68 -5.06 -5.83
C GLU E 99 25.36 -5.66 -4.62
N THR E 100 24.83 -5.35 -3.43
CA THR E 100 25.31 -6.01 -2.23
C THR E 100 25.01 -7.50 -2.34
N VAL E 101 25.99 -8.32 -2.00
CA VAL E 101 25.79 -9.76 -2.20
C VAL E 101 24.87 -10.34 -1.14
N MET E 102 24.84 -9.76 0.06
CA MET E 102 24.01 -10.32 1.12
C MET E 102 23.23 -9.29 1.93
N ALA E 103 23.31 -8.00 1.60
CA ALA E 103 22.64 -6.95 2.36
C ALA E 103 21.36 -6.46 1.69
N GLY E 104 20.90 -7.14 0.62
CA GLY E 104 19.78 -6.69 -0.15
C GLY E 104 20.16 -6.51 -1.61
N LYS E 105 19.41 -5.65 -2.29
CA LYS E 105 19.71 -5.30 -3.67
C LYS E 105 20.08 -3.83 -3.78
N ALA E 106 20.85 -3.33 -2.82
CA ALA E 106 21.40 -1.98 -2.89
C ALA E 106 22.75 -2.03 -3.62
N LEU E 107 23.19 -0.88 -4.10
CA LEU E 107 24.40 -0.77 -4.91
C LEU E 107 25.53 -0.21 -4.06
N ASP E 108 26.49 -1.07 -3.72
CA ASP E 108 27.52 -0.68 -2.73
C ASP E 108 28.78 -0.11 -3.37
N TYR E 109 29.17 -0.60 -4.54
CA TYR E 109 30.31 -0.06 -5.27
C TYR E 109 29.85 0.37 -6.65
N TRP E 110 30.17 1.62 -7.02
CA TRP E 110 29.86 2.17 -8.32
C TRP E 110 31.14 2.41 -9.10
N GLY E 111 31.01 2.45 -10.42
CA GLY E 111 32.12 2.81 -11.27
C GLY E 111 32.24 4.32 -11.38
N GLN E 112 33.29 4.76 -12.08
CA GLN E 112 33.52 6.19 -12.24
C GLN E 112 32.46 6.85 -13.11
N GLY E 113 31.79 6.09 -13.96
CA GLY E 113 30.79 6.67 -14.84
C GLY E 113 31.33 6.90 -16.24
N THR E 114 30.43 6.80 -17.21
CA THR E 114 30.74 7.04 -18.61
C THR E 114 29.71 8.00 -19.18
N LEU E 115 30.17 9.02 -19.91
CA LEU E 115 29.27 10.01 -20.50
C LEU E 115 28.85 9.59 -21.89
N VAL E 116 27.54 9.54 -22.13
CA VAL E 116 26.98 9.21 -23.44
C VAL E 116 26.14 10.41 -23.89
N THR E 117 26.58 11.06 -24.97
CA THR E 117 25.91 12.24 -25.52
C THR E 117 25.28 11.85 -26.85
N VAL E 118 23.96 11.97 -26.94
CA VAL E 118 23.23 11.66 -28.17
C VAL E 118 22.78 12.98 -28.79
N SER E 119 23.49 13.41 -29.83
CA SER E 119 23.22 14.68 -30.50
C SER E 119 23.51 14.51 -31.99
N SER E 120 22.91 15.38 -32.80
CA SER E 120 23.24 15.43 -34.21
C SER E 120 24.46 16.30 -34.47
N ALA E 121 25.04 16.90 -33.44
CA ALA E 121 26.28 17.63 -33.57
C ALA E 121 27.42 16.64 -33.79
N SER E 122 28.57 17.17 -34.24
CA SER E 122 29.74 16.35 -34.51
C SER E 122 30.93 16.92 -33.74
N THR E 123 31.85 16.02 -33.39
CA THR E 123 32.98 16.37 -32.53
C THR E 123 33.73 17.57 -33.07
N LYS E 124 33.79 18.63 -32.27
CA LYS E 124 34.44 19.88 -32.65
C LYS E 124 35.29 20.36 -31.48
N GLY E 125 36.48 20.86 -31.79
CA GLY E 125 37.32 21.45 -30.78
C GLY E 125 36.87 22.85 -30.42
N PRO E 126 37.18 23.29 -29.20
CA PRO E 126 36.71 24.60 -28.75
C PRO E 126 37.59 25.73 -29.24
N SER E 127 37.05 26.94 -29.16
CA SER E 127 37.79 28.18 -29.39
C SER E 127 37.94 28.86 -28.04
N ALA E 128 39.16 28.93 -27.52
CA ALA E 128 39.39 29.59 -26.24
C ALA E 128 39.66 31.07 -26.50
N SER E 129 38.60 31.87 -26.45
CA SER E 129 38.76 33.30 -26.58
C SER E 129 39.07 33.91 -25.20
N THR E 130 39.43 35.18 -25.19
CA THR E 130 39.89 35.83 -23.98
C THR E 130 38.78 36.64 -23.34
N LYS E 131 38.87 36.81 -22.02
CA LYS E 131 37.95 37.63 -21.24
C LYS E 131 38.84 38.54 -20.37
N GLY E 132 39.40 39.58 -20.99
CA GLY E 132 40.35 40.45 -20.34
C GLY E 132 39.71 41.42 -19.36
N PRO E 133 40.44 41.73 -18.28
CA PRO E 133 40.02 42.67 -17.23
C PRO E 133 39.58 44.04 -17.78
N THR E 149 41.99 43.89 -6.55
CA THR E 149 41.14 42.74 -6.85
C THR E 149 40.45 42.86 -8.22
N ALA E 150 40.85 42.00 -9.15
CA ALA E 150 40.33 42.00 -10.51
C ALA E 150 39.95 40.58 -10.92
N ALA E 151 39.19 40.48 -12.00
CA ALA E 151 38.68 39.20 -12.47
C ALA E 151 39.02 39.04 -13.94
N LEU E 152 39.75 37.97 -14.25
CA LEU E 152 40.05 37.57 -15.62
C LEU E 152 39.57 36.14 -15.82
N GLY E 153 39.57 35.71 -17.07
CA GLY E 153 39.08 34.36 -17.35
C GLY E 153 39.25 33.99 -18.80
N CYS E 154 38.66 32.83 -19.15
CA CYS E 154 38.72 32.27 -20.49
C CYS E 154 37.31 31.88 -20.93
N LEU E 155 37.03 32.07 -22.22
CA LEU E 155 35.76 31.69 -22.81
C LEU E 155 35.99 30.51 -23.76
N VAL E 156 35.58 29.32 -23.33
CA VAL E 156 35.73 28.11 -24.11
C VAL E 156 34.43 27.88 -24.87
N LYS E 157 34.41 28.19 -26.17
CA LYS E 157 33.16 28.26 -26.92
C LYS E 157 33.14 27.26 -28.08
N ASP E 158 31.93 26.81 -28.39
CA ASP E 158 31.62 25.99 -29.55
C ASP E 158 32.48 24.72 -29.58
N TYR E 159 32.20 23.82 -28.65
CA TYR E 159 32.84 22.51 -28.64
C TYR E 159 31.78 21.45 -28.43
N PHE E 160 32.12 20.22 -28.84
CA PHE E 160 31.25 19.07 -28.65
C PHE E 160 32.10 17.81 -28.73
N PRO E 161 31.84 16.80 -27.89
CA PRO E 161 30.91 16.86 -26.77
C PRO E 161 31.60 17.24 -25.46
N GLU E 162 30.96 16.98 -24.33
CA GLU E 162 31.60 17.21 -23.05
C GLU E 162 32.55 16.07 -22.71
N PRO E 163 33.56 16.31 -21.86
CA PRO E 163 33.86 17.57 -21.16
C PRO E 163 35.12 18.25 -21.64
N VAL E 164 35.41 19.42 -21.09
CA VAL E 164 36.73 20.03 -21.20
C VAL E 164 37.34 20.10 -19.81
N THR E 165 38.67 20.08 -19.77
CA THR E 165 39.43 20.36 -18.57
C THR E 165 40.11 21.71 -18.74
N VAL E 166 39.97 22.57 -17.74
CA VAL E 166 40.59 23.89 -17.77
C VAL E 166 41.42 24.04 -16.50
N SER E 167 42.67 24.45 -16.67
CA SER E 167 43.55 24.75 -15.57
C SER E 167 44.28 26.06 -15.87
N TRP E 168 44.80 26.69 -14.83
CA TRP E 168 45.49 27.97 -14.96
C TRP E 168 46.94 27.80 -14.55
N ASN E 169 47.85 28.30 -15.39
CA ASN E 169 49.29 28.21 -15.15
C ASN E 169 49.71 26.76 -14.90
N SER E 170 49.31 25.88 -15.82
CA SER E 170 49.65 24.46 -15.82
C SER E 170 49.08 23.71 -14.62
N GLY E 171 48.31 24.39 -13.77
CA GLY E 171 47.69 23.76 -12.61
C GLY E 171 48.15 24.27 -11.26
N ALA E 172 49.07 25.24 -11.21
CA ALA E 172 49.55 25.79 -9.94
C ALA E 172 48.71 26.96 -9.44
N LEU E 173 47.70 27.38 -10.21
CA LEU E 173 46.81 28.47 -9.85
C LEU E 173 45.40 27.87 -9.68
N THR E 174 45.10 27.45 -8.45
CA THR E 174 43.77 26.91 -8.12
C THR E 174 42.94 27.86 -7.27
N SER E 175 43.55 28.63 -6.39
CA SER E 175 42.80 29.49 -5.49
C SER E 175 42.19 30.65 -6.26
N GLY E 176 40.88 30.85 -6.08
CA GLY E 176 40.13 31.88 -6.76
C GLY E 176 39.52 31.47 -8.08
N VAL E 177 39.79 30.26 -8.55
CA VAL E 177 39.30 29.81 -9.87
C VAL E 177 37.87 29.32 -9.75
N HIS E 178 37.06 29.67 -10.76
CA HIS E 178 35.66 29.22 -10.86
C HIS E 178 35.42 28.79 -12.30
N THR E 179 35.44 27.48 -12.54
CA THR E 179 35.08 26.93 -13.85
C THR E 179 33.59 26.63 -13.84
N PHE E 180 32.83 27.33 -14.67
CA PHE E 180 31.38 27.21 -14.62
C PHE E 180 30.92 25.98 -15.39
N PRO E 181 29.81 25.38 -14.97
CA PRO E 181 29.22 24.30 -15.76
C PRO E 181 28.90 24.75 -17.18
N ALA E 182 29.15 23.86 -18.14
CA ALA E 182 28.91 24.18 -19.54
C ALA E 182 27.42 24.32 -19.81
N VAL E 183 27.10 25.26 -20.71
CA VAL E 183 25.72 25.47 -21.16
C VAL E 183 25.64 25.06 -22.62
N LEU E 184 24.56 24.38 -22.97
CA LEU E 184 24.36 23.86 -24.32
C LEU E 184 23.68 24.92 -25.17
N GLN E 185 24.34 25.29 -26.27
CA GLN E 185 23.78 26.32 -27.15
C GLN E 185 22.81 25.68 -28.13
N SER E 186 22.05 26.54 -28.81
CA SER E 186 21.07 26.05 -29.77
C SER E 186 21.75 25.32 -30.93
N SER E 187 23.02 25.60 -31.20
CA SER E 187 23.74 24.93 -32.27
C SER E 187 23.98 23.46 -31.98
N GLY E 188 23.82 23.04 -30.73
CA GLY E 188 24.24 21.73 -30.30
C GLY E 188 25.64 21.71 -29.74
N LEU E 189 26.29 22.87 -29.66
CA LEU E 189 27.65 22.97 -29.18
C LEU E 189 27.65 23.56 -27.77
N TYR E 190 28.65 23.18 -26.99
CA TYR E 190 28.74 23.61 -25.61
C TYR E 190 29.62 24.85 -25.49
N SER E 191 29.44 25.57 -24.39
CA SER E 191 30.26 26.73 -24.09
C SER E 191 30.24 26.96 -22.58
N LEU E 192 31.41 27.22 -22.01
CA LEU E 192 31.51 27.49 -20.58
C LEU E 192 32.45 28.66 -20.35
N SER E 193 32.63 29.01 -19.08
CA SER E 193 33.51 30.10 -18.68
C SER E 193 34.33 29.66 -17.48
N SER E 194 35.62 30.00 -17.51
CA SER E 194 36.54 29.75 -16.41
C SER E 194 37.17 31.08 -16.02
N VAL E 195 36.75 31.61 -14.87
CA VAL E 195 37.27 32.88 -14.37
C VAL E 195 38.16 32.61 -13.16
N VAL E 196 39.11 33.51 -12.94
CA VAL E 196 39.96 33.49 -11.76
C VAL E 196 40.02 34.89 -11.17
N THR E 197 40.08 34.97 -9.84
CA THR E 197 40.15 36.25 -9.13
C THR E 197 41.59 36.45 -8.67
N VAL E 198 42.27 37.41 -9.29
CA VAL E 198 43.66 37.71 -8.97
C VAL E 198 43.76 39.12 -8.41
N PRO E 199 44.74 39.40 -7.56
CA PRO E 199 44.91 40.78 -7.07
C PRO E 199 45.23 41.75 -8.20
N SER E 200 44.67 42.96 -8.11
CA SER E 200 44.85 43.97 -9.15
C SER E 200 46.32 44.34 -9.33
N SER E 201 47.11 44.32 -8.25
CA SER E 201 48.53 44.63 -8.37
C SER E 201 49.26 43.59 -9.19
N SER E 202 48.82 42.33 -9.11
CA SER E 202 49.48 41.25 -9.85
C SER E 202 49.37 41.44 -11.36
N LEU E 203 48.37 42.19 -11.84
CA LEU E 203 48.25 42.51 -13.25
C LEU E 203 49.54 43.14 -13.76
N GLY E 204 50.15 42.49 -14.74
CA GLY E 204 51.40 42.98 -15.29
C GLY E 204 52.62 42.29 -14.69
N THR E 205 52.54 41.93 -13.41
CA THR E 205 53.64 41.21 -12.79
C THR E 205 53.60 39.72 -13.11
N GLN E 206 52.41 39.13 -13.17
CA GLN E 206 52.25 37.71 -13.40
C GLN E 206 51.51 37.45 -14.71
N THR E 207 51.98 36.43 -15.44
CA THR E 207 51.40 36.04 -16.72
C THR E 207 50.42 34.90 -16.46
N TYR E 208 49.15 35.16 -16.70
CA TYR E 208 48.08 34.18 -16.47
C TYR E 208 47.70 33.53 -17.79
N ILE E 209 47.92 32.22 -17.88
CA ILE E 209 47.61 31.45 -19.08
C ILE E 209 46.66 30.34 -18.68
N CYS E 210 45.58 30.18 -19.44
CA CYS E 210 44.61 29.12 -19.21
C CYS E 210 44.82 28.02 -20.23
N ASN E 211 45.02 26.80 -19.74
CA ASN E 211 45.21 25.64 -20.59
C ASN E 211 43.89 24.87 -20.68
N VAL E 212 43.34 24.79 -21.89
CA VAL E 212 42.12 24.06 -22.14
C VAL E 212 42.46 22.75 -22.84
N ASN E 213 41.80 21.67 -22.44
CA ASN E 213 42.02 20.35 -23.02
C ASN E 213 40.67 19.74 -23.33
N HIS E 214 40.50 19.29 -24.57
CA HIS E 214 39.27 18.66 -25.03
C HIS E 214 39.61 17.28 -25.56
N LYS E 215 39.56 16.29 -24.66
CA LYS E 215 39.97 14.93 -25.02
C LYS E 215 39.21 14.34 -26.21
N PRO E 216 37.90 14.53 -26.37
CA PRO E 216 37.21 13.93 -27.54
C PRO E 216 37.77 14.35 -28.88
N SER E 217 38.20 15.59 -29.03
CA SER E 217 38.77 16.07 -30.29
C SER E 217 40.30 16.14 -30.27
N ASN E 218 40.93 15.72 -29.18
CA ASN E 218 42.38 15.80 -29.02
C ASN E 218 42.88 17.21 -29.33
N THR E 219 42.22 18.20 -28.73
CA THR E 219 42.53 19.61 -28.95
C THR E 219 43.10 20.18 -27.67
N LYS E 220 44.36 20.62 -27.72
CA LYS E 220 45.02 21.33 -26.64
C LYS E 220 45.21 22.78 -27.06
N VAL E 221 44.77 23.70 -26.21
CA VAL E 221 44.85 25.13 -26.50
C VAL E 221 45.27 25.86 -25.23
N ASP E 222 46.27 26.74 -25.37
CA ASP E 222 46.68 27.65 -24.31
C ASP E 222 46.46 29.08 -24.80
N LYS E 223 45.88 29.90 -23.94
CA LYS E 223 45.60 31.30 -24.28
C LYS E 223 45.98 32.15 -23.08
N ARG E 224 47.05 32.93 -23.23
CA ARG E 224 47.44 33.86 -22.17
C ARG E 224 46.50 35.05 -22.17
N VAL E 225 45.92 35.34 -21.01
CA VAL E 225 44.98 36.45 -20.86
C VAL E 225 45.74 37.63 -20.27
N GLU E 226 45.71 38.76 -20.99
CA GLU E 226 46.42 39.97 -20.64
C GLU E 226 45.44 41.14 -20.70
N PRO E 227 45.73 42.25 -19.99
CA PRO E 227 44.82 43.39 -20.03
C PRO E 227 44.96 44.22 -21.30
N ASP F 1 6.09 -0.69 -11.16
CA ASP F 1 7.13 0.18 -10.60
C ASP F 1 6.58 1.03 -9.46
N ILE F 2 7.32 1.07 -8.35
CA ILE F 2 6.91 1.76 -7.14
C ILE F 2 7.58 3.13 -7.10
N VAL F 3 6.80 4.18 -6.87
CA VAL F 3 7.30 5.55 -6.92
C VAL F 3 7.82 5.95 -5.53
N LEU F 4 9.04 6.47 -5.49
CA LEU F 4 9.60 7.04 -4.27
C LEU F 4 9.58 8.55 -4.39
N THR F 5 8.89 9.21 -3.46
CA THR F 5 8.72 10.66 -3.46
C THR F 5 9.49 11.25 -2.30
N GLN F 6 10.50 12.05 -2.62
CA GLN F 6 11.36 12.70 -1.64
C GLN F 6 10.91 14.13 -1.42
N SER F 7 11.08 14.61 -0.18
CA SER F 7 10.77 15.98 0.19
C SER F 7 11.72 16.38 1.32
N PRO F 8 12.21 17.62 1.31
CA PRO F 8 11.94 18.61 0.28
C PRO F 8 12.92 18.54 -0.88
N GLY F 9 12.85 19.48 -1.80
CA GLY F 9 13.81 19.53 -2.89
C GLY F 9 15.16 20.06 -2.45
N THR F 10 15.17 21.07 -1.58
CA THR F 10 16.41 21.65 -1.09
C THR F 10 16.31 21.92 0.41
N LEU F 11 17.40 21.66 1.11
CA LEU F 11 17.50 21.91 2.55
C LEU F 11 18.69 22.80 2.84
N SER F 12 18.43 23.98 3.42
CA SER F 12 19.45 24.94 3.80
C SER F 12 19.62 24.90 5.31
N LEU F 13 20.76 24.40 5.77
CA LEU F 13 21.04 24.27 7.19
C LEU F 13 22.51 24.56 7.44
N SER F 14 22.84 24.90 8.72
CA SER F 14 24.19 25.23 9.14
C SER F 14 24.84 24.04 9.84
N PRO F 15 26.16 23.89 9.75
CA PRO F 15 26.82 22.75 10.38
C PRO F 15 26.56 22.71 11.89
N GLY F 16 26.24 21.52 12.37
CA GLY F 16 25.82 21.32 13.73
C GLY F 16 24.33 21.10 13.88
N GLU F 17 23.54 21.59 12.93
CA GLU F 17 22.10 21.40 12.95
C GLU F 17 21.77 19.98 12.51
N THR F 18 20.48 19.65 12.56
CA THR F 18 19.99 18.32 12.21
C THR F 18 19.14 18.43 10.95
N ALA F 19 19.42 17.58 9.98
CA ALA F 19 18.65 17.52 8.75
C ALA F 19 17.66 16.36 8.81
N THR F 20 16.46 16.56 8.28
CA THR F 20 15.42 15.54 8.26
C THR F 20 14.94 15.40 6.83
N LEU F 21 15.32 14.31 6.17
CA LEU F 21 14.97 14.05 4.78
C LEU F 21 13.88 12.98 4.73
N SER F 22 12.90 13.20 3.86
CA SER F 22 11.76 12.31 3.76
C SER F 22 11.79 11.54 2.45
N CYS F 23 11.32 10.30 2.51
CA CYS F 23 11.18 9.42 1.36
C CYS F 23 9.88 8.65 1.56
N ARG F 24 8.86 8.94 0.74
CA ARG F 24 7.55 8.32 0.89
C ARG F 24 7.33 7.36 -0.28
N ALA F 25 7.09 6.10 0.05
CA ALA F 25 6.89 5.08 -0.97
C ALA F 25 5.42 4.97 -1.33
N SER F 26 5.15 4.89 -2.63
CA SER F 26 3.77 4.83 -3.10
C SER F 26 3.07 3.59 -2.58
N GLN F 27 3.75 2.44 -2.64
CA GLN F 27 3.28 1.22 -2.03
C GLN F 27 4.28 0.80 -0.96
N SER F 28 3.85 -0.11 -0.08
CA SER F 28 4.77 -0.65 0.90
C SER F 28 5.91 -1.40 0.23
N VAL F 29 7.14 -1.15 0.70
CA VAL F 29 8.32 -1.84 0.18
C VAL F 29 9.03 -2.61 1.29
N GLY F 30 8.35 -2.81 2.43
CA GLY F 30 9.02 -3.42 3.56
C GLY F 30 10.12 -2.51 4.08
N SER F 31 11.27 -3.11 4.39
CA SER F 31 12.46 -2.35 4.74
C SER F 31 13.48 -2.35 3.61
N ASN F 32 13.04 -2.61 2.38
CA ASN F 32 13.93 -2.72 1.24
C ASN F 32 14.18 -1.32 0.65
N LEU F 33 14.83 -0.49 1.45
CA LEU F 33 15.04 0.91 1.11
C LEU F 33 16.48 1.25 1.45
N ALA F 34 17.18 1.86 0.50
CA ALA F 34 18.55 2.29 0.72
C ALA F 34 18.67 3.80 0.50
N TRP F 35 19.64 4.41 1.16
CA TRP F 35 19.92 5.84 1.02
C TRP F 35 21.32 6.00 0.43
N TYR F 36 21.45 6.94 -0.52
CA TYR F 36 22.72 7.22 -1.15
C TYR F 36 23.06 8.70 -0.99
N GLN F 37 24.35 8.98 -0.87
CA GLN F 37 24.88 10.33 -0.83
C GLN F 37 25.70 10.55 -2.09
N GLN F 38 25.49 11.68 -2.75
CA GLN F 38 26.23 12.03 -3.95
C GLN F 38 26.69 13.47 -3.88
N LYS F 39 27.99 13.70 -4.07
CA LYS F 39 28.69 14.97 -4.16
C LYS F 39 28.99 15.29 -5.63
N PRO F 40 29.10 16.57 -5.98
CA PRO F 40 29.30 16.96 -7.38
C PRO F 40 30.51 16.28 -8.01
N GLY F 41 30.30 15.74 -9.21
CA GLY F 41 31.35 15.10 -9.98
C GLY F 41 31.71 13.70 -9.54
N GLN F 42 31.05 13.17 -8.51
CA GLN F 42 31.38 11.86 -7.95
C GLN F 42 30.20 10.91 -8.10
N ALA F 43 30.51 9.62 -8.02
CA ALA F 43 29.48 8.60 -8.02
C ALA F 43 28.79 8.53 -6.66
N PRO F 44 27.57 8.00 -6.61
CA PRO F 44 26.89 7.85 -5.33
C PRO F 44 27.67 6.93 -4.38
N ARG F 45 27.42 7.13 -3.10
CA ARG F 45 27.96 6.29 -2.04
C ARG F 45 26.80 5.74 -1.23
N LEU F 46 26.81 4.43 -0.99
CA LEU F 46 25.77 3.82 -0.18
C LEU F 46 25.89 4.27 1.27
N LEU F 47 24.79 4.78 1.83
CA LEU F 47 24.76 5.21 3.23
C LEU F 47 23.98 4.23 4.11
N ILE F 48 22.70 4.04 3.80
CA ILE F 48 21.82 3.18 4.58
C ILE F 48 21.30 2.09 3.67
N TYR F 49 21.14 0.89 4.22
CA TYR F 49 20.46 -0.20 3.53
C TYR F 49 19.56 -0.89 4.54
N GLY F 50 18.51 -1.55 4.04
CA GLY F 50 17.52 -2.12 4.93
C GLY F 50 16.83 -1.08 5.77
N ALA F 51 16.64 0.12 5.22
CA ALA F 51 15.93 1.24 5.85
C ALA F 51 16.72 1.84 7.01
N SER F 52 17.34 1.00 7.85
CA SER F 52 17.95 1.51 9.08
C SER F 52 19.42 1.11 9.25
N THR F 53 19.83 -0.01 8.66
CA THR F 53 21.20 -0.48 8.82
C THR F 53 22.16 0.40 8.03
N GLY F 54 23.17 0.95 8.69
CA GLY F 54 24.16 1.78 8.04
C GLY F 54 25.32 0.97 7.48
N ALA F 55 25.89 1.47 6.38
CA ALA F 55 26.97 0.80 5.68
C ALA F 55 28.31 1.02 6.40
N THR F 56 29.26 0.15 6.08
CA THR F 56 30.59 0.22 6.68
C THR F 56 31.25 1.55 6.37
N GLY F 57 31.84 2.17 7.40
CA GLY F 57 32.51 3.44 7.24
C GLY F 57 31.62 4.66 7.38
N VAL F 58 30.31 4.49 7.27
CA VAL F 58 29.39 5.62 7.43
C VAL F 58 29.36 6.04 8.90
N PRO F 59 29.47 7.33 9.20
CA PRO F 59 29.44 7.77 10.60
C PRO F 59 28.08 7.49 11.24
N ALA F 60 28.05 7.62 12.57
CA ALA F 60 26.87 7.28 13.34
C ALA F 60 25.83 8.38 13.36
N ARG F 61 26.18 9.62 12.99
CA ARG F 61 25.19 10.69 12.95
C ARG F 61 24.16 10.47 11.84
N PHE F 62 24.46 9.59 10.89
CA PHE F 62 23.50 9.17 9.89
C PHE F 62 22.67 8.03 10.47
N SER F 63 21.35 8.18 10.50
CA SER F 63 20.46 7.16 11.01
C SER F 63 19.18 7.13 10.19
N GLY F 64 18.90 5.99 9.56
CA GLY F 64 17.68 5.81 8.82
C GLY F 64 16.59 5.16 9.65
N SER F 65 15.34 5.51 9.35
CA SER F 65 14.20 5.00 10.09
C SER F 65 13.01 4.86 9.16
N ARG F 66 12.17 3.86 9.45
CA ARG F 66 10.98 3.58 8.66
C ARG F 66 9.74 3.65 9.53
N SER F 67 8.66 4.18 8.97
CA SER F 67 7.36 4.19 9.65
C SER F 67 6.32 3.94 8.56
N GLY F 68 5.97 2.67 8.36
CA GLY F 68 5.00 2.33 7.34
C GLY F 68 5.63 2.43 5.97
N THR F 69 5.06 3.27 5.12
CA THR F 69 5.59 3.56 3.80
C THR F 69 6.37 4.87 3.78
N ASP F 70 6.67 5.42 4.96
CA ASP F 70 7.38 6.69 5.10
C ASP F 70 8.76 6.43 5.65
N PHE F 71 9.79 6.85 4.91
CA PHE F 71 11.17 6.67 5.33
C PHE F 71 11.81 8.02 5.62
N THR F 72 12.65 8.06 6.65
CA THR F 72 13.32 9.27 7.08
C THR F 72 14.80 9.01 7.23
N LEU F 73 15.64 9.89 6.71
CA LEU F 73 17.07 9.88 6.98
C LEU F 73 17.41 11.11 7.81
N THR F 74 18.05 10.89 8.96
CA THR F 74 18.38 11.94 9.92
C THR F 74 19.90 12.06 10.05
N ILE F 75 20.39 13.28 9.88
CA ILE F 75 21.80 13.61 10.07
C ILE F 75 21.86 14.62 11.23
N THR F 76 22.53 14.25 12.31
CA THR F 76 22.34 14.97 13.57
C THR F 76 23.32 16.12 13.74
N SER F 77 24.62 15.84 13.72
CA SER F 77 25.65 16.85 13.94
C SER F 77 26.31 17.21 12.61
N LEU F 78 25.54 17.88 11.77
CA LEU F 78 25.94 18.21 10.41
C LEU F 78 27.36 18.78 10.35
N GLN F 79 28.25 18.05 9.70
CA GLN F 79 29.60 18.50 9.40
C GLN F 79 29.65 19.04 7.98
N PRO F 80 30.72 19.78 7.63
CA PRO F 80 30.75 20.40 6.29
C PRO F 80 30.75 19.40 5.13
N GLU F 81 31.22 18.17 5.35
CA GLU F 81 31.25 17.19 4.29
C GLU F 81 29.98 16.35 4.22
N ASP F 82 29.00 16.63 5.08
CA ASP F 82 27.70 15.97 5.01
C ASP F 82 26.74 16.66 4.07
N PHE F 83 27.09 17.82 3.54
CA PHE F 83 26.22 18.58 2.65
C PHE F 83 26.42 18.08 1.22
N ALA F 84 25.43 17.37 0.71
CA ALA F 84 25.45 16.81 -0.63
C ALA F 84 24.00 16.55 -1.02
N THR F 85 23.80 15.80 -2.11
CA THR F 85 22.46 15.38 -2.52
C THR F 85 22.24 13.94 -2.07
N TYR F 86 21.04 13.65 -1.58
CA TYR F 86 20.71 12.33 -1.05
C TYR F 86 19.54 11.73 -1.81
N TYR F 87 19.69 10.47 -2.21
CA TYR F 87 18.67 9.75 -2.95
C TYR F 87 18.26 8.51 -2.17
N CYS F 88 16.97 8.21 -2.15
CA CYS F 88 16.52 6.94 -1.64
C CYS F 88 16.22 6.00 -2.80
N GLN F 89 16.41 4.71 -2.57
CA GLN F 89 16.18 3.71 -3.60
C GLN F 89 15.46 2.53 -2.96
N GLN F 90 14.45 2.03 -3.65
CA GLN F 90 13.78 0.82 -3.20
C GLN F 90 14.27 -0.37 -4.01
N TYR F 91 14.31 -1.52 -3.37
CA TYR F 91 14.64 -2.79 -4.02
C TYR F 91 13.68 -3.87 -3.54
N TYR F 92 12.39 -3.51 -3.42
CA TYR F 92 11.33 -4.46 -3.15
C TYR F 92 10.67 -4.96 -4.42
N SER F 93 10.46 -4.05 -5.38
CA SER F 93 9.81 -4.41 -6.63
C SER F 93 10.63 -5.46 -7.40
N PHE F 94 9.93 -6.48 -7.88
CA PHE F 94 10.58 -7.53 -8.66
C PHE F 94 10.97 -7.02 -10.05
N LEU F 95 10.22 -6.07 -10.59
CA LEU F 95 10.35 -5.65 -11.98
C LEU F 95 11.42 -4.59 -12.17
N ALA F 96 11.59 -3.69 -11.21
CA ALA F 96 12.50 -2.57 -11.40
C ALA F 96 12.98 -2.06 -10.06
N LYS F 97 14.13 -1.39 -10.09
CA LYS F 97 14.64 -0.60 -8.99
C LYS F 97 14.30 0.86 -9.27
N THR F 98 13.61 1.51 -8.34
CA THR F 98 13.31 2.92 -8.52
C THR F 98 14.00 3.77 -7.46
N PHE F 99 14.38 4.97 -7.85
CA PHE F 99 15.03 5.96 -7.00
C PHE F 99 14.05 7.07 -6.66
N GLY F 100 14.48 7.93 -5.74
CA GLY F 100 13.76 9.14 -5.44
C GLY F 100 14.32 10.30 -6.25
N GLN F 101 13.57 11.40 -6.25
CA GLN F 101 13.99 12.57 -7.02
C GLN F 101 15.26 13.19 -6.44
N GLY F 102 15.52 12.99 -5.16
CA GLY F 102 16.70 13.53 -4.53
C GLY F 102 16.39 14.77 -3.71
N THR F 103 17.17 14.98 -2.65
CA THR F 103 17.11 16.17 -1.82
C THR F 103 18.51 16.72 -1.67
N GLN F 104 18.68 18.02 -1.91
CA GLN F 104 19.98 18.67 -1.90
C GLN F 104 20.18 19.37 -0.57
N LEU F 105 21.29 19.06 0.10
CA LEU F 105 21.70 19.75 1.32
C LEU F 105 22.59 20.94 0.94
N GLU F 106 22.17 22.14 1.35
CA GLU F 106 22.91 23.35 1.07
C GLU F 106 23.37 23.97 2.39
N ILE F 107 24.61 24.45 2.43
CA ILE F 107 25.15 25.06 3.63
C ILE F 107 24.59 26.47 3.76
N LYS F 108 23.95 26.74 4.90
CA LYS F 108 23.42 28.06 5.18
C LYS F 108 24.51 28.91 5.83
N ARG F 109 24.76 30.09 5.25
CA ARG F 109 25.76 30.99 5.79
C ARG F 109 25.19 32.41 5.73
N THR F 110 26.06 33.38 5.94
CA THR F 110 25.64 34.77 5.97
C THR F 110 25.45 35.31 4.57
N VAL F 111 24.54 36.28 4.43
CA VAL F 111 24.31 36.90 3.14
C VAL F 111 25.60 37.56 2.66
N ALA F 112 25.96 37.30 1.39
CA ALA F 112 27.19 37.81 0.80
C ALA F 112 26.88 38.41 -0.55
N ALA F 113 27.22 39.68 -0.73
CA ALA F 113 26.90 40.38 -1.96
C ALA F 113 27.79 39.91 -3.11
N PRO F 114 27.28 39.92 -4.34
CA PRO F 114 28.09 39.49 -5.48
C PRO F 114 29.03 40.58 -5.96
N SER F 115 30.26 40.20 -6.23
CA SER F 115 31.19 41.04 -6.99
C SER F 115 30.82 40.91 -8.45
N VAL F 116 30.30 41.98 -9.05
CA VAL F 116 29.86 41.95 -10.44
C VAL F 116 30.97 42.46 -11.32
N PHE F 117 31.25 41.72 -12.39
CA PHE F 117 32.20 42.12 -13.42
C PHE F 117 31.53 41.94 -14.78
N ILE F 118 32.08 42.64 -15.78
CA ILE F 118 31.56 42.57 -17.14
C ILE F 118 32.74 42.43 -18.08
N PHE F 119 32.59 41.61 -19.11
CA PHE F 119 33.65 41.38 -20.06
C PHE F 119 33.14 41.67 -21.46
N PRO F 120 33.84 42.48 -22.24
CA PRO F 120 33.40 42.73 -23.61
C PRO F 120 33.94 41.66 -24.54
N PRO F 121 33.29 41.45 -25.69
CA PRO F 121 33.81 40.46 -26.64
C PRO F 121 35.24 40.78 -27.04
N SER F 122 36.04 39.73 -27.20
CA SER F 122 37.42 39.87 -27.63
C SER F 122 37.48 40.15 -29.13
N ASP F 123 38.58 40.80 -29.54
CA ASP F 123 38.77 41.10 -30.95
C ASP F 123 38.82 39.83 -31.79
N GLU F 124 39.43 38.78 -31.24
CA GLU F 124 39.49 37.50 -31.96
C GLU F 124 38.10 36.91 -32.15
N GLN F 125 37.24 37.03 -31.13
CA GLN F 125 35.89 36.50 -31.24
C GLN F 125 35.03 37.30 -32.22
N LEU F 126 35.31 38.59 -32.36
CA LEU F 126 34.53 39.39 -33.29
C LEU F 126 34.84 39.03 -34.74
N LYS F 127 36.04 38.50 -34.99
CA LYS F 127 36.37 38.01 -36.32
C LYS F 127 35.46 36.85 -36.72
N SER F 128 35.11 35.99 -35.75
CA SER F 128 34.25 34.85 -36.05
C SER F 128 32.88 35.25 -36.56
N GLY F 129 32.40 36.44 -36.19
CA GLY F 129 31.10 36.92 -36.60
C GLY F 129 30.06 36.92 -35.50
N THR F 130 30.40 36.48 -34.30
CA THR F 130 29.48 36.45 -33.18
C THR F 130 30.16 37.05 -31.96
N ALA F 131 29.38 37.74 -31.14
CA ALA F 131 29.88 38.44 -29.96
C ALA F 131 29.22 37.88 -28.72
N SER F 132 30.04 37.50 -27.73
CA SER F 132 29.57 37.00 -26.44
C SER F 132 29.95 38.00 -25.36
N VAL F 133 28.93 38.54 -24.69
CA VAL F 133 29.11 39.43 -23.54
C VAL F 133 28.89 38.60 -22.27
N VAL F 134 29.89 38.61 -21.39
CA VAL F 134 29.88 37.79 -20.18
C VAL F 134 29.69 38.68 -18.97
N CYS F 135 28.77 38.29 -18.08
CA CYS F 135 28.57 38.94 -16.78
C CYS F 135 28.88 37.94 -15.68
N LEU F 136 29.75 38.34 -14.75
CA LEU F 136 30.27 37.44 -13.72
C LEU F 136 29.86 37.96 -12.34
N LEU F 137 29.21 37.10 -11.56
CA LEU F 137 28.87 37.37 -10.16
C LEU F 137 29.69 36.44 -9.29
N ASN F 138 30.57 37.01 -8.47
CA ASN F 138 31.56 36.21 -7.74
C ASN F 138 31.21 36.09 -6.27
N ASN F 139 31.31 34.86 -5.75
CA ASN F 139 31.28 34.54 -4.32
C ASN F 139 30.15 35.25 -3.58
N PHE F 140 28.92 34.87 -3.91
CA PHE F 140 27.74 35.43 -3.27
C PHE F 140 26.90 34.36 -2.59
N TYR F 141 26.01 34.81 -1.69
CA TYR F 141 25.04 33.97 -1.02
C TYR F 141 23.88 34.86 -0.60
N PRO F 142 22.62 34.39 -0.70
CA PRO F 142 22.15 33.08 -1.12
C PRO F 142 22.28 32.83 -2.62
N ARG F 143 21.87 31.64 -3.07
CA ARG F 143 22.03 31.29 -4.48
C ARG F 143 21.11 32.11 -5.37
N GLU F 144 19.96 32.53 -4.86
CA GLU F 144 18.97 33.20 -5.69
C GLU F 144 19.52 34.52 -6.18
N ALA F 145 19.65 34.66 -7.51
CA ALA F 145 20.11 35.89 -8.12
C ALA F 145 19.44 36.05 -9.48
N LYS F 146 19.17 37.29 -9.85
CA LYS F 146 18.57 37.62 -11.13
C LYS F 146 19.52 38.55 -11.88
N VAL F 147 19.68 38.29 -13.18
CA VAL F 147 20.60 39.05 -14.02
C VAL F 147 19.84 39.43 -15.28
N GLN F 148 19.64 40.73 -15.48
CA GLN F 148 18.97 41.25 -16.67
C GLN F 148 19.97 42.03 -17.52
N TRP F 149 19.84 41.88 -18.84
CA TRP F 149 20.69 42.57 -19.81
C TRP F 149 19.94 43.73 -20.43
N LYS F 150 20.55 44.92 -20.38
CA LYS F 150 20.00 46.12 -20.98
C LYS F 150 20.94 46.56 -22.10
N VAL F 151 20.50 46.37 -23.34
CA VAL F 151 21.28 46.78 -24.51
C VAL F 151 20.73 48.11 -25.01
N ASP F 152 21.56 49.15 -24.97
CA ASP F 152 21.13 50.52 -25.25
C ASP F 152 19.85 50.85 -24.51
N ASN F 153 19.85 50.56 -23.21
CA ASN F 153 18.70 50.82 -22.35
C ASN F 153 17.44 50.13 -22.86
N ALA F 154 17.61 48.92 -23.40
CA ALA F 154 16.50 48.10 -23.86
C ALA F 154 16.65 46.70 -23.29
N LEU F 155 15.60 46.20 -22.64
CA LEU F 155 15.62 44.89 -22.00
C LEU F 155 15.73 43.79 -23.06
N GLN F 156 16.78 42.98 -22.96
CA GLN F 156 17.00 41.88 -23.89
C GLN F 156 16.63 40.55 -23.24
N SER F 157 15.91 39.71 -23.98
CA SER F 157 15.42 38.44 -23.47
C SER F 157 15.38 37.43 -24.60
N GLY F 158 16.12 36.33 -24.44
CA GLY F 158 16.13 35.24 -25.40
C GLY F 158 17.49 34.94 -25.98
N ASN F 159 18.51 35.74 -25.66
CA ASN F 159 19.84 35.56 -26.22
C ASN F 159 20.91 35.44 -25.13
N SER F 160 20.52 34.97 -23.94
CA SER F 160 21.46 34.81 -22.85
C SER F 160 21.32 33.43 -22.22
N GLN F 161 22.39 32.99 -21.57
CA GLN F 161 22.41 31.73 -20.83
C GLN F 161 23.30 31.90 -19.61
N GLU F 162 22.77 31.56 -18.44
CA GLU F 162 23.56 31.66 -17.21
C GLU F 162 23.88 30.27 -16.67
N SER F 163 24.96 30.21 -15.91
CA SER F 163 25.43 28.97 -15.31
C SER F 163 26.00 29.29 -13.94
N VAL F 164 25.55 28.55 -12.92
CA VAL F 164 25.97 28.77 -11.54
C VAL F 164 26.87 27.63 -11.12
N THR F 165 27.86 27.94 -10.27
CA THR F 165 28.77 26.91 -9.80
C THR F 165 28.14 26.18 -8.61
N GLU F 166 28.86 25.17 -8.12
CA GLU F 166 28.48 24.51 -6.89
C GLU F 166 28.92 25.34 -5.69
N GLN F 167 28.27 25.10 -4.55
CA GLN F 167 28.63 25.81 -3.34
C GLN F 167 30.11 25.59 -3.04
N ASP F 168 30.85 26.69 -2.91
CA ASP F 168 32.28 26.60 -2.68
C ASP F 168 32.56 25.82 -1.39
N SER F 169 33.54 24.92 -1.47
CA SER F 169 33.89 24.12 -0.31
C SER F 169 34.66 24.91 0.74
N LYS F 170 35.14 26.12 0.40
CA LYS F 170 35.93 26.93 1.30
C LYS F 170 35.11 28.02 2.00
N ASP F 171 34.28 28.77 1.27
CA ASP F 171 33.49 29.83 1.88
C ASP F 171 31.98 29.69 1.63
N SER F 172 31.53 28.57 1.08
CA SER F 172 30.10 28.24 0.96
C SER F 172 29.32 29.27 0.12
N THR F 173 29.95 29.81 -0.90
CA THR F 173 29.33 30.82 -1.74
C THR F 173 29.14 30.28 -3.16
N TYR F 174 28.40 31.04 -3.96
CA TYR F 174 28.11 30.68 -5.33
C TYR F 174 28.74 31.70 -6.28
N SER F 175 28.98 31.25 -7.50
CA SER F 175 29.38 32.13 -8.58
C SER F 175 28.49 31.87 -9.78
N LEU F 176 28.24 32.91 -10.56
CA LEU F 176 27.29 32.86 -11.65
C LEU F 176 27.87 33.59 -12.84
N SER F 177 27.81 32.95 -14.02
CA SER F 177 28.23 33.57 -15.26
C SER F 177 27.04 33.56 -16.22
N ASN F 178 26.59 34.76 -16.60
CA ASN F 178 25.53 34.91 -17.59
C ASN F 178 26.15 35.49 -18.85
N THR F 179 25.94 34.82 -19.98
CA THR F 179 26.58 35.18 -21.24
C THR F 179 25.54 35.63 -22.26
N LEU F 180 25.76 36.81 -22.84
CA LEU F 180 24.90 37.36 -23.88
C LEU F 180 25.58 37.19 -25.23
N THR F 181 24.90 36.53 -26.16
CA THR F 181 25.45 36.20 -27.46
C THR F 181 24.60 36.83 -28.55
N LEU F 182 25.21 37.68 -29.37
CA LEU F 182 24.55 38.28 -30.53
C LEU F 182 25.51 38.25 -31.71
N SER F 183 24.97 38.54 -32.89
CA SER F 183 25.78 38.60 -34.10
C SER F 183 26.75 39.78 -34.02
N LYS F 184 27.92 39.63 -34.67
CA LYS F 184 28.87 40.72 -34.76
C LYS F 184 28.26 41.96 -35.39
N ALA F 185 27.43 41.76 -36.41
CA ALA F 185 26.62 42.85 -36.96
C ALA F 185 25.84 43.56 -35.87
N ASP F 186 25.03 42.80 -35.12
CA ASP F 186 24.20 43.38 -34.08
C ASP F 186 25.02 43.96 -32.93
N TYR F 187 26.21 43.41 -32.67
CA TYR F 187 27.02 43.90 -31.56
C TYR F 187 27.53 45.30 -31.87
N GLU F 188 28.05 45.52 -33.07
CA GLU F 188 28.58 46.82 -33.45
C GLU F 188 27.48 47.85 -33.61
N LYS F 189 26.22 47.41 -33.80
CA LYS F 189 25.12 48.33 -34.01
C LYS F 189 24.86 49.19 -32.77
N HIS F 190 25.09 48.65 -31.58
CA HIS F 190 24.79 49.33 -30.33
C HIS F 190 26.08 49.77 -29.63
N LYS F 191 25.92 50.37 -28.46
CA LYS F 191 27.04 50.95 -27.74
C LYS F 191 26.95 50.68 -26.24
N VAL F 192 25.77 50.83 -25.66
CA VAL F 192 25.56 50.69 -24.22
C VAL F 192 25.07 49.27 -23.95
N TYR F 193 25.93 48.46 -23.32
CA TYR F 193 25.60 47.10 -22.91
C TYR F 193 25.72 47.02 -21.39
N ALA F 194 24.60 46.79 -20.73
CA ALA F 194 24.56 46.81 -19.27
C ALA F 194 24.12 45.46 -18.71
N CYS F 195 24.66 45.12 -17.54
CA CYS F 195 24.31 43.94 -16.77
C CYS F 195 23.69 44.40 -15.47
N GLU F 196 22.41 44.06 -15.25
CA GLU F 196 21.66 44.49 -14.08
C GLU F 196 21.50 43.31 -13.12
N VAL F 197 22.14 43.41 -11.96
CA VAL F 197 22.20 42.32 -10.98
C VAL F 197 21.30 42.66 -9.80
N THR F 198 20.39 41.75 -9.46
CA THR F 198 19.52 41.88 -8.30
C THR F 198 19.80 40.71 -7.37
N HIS F 199 20.17 41.02 -6.13
CA HIS F 199 20.50 39.99 -5.16
C HIS F 199 20.07 40.49 -3.77
N GLN F 200 19.86 39.53 -2.87
CA GLN F 200 19.43 39.88 -1.51
C GLN F 200 20.48 40.74 -0.81
N GLY F 201 21.76 40.48 -1.08
CA GLY F 201 22.85 41.23 -0.46
C GLY F 201 23.04 42.62 -1.01
N LEU F 202 22.36 42.97 -2.10
CA LEU F 202 22.45 44.29 -2.70
C LEU F 202 21.26 45.13 -2.24
N SER F 203 21.54 46.25 -1.57
CA SER F 203 20.48 47.15 -1.14
C SER F 203 19.68 47.70 -2.31
N SER F 204 20.24 47.63 -3.51
CA SER F 204 19.59 48.05 -4.74
C SER F 204 20.28 47.35 -5.90
N PRO F 205 19.61 47.21 -7.04
CA PRO F 205 20.26 46.56 -8.18
C PRO F 205 21.52 47.31 -8.60
N VAL F 206 22.63 46.58 -8.69
CA VAL F 206 23.91 47.13 -9.11
C VAL F 206 24.10 46.81 -10.59
N THR F 207 24.53 47.81 -11.36
CA THR F 207 24.72 47.65 -12.80
C THR F 207 26.18 47.90 -13.17
N LYS F 208 26.71 47.05 -14.04
CA LYS F 208 28.03 47.26 -14.63
C LYS F 208 27.88 47.24 -16.14
N SER F 209 28.60 48.13 -16.81
CA SER F 209 28.42 48.31 -18.24
C SER F 209 29.71 48.80 -18.87
N PHE F 210 29.68 48.88 -20.21
CA PHE F 210 30.82 49.33 -20.99
C PHE F 210 30.29 49.90 -22.30
N ASN F 211 31.11 50.70 -22.96
CA ASN F 211 30.69 51.37 -24.19
C ASN F 211 31.41 50.82 -25.42
#